data_5CPZ
#
_entry.id   5CPZ
#
_cell.length_a   219.550
_cell.length_b   219.550
_cell.length_c   99.600
_cell.angle_alpha   90.000
_cell.angle_beta   90.000
_cell.angle_gamma   120.000
#
_symmetry.space_group_name_H-M   'P 31 2 1'
#
loop_
_entity.id
_entity.type
_entity.pdbx_description
1 polymer 'Capsid protein VP1'
2 branched 'N-acetyl-alpha-neuraminic acid-(2-8)-N-acetyl-alpha-neuraminic acid-(2-3)-beta-D-galactopyranose-(1-3)-2-acetamido-2-deoxy-beta-D-galactopyranose-(1-4)-beta-D-galactopyranose'
3 non-polymer 'SULFATE ION'
4 non-polymer GLYCEROL
5 water water
#
_entity_poly.entity_id   1
_entity_poly.type   'polypeptide(L)'
_entity_poly.pdbx_seq_one_letter_code
;GMEVLDLVTGPDSVTEIEAFLNPRMGQPPTPESLTEGGQYYGWSRGINLATSDTEDSPGNNTLPTWSMAKLQLPMLNEDL
TCDTLQMWEAVSVKTEVVGSGSLLDVHGFNKPTDTVNTKGISTPVEGSQYHVFAVGGEPLDLQGLVTDARTKYKEEGVVT
IKTITKKDMVNKDQVLNPISKAKLDKDGMYPVEIWHPDPAKNENTRYFGNYTGGTTTPPVLQFTNTLTTVLLDENGVGPL
CKGEGLYLSCVDIMGWRVTRNYDVHHWRGLPRYFKITLRKRWVK
;
_entity_poly.pdbx_strand_id   A,B,C,D,E
#
loop_
_chem_comp.id
_chem_comp.type
_chem_comp.name
_chem_comp.formula
GAL D-saccharide, beta linking beta-D-galactopyranose 'C6 H12 O6'
GOL non-polymer GLYCEROL 'C3 H8 O3'
NGA D-saccharide, beta linking 2-acetamido-2-deoxy-beta-D-galactopyranose 'C8 H15 N O6'
SIA D-saccharide, alpha linking 'N-acetyl-alpha-neuraminic acid' 'C11 H19 N O9'
SO4 non-polymer 'SULFATE ION' 'O4 S -2'
#
# COMPACT_ATOMS: atom_id res chain seq x y z
N GLY A 1 29.23 25.43 -22.53
CA GLY A 1 29.72 24.18 -23.19
C GLY A 1 28.74 23.02 -23.06
N MET A 2 28.73 22.17 -24.08
CA MET A 2 27.83 21.00 -24.11
C MET A 2 28.56 19.66 -23.99
N GLU A 3 29.88 19.69 -23.91
CA GLU A 3 30.68 18.50 -23.61
C GLU A 3 31.05 18.52 -22.12
N VAL A 4 30.72 17.45 -21.41
CA VAL A 4 30.90 17.37 -19.97
C VAL A 4 32.20 16.64 -19.61
N LEU A 5 33.07 17.33 -18.89
CA LEU A 5 34.40 16.80 -18.57
C LEU A 5 34.51 16.40 -17.09
N ASP A 6 35.69 16.61 -16.49
CA ASP A 6 35.97 16.21 -15.11
C ASP A 6 35.30 17.11 -14.07
N LEU A 7 35.20 16.58 -12.85
CA LEU A 7 34.81 17.39 -11.69
C LEU A 7 35.94 18.33 -11.31
N VAL A 8 35.59 19.57 -11.00
CA VAL A 8 36.54 20.56 -10.49
C VAL A 8 36.87 20.25 -9.02
N THR A 9 38.15 20.30 -8.67
CA THR A 9 38.55 20.15 -7.27
C THR A 9 39.16 21.43 -6.73
N GLY A 10 39.33 21.50 -5.41
CA GLY A 10 39.97 22.64 -4.77
C GLY A 10 39.02 23.47 -3.95
N PRO A 11 39.51 24.59 -3.37
CA PRO A 11 38.70 25.45 -2.50
C PRO A 11 37.42 25.90 -3.19
N ASP A 12 36.31 25.81 -2.45
CA ASP A 12 34.99 26.26 -2.89
C ASP A 12 34.46 25.56 -4.16
N SER A 13 34.89 24.34 -4.41
CA SER A 13 34.44 23.60 -5.59
C SER A 13 33.07 22.95 -5.38
N VAL A 14 32.62 22.92 -4.12
CA VAL A 14 31.33 22.36 -3.77
C VAL A 14 30.58 23.42 -2.96
N THR A 15 29.27 23.52 -3.17
CA THR A 15 28.45 24.43 -2.39
C THR A 15 27.12 23.76 -2.03
N GLU A 16 26.49 24.24 -0.97
CA GLU A 16 25.14 23.81 -0.60
C GLU A 16 24.27 25.02 -0.50
N ILE A 17 23.08 24.97 -1.10
CA ILE A 17 22.14 26.06 -0.93
C ILE A 17 20.79 25.54 -0.45
N GLU A 18 20.12 26.36 0.34
CA GLU A 18 18.82 25.99 0.86
CA GLU A 18 18.83 26.01 0.94
C GLU A 18 17.77 27.04 0.59
N ALA A 19 16.52 26.60 0.48
CA ALA A 19 15.42 27.48 0.24
C ALA A 19 14.12 26.83 0.64
N PHE A 20 13.15 27.66 1.00
CA PHE A 20 11.78 27.20 1.15
CA PHE A 20 11.76 27.26 1.21
C PHE A 20 10.89 27.90 0.14
N LEU A 21 9.96 27.14 -0.42
CA LEU A 21 8.98 27.70 -1.32
CA LEU A 21 8.97 27.68 -1.34
C LEU A 21 7.62 27.58 -0.67
N ASN A 22 7.00 28.73 -0.42
CA ASN A 22 5.66 28.75 0.15
C ASN A 22 4.63 28.37 -0.90
N PRO A 23 3.53 27.71 -0.48
CA PRO A 23 2.53 27.25 -1.44
C PRO A 23 1.79 28.42 -2.10
N ARG A 24 1.24 28.18 -3.29
CA ARG A 24 0.50 29.20 -4.01
C ARG A 24 -0.89 28.67 -4.36
N MET A 25 -1.75 28.62 -3.34
CA MET A 25 -3.07 27.96 -3.46
C MET A 25 -4.16 28.87 -4.02
N GLY A 26 -3.91 30.18 -4.05
CA GLY A 26 -4.87 31.12 -4.65
C GLY A 26 -4.91 32.48 -4.00
N GLN A 27 -4.95 32.52 -2.67
CA GLN A 27 -4.85 33.79 -1.94
C GLN A 27 -3.38 34.21 -1.91
N PRO A 28 -3.07 35.42 -2.41
CA PRO A 28 -1.67 35.90 -2.40
C PRO A 28 -1.18 36.17 -0.96
N PRO A 29 0.14 36.33 -0.77
CA PRO A 29 0.68 36.62 0.57
C PRO A 29 0.13 37.90 1.21
N THR A 30 -0.22 38.88 0.39
CA THR A 30 -0.82 40.12 0.87
C THR A 30 -2.25 40.27 0.31
N PRO A 31 -3.15 40.98 1.02
CA PRO A 31 -2.95 41.70 2.28
C PRO A 31 -2.61 40.78 3.46
N GLU A 32 -1.79 41.28 4.37
CA GLU A 32 -1.40 40.49 5.54
C GLU A 32 -2.51 40.42 6.59
N SER A 33 -3.40 41.41 6.57
CA SER A 33 -4.49 41.52 7.53
C SER A 33 -5.29 40.23 7.65
N LEU A 34 -5.50 39.80 8.89
CA LEU A 34 -6.24 38.57 9.16
C LEU A 34 -7.76 38.73 9.07
N THR A 35 -8.22 39.93 8.71
CA THR A 35 -9.65 40.15 8.44
C THR A 35 -9.90 40.49 6.96
N GLU A 36 -8.89 41.02 6.28
CA GLU A 36 -9.06 41.53 4.92
C GLU A 36 -8.65 40.54 3.82
N GLY A 37 -8.52 39.26 4.18
CA GLY A 37 -8.17 38.23 3.20
C GLY A 37 -6.92 37.43 3.55
N GLY A 38 -6.05 38.01 4.37
CA GLY A 38 -4.82 37.32 4.80
C GLY A 38 -5.05 36.04 5.56
N GLN A 39 -6.22 35.93 6.20
CA GLN A 39 -6.61 34.70 6.88
C GLN A 39 -6.68 33.49 5.93
N TYR A 40 -6.76 33.75 4.62
CA TYR A 40 -6.77 32.65 3.63
C TYR A 40 -5.39 32.29 3.06
N TYR A 41 -4.35 32.97 3.52
CA TYR A 41 -3.00 32.68 3.00
C TYR A 41 -2.55 31.27 3.40
N GLY A 42 -2.13 30.49 2.40
CA GLY A 42 -1.86 29.05 2.58
C GLY A 42 -3.02 28.22 2.04
N TRP A 43 -4.08 28.91 1.64
CA TRP A 43 -5.31 28.29 1.16
C TRP A 43 -5.77 28.95 -0.13
N SER A 44 -6.70 28.32 -0.84
CA SER A 44 -7.40 29.02 -1.90
C SER A 44 -8.56 29.80 -1.30
N ARG A 45 -9.15 30.68 -2.10
CA ARG A 45 -10.46 31.22 -1.77
C ARG A 45 -11.50 30.15 -2.15
N GLY A 46 -12.75 30.39 -1.78
CA GLY A 46 -13.81 29.38 -1.95
C GLY A 46 -14.01 28.99 -3.41
N ILE A 47 -13.98 27.69 -3.68
CA ILE A 47 -14.06 27.19 -5.05
C ILE A 47 -15.44 27.52 -5.63
N ASN A 48 -15.45 28.18 -6.79
CA ASN A 48 -16.71 28.54 -7.44
C ASN A 48 -16.97 27.60 -8.60
N LEU A 49 -18.22 27.18 -8.76
CA LEU A 49 -18.55 26.16 -9.75
C LEU A 49 -19.18 26.73 -11.00
N ALA A 50 -18.99 26.01 -12.11
CA ALA A 50 -19.66 26.30 -13.37
C ALA A 50 -21.16 26.44 -13.19
N THR A 51 -21.78 27.29 -14.00
CA THR A 51 -23.22 27.51 -13.94
C THR A 51 -23.96 26.74 -15.04
N SER A 52 -23.21 26.20 -15.99
CA SER A 52 -23.77 25.34 -17.03
C SER A 52 -22.64 24.56 -17.69
N ASP A 53 -23.00 23.65 -18.59
CA ASP A 53 -22.02 22.88 -19.36
C ASP A 53 -21.11 23.77 -20.22
N THR A 54 -21.54 25.02 -20.48
CA THR A 54 -20.78 25.92 -21.34
C THR A 54 -20.29 27.20 -20.63
N GLU A 55 -20.47 27.27 -19.31
CA GLU A 55 -20.10 28.44 -18.53
C GLU A 55 -19.31 28.07 -17.28
N ASP A 56 -18.00 27.87 -17.47
CA ASP A 56 -17.10 27.49 -16.40
C ASP A 56 -15.98 28.53 -16.34
N SER A 57 -16.08 29.45 -15.38
CA SER A 57 -15.05 30.49 -15.24
C SER A 57 -14.53 30.55 -13.81
N PRO A 58 -13.48 29.75 -13.51
CA PRO A 58 -12.96 29.73 -12.14
C PRO A 58 -12.24 31.03 -11.79
N GLY A 59 -12.43 31.50 -10.56
CA GLY A 59 -11.67 32.66 -10.06
C GLY A 59 -10.19 32.32 -9.97
N ASN A 60 -9.31 33.26 -10.32
CA ASN A 60 -7.87 32.97 -10.22
C ASN A 60 -7.47 32.57 -8.82
N ASN A 61 -8.09 33.20 -7.81
CA ASN A 61 -7.75 32.90 -6.42
C ASN A 61 -8.34 31.57 -5.93
N THR A 62 -8.97 30.82 -6.84
CA THR A 62 -9.45 29.46 -6.54
C THR A 62 -8.57 28.38 -7.18
N LEU A 63 -7.55 28.80 -7.95
CA LEU A 63 -6.71 27.87 -8.71
C LEU A 63 -5.30 27.80 -8.16
N PRO A 64 -4.92 26.64 -7.57
CA PRO A 64 -3.52 26.50 -7.14
C PRO A 64 -2.58 26.59 -8.34
N THR A 65 -1.45 27.27 -8.14
CA THR A 65 -0.47 27.46 -9.20
C THR A 65 0.88 26.90 -8.74
N TRP A 66 1.78 26.71 -9.70
CA TRP A 66 3.13 26.26 -9.37
C TRP A 66 3.89 27.27 -8.51
N SER A 67 4.60 26.78 -7.51
CA SER A 67 5.62 27.58 -6.84
C SER A 67 6.93 27.42 -7.59
N MET A 68 7.69 28.52 -7.71
CA MET A 68 9.04 28.44 -8.25
CA MET A 68 9.00 28.52 -8.36
C MET A 68 9.95 29.55 -7.73
N ALA A 69 11.25 29.25 -7.76
CA ALA A 69 12.29 30.19 -7.39
C ALA A 69 13.49 29.94 -8.29
N LYS A 70 14.14 31.03 -8.69
CA LYS A 70 15.44 30.95 -9.35
C LYS A 70 16.47 31.46 -8.36
N LEU A 71 17.43 30.62 -8.00
CA LEU A 71 18.47 31.01 -7.06
C LEU A 71 19.78 31.27 -7.79
N GLN A 72 20.43 32.36 -7.42
CA GLN A 72 21.72 32.71 -8.00
C GLN A 72 22.85 31.98 -7.31
N LEU A 73 23.73 31.38 -8.10
CA LEU A 73 24.87 30.63 -7.58
C LEU A 73 26.14 31.47 -7.65
N PRO A 74 27.20 31.08 -6.89
CA PRO A 74 28.45 31.83 -6.93
C PRO A 74 29.00 32.01 -8.36
N MET A 75 29.58 33.18 -8.63
CA MET A 75 30.12 33.52 -9.95
C MET A 75 31.20 32.51 -10.37
N LEU A 76 31.21 32.19 -11.67
N LEU A 76 31.26 32.20 -11.67
CA LEU A 76 32.20 31.26 -12.24
CA LEU A 76 32.26 31.27 -12.19
C LEU A 76 32.88 31.87 -13.46
C LEU A 76 33.19 31.90 -13.22
N ASN A 77 34.10 31.41 -13.71
N ASN A 77 32.85 31.71 -14.50
CA ASN A 77 34.83 31.82 -14.91
CA ASN A 77 33.66 32.20 -15.61
C ASN A 77 35.22 33.30 -14.87
C ASN A 77 33.74 33.72 -15.63
N CYS A 82 40.79 29.14 -20.51
CA CYS A 82 39.99 30.04 -21.34
C CYS A 82 39.01 29.29 -22.24
N ASP A 83 39.51 28.26 -22.92
CA ASP A 83 38.70 27.44 -23.83
C ASP A 83 37.72 26.52 -23.10
N THR A 84 38.20 25.89 -22.03
CA THR A 84 37.38 25.04 -21.17
C THR A 84 36.83 25.88 -20.02
N LEU A 85 35.51 25.77 -19.80
CA LEU A 85 34.82 26.56 -18.79
C LEU A 85 34.30 25.69 -17.65
N GLN A 86 33.64 26.33 -16.68
CA GLN A 86 33.04 25.63 -15.55
C GLN A 86 31.57 25.95 -15.43
N MET A 87 30.79 24.96 -14.96
CA MET A 87 29.38 25.14 -14.67
C MET A 87 29.06 24.50 -13.33
N TRP A 88 28.08 25.05 -12.64
CA TRP A 88 27.56 24.41 -11.43
C TRP A 88 26.67 23.23 -11.80
N GLU A 89 26.90 22.11 -11.13
CA GLU A 89 26.16 20.88 -11.36
C GLU A 89 25.41 20.50 -10.09
N ALA A 90 24.09 20.32 -10.20
CA ALA A 90 23.27 19.91 -9.05
C ALA A 90 23.38 18.40 -8.87
N VAL A 91 23.94 17.97 -7.74
CA VAL A 91 24.25 16.56 -7.50
C VAL A 91 23.09 15.85 -6.83
N SER A 92 22.51 16.51 -5.83
CA SER A 92 21.50 15.89 -4.98
C SER A 92 20.68 16.96 -4.27
N VAL A 93 19.53 16.55 -3.77
CA VAL A 93 18.67 17.44 -3.01
C VAL A 93 18.03 16.69 -1.86
N LYS A 94 17.97 17.35 -0.70
CA LYS A 94 17.12 16.89 0.39
C LYS A 94 15.92 17.81 0.39
N THR A 95 14.74 17.23 0.23
CA THR A 95 13.53 18.03 0.16
C THR A 95 12.48 17.47 1.11
N GLU A 96 11.70 18.37 1.71
CA GLU A 96 10.72 18.01 2.73
CA GLU A 96 10.72 18.02 2.72
C GLU A 96 9.52 18.94 2.65
N VAL A 97 8.33 18.36 2.81
CA VAL A 97 7.10 19.16 2.92
C VAL A 97 6.83 19.34 4.40
N VAL A 98 6.72 20.59 4.84
CA VAL A 98 6.68 20.92 6.27
C VAL A 98 5.26 21.31 6.69
N GLY A 99 4.85 20.83 7.87
CA GLY A 99 3.63 21.31 8.50
C GLY A 99 2.44 20.37 8.47
N SER A 100 2.62 19.10 8.10
CA SER A 100 1.48 18.17 8.11
C SER A 100 0.81 18.07 9.49
N GLY A 101 1.61 18.19 10.56
CA GLY A 101 1.07 18.22 11.92
C GLY A 101 -0.04 19.26 12.15
N SER A 102 0.00 20.36 11.41
CA SER A 102 -1.02 21.40 11.52
C SER A 102 -2.41 20.91 11.09
N LEU A 103 -2.46 19.84 10.31
CA LEU A 103 -3.75 19.27 9.89
C LEU A 103 -4.45 18.53 11.03
N LEU A 104 -3.75 18.36 12.15
CA LEU A 104 -4.32 17.78 13.37
C LEU A 104 -5.18 18.78 14.14
N ASP A 105 -5.28 20.00 13.64
CA ASP A 105 -6.23 20.97 14.19
C ASP A 105 -7.65 20.59 13.72
N VAL A 106 -8.37 19.91 14.59
CA VAL A 106 -9.77 19.54 14.33
C VAL A 106 -10.71 20.26 15.31
N HIS A 107 -10.26 21.43 15.79
CA HIS A 107 -11.03 22.21 16.77
C HIS A 107 -11.59 23.52 16.19
N GLY A 108 -11.42 23.71 14.88
CA GLY A 108 -11.91 24.92 14.20
C GLY A 108 -13.39 24.94 13.87
N PHE A 109 -13.75 25.77 12.90
CA PHE A 109 -15.15 26.02 12.54
C PHE A 109 -15.50 25.43 11.17
N ASN A 110 -14.80 24.38 10.76
CA ASN A 110 -15.15 23.67 9.52
C ASN A 110 -16.47 22.94 9.69
N LYS A 111 -17.03 22.45 8.57
CA LYS A 111 -18.17 21.54 8.62
C LYS A 111 -17.88 20.47 9.67
N PRO A 112 -18.78 20.32 10.65
CA PRO A 112 -18.51 19.35 11.73
C PRO A 112 -18.84 17.92 11.30
N THR A 113 -18.29 16.93 12.01
CA THR A 113 -18.51 15.52 11.66
C THR A 113 -19.91 15.04 12.03
N ASP A 114 -20.53 15.67 13.01
CA ASP A 114 -21.93 15.41 13.38
C ASP A 114 -22.79 16.61 12.95
N THR A 115 -23.43 16.48 11.80
CA THR A 115 -24.25 17.58 11.28
C THR A 115 -25.67 17.60 11.83
N VAL A 116 -26.05 16.54 12.55
CA VAL A 116 -27.35 16.47 13.23
C VAL A 116 -27.39 17.44 14.41
N ASN A 117 -26.34 17.40 15.23
CA ASN A 117 -26.26 18.27 16.40
C ASN A 117 -25.25 19.41 16.25
N THR A 118 -24.59 19.46 15.08
CA THR A 118 -23.49 20.41 14.84
C THR A 118 -22.43 20.20 15.94
N LYS A 119 -21.91 18.97 16.01
CA LYS A 119 -20.97 18.58 17.04
C LYS A 119 -19.90 17.65 16.46
N GLY A 120 -19.16 16.97 17.32
CA GLY A 120 -18.10 16.07 16.87
C GLY A 120 -16.81 16.84 16.78
N ILE A 121 -16.13 16.75 15.64
CA ILE A 121 -14.95 17.57 15.40
C ILE A 121 -15.08 18.39 14.14
N SER A 122 -14.21 19.39 14.01
CA SER A 122 -14.08 20.17 12.79
C SER A 122 -13.42 19.26 11.75
N THR A 123 -14.14 18.96 10.67
CA THR A 123 -13.63 18.00 9.68
C THR A 123 -12.24 18.42 9.19
N PRO A 124 -11.26 17.50 9.27
CA PRO A 124 -9.91 17.87 8.83
C PRO A 124 -9.81 17.93 7.31
N VAL A 125 -8.72 18.52 6.82
CA VAL A 125 -8.43 18.58 5.38
C VAL A 125 -8.42 17.16 4.80
N GLU A 126 -9.12 16.97 3.67
CA GLU A 126 -9.24 15.66 3.02
C GLU A 126 -9.36 15.84 1.53
N GLY A 127 -9.16 14.76 0.78
CA GLY A 127 -9.49 14.78 -0.64
C GLY A 127 -8.30 14.64 -1.56
N SER A 128 -8.35 15.36 -2.69
CA SER A 128 -7.34 15.21 -3.74
C SER A 128 -6.03 15.85 -3.32
N GLN A 129 -4.94 15.14 -3.61
CA GLN A 129 -3.60 15.53 -3.18
C GLN A 129 -2.66 15.48 -4.37
N TYR A 130 -1.70 16.39 -4.41
CA TYR A 130 -0.83 16.52 -5.56
C TYR A 130 0.50 17.06 -5.08
N HIS A 131 1.56 16.30 -5.33
CA HIS A 131 2.89 16.65 -4.84
C HIS A 131 3.88 16.50 -5.97
N VAL A 132 4.51 17.61 -6.37
CA VAL A 132 5.53 17.57 -7.39
C VAL A 132 6.67 18.47 -6.96
N PHE A 133 7.90 18.02 -7.18
CA PHE A 133 9.03 18.94 -7.06
C PHE A 133 9.98 18.72 -8.22
N ALA A 134 10.74 19.77 -8.54
CA ALA A 134 11.75 19.68 -9.59
C ALA A 134 12.94 20.53 -9.23
N VAL A 135 14.10 20.11 -9.70
CA VAL A 135 15.34 20.86 -9.57
C VAL A 135 16.01 20.82 -10.94
N GLY A 136 16.37 21.99 -11.46
CA GLY A 136 16.97 22.03 -12.78
C GLY A 136 17.86 23.24 -13.01
N GLY A 137 18.55 23.22 -14.15
CA GLY A 137 19.50 24.27 -14.52
C GLY A 137 18.88 25.31 -15.44
N GLU A 138 17.57 25.19 -15.65
CA GLU A 138 16.77 26.12 -16.45
C GLU A 138 15.31 25.94 -16.03
N PRO A 139 14.40 26.84 -16.48
CA PRO A 139 13.00 26.69 -16.04
C PRO A 139 12.42 25.32 -16.37
N LEU A 140 11.54 24.83 -15.52
CA LEU A 140 10.81 23.60 -15.78
C LEU A 140 9.99 23.75 -17.07
N ASP A 141 10.17 22.82 -18.01
CA ASP A 141 9.34 22.83 -19.24
C ASP A 141 7.97 22.26 -18.93
N LEU A 142 6.95 22.96 -19.41
CA LEU A 142 5.55 22.64 -19.12
C LEU A 142 4.80 22.23 -20.38
N GLN A 143 3.92 21.24 -20.21
CA GLN A 143 3.00 20.82 -21.26
C GLN A 143 1.59 21.06 -20.75
N GLY A 144 0.80 21.78 -21.54
CA GLY A 144 -0.60 22.06 -21.18
C GLY A 144 -1.50 20.88 -21.47
N LEU A 145 -2.45 20.64 -20.58
CA LEU A 145 -3.52 19.66 -20.80
C LEU A 145 -4.61 19.97 -19.78
N VAL A 146 -5.83 20.14 -20.27
CA VAL A 146 -6.95 20.54 -19.40
C VAL A 146 -8.07 19.51 -19.38
N THR A 147 -8.89 19.59 -18.33
CA THR A 147 -10.15 18.85 -18.28
C THR A 147 -11.08 19.28 -19.42
N ASP A 148 -11.20 20.59 -19.63
CA ASP A 148 -12.21 21.13 -20.53
C ASP A 148 -11.64 22.31 -21.30
N ALA A 149 -11.47 22.15 -22.60
CA ALA A 149 -10.95 23.21 -23.49
C ALA A 149 -11.92 24.39 -23.57
N ARG A 150 -13.13 24.22 -23.04
CA ARG A 150 -14.12 25.31 -23.03
C ARG A 150 -14.04 26.18 -21.77
N THR A 151 -13.23 25.76 -20.80
CA THR A 151 -13.11 26.52 -19.55
C THR A 151 -12.67 27.94 -19.84
N LYS A 152 -13.39 28.89 -19.27
CA LYS A 152 -13.13 30.31 -19.48
C LYS A 152 -12.18 30.82 -18.39
N TYR A 153 -10.91 30.46 -18.50
CA TYR A 153 -9.91 30.97 -17.57
C TYR A 153 -9.81 32.48 -17.73
N LYS A 154 -9.55 33.18 -16.64
CA LYS A 154 -9.38 34.64 -16.71
C LYS A 154 -8.21 34.98 -17.63
N GLU A 155 -8.33 36.11 -18.32
CA GLU A 155 -7.26 36.56 -19.23
C GLU A 155 -6.19 37.33 -18.45
N GLU A 156 -6.57 37.89 -17.31
CA GLU A 156 -5.65 38.65 -16.46
C GLU A 156 -5.13 37.80 -15.30
N GLY A 157 -3.89 38.08 -14.89
CA GLY A 157 -3.35 37.58 -13.62
C GLY A 157 -2.96 36.12 -13.53
N VAL A 158 -2.92 35.42 -14.67
CA VAL A 158 -2.66 33.99 -14.72
C VAL A 158 -2.13 33.65 -16.11
N VAL A 159 -1.27 32.64 -16.21
CA VAL A 159 -0.77 32.20 -17.52
C VAL A 159 -1.47 30.90 -17.89
N THR A 160 -2.24 30.93 -18.97
CA THR A 160 -2.95 29.73 -19.44
C THR A 160 -2.55 29.41 -20.88
N ILE A 161 -3.17 28.39 -21.47
CA ILE A 161 -2.80 27.99 -22.84
C ILE A 161 -3.00 29.16 -23.81
N LYS A 162 -4.13 29.84 -23.70
CA LYS A 162 -4.45 30.98 -24.57
C LYS A 162 -3.42 32.12 -24.43
N THR A 163 -2.89 32.31 -23.23
CA THR A 163 -1.81 33.29 -23.02
C THR A 163 -0.64 33.02 -23.98
N ILE A 164 -0.30 31.74 -24.14
CA ILE A 164 0.84 31.33 -24.95
C ILE A 164 0.52 31.34 -26.45
N THR A 165 -0.60 30.75 -26.82
CA THR A 165 -0.92 30.56 -28.23
C THR A 165 -1.55 31.78 -28.89
N LYS A 166 -2.09 32.68 -28.06
CA LYS A 166 -2.87 33.83 -28.50
C LYS A 166 -4.16 33.41 -29.23
N LYS A 167 -4.57 32.16 -29.02
CA LYS A 167 -5.80 31.62 -29.62
C LYS A 167 -6.54 30.83 -28.55
N ASP A 168 -7.86 30.69 -28.72
CA ASP A 168 -8.63 29.87 -27.80
C ASP A 168 -8.15 28.42 -27.81
N MET A 169 -8.33 27.73 -26.70
CA MET A 169 -8.06 26.29 -26.64
C MET A 169 -8.88 25.51 -27.66
N VAL A 170 -8.35 24.35 -28.04
CA VAL A 170 -8.98 23.49 -29.03
C VAL A 170 -9.20 22.13 -28.40
N ASN A 171 -9.96 21.25 -29.05
CA ASN A 171 -10.30 19.97 -28.41
C ASN A 171 -9.07 19.12 -28.08
N LYS A 172 -8.02 19.27 -28.89
CA LYS A 172 -6.76 18.55 -28.64
C LYS A 172 -6.08 18.93 -27.31
N ASP A 173 -6.45 20.09 -26.75
CA ASP A 173 -5.90 20.50 -25.44
C ASP A 173 -6.42 19.67 -24.27
N GLN A 174 -7.43 18.84 -24.53
CA GLN A 174 -7.93 17.89 -23.52
C GLN A 174 -7.13 16.59 -23.54
N VAL A 175 -6.28 16.45 -24.56
CA VAL A 175 -5.30 15.36 -24.63
C VAL A 175 -3.92 16.02 -24.79
N LEU A 176 -2.98 15.38 -25.48
CA LEU A 176 -1.66 15.97 -25.69
CA LEU A 176 -1.67 16.00 -25.68
C LEU A 176 -1.62 16.75 -27.01
N ASN A 177 -1.55 18.07 -26.90
CA ASN A 177 -1.38 18.96 -28.04
C ASN A 177 0.02 19.60 -27.90
N PRO A 178 0.98 19.20 -28.77
CA PRO A 178 2.37 19.67 -28.61
CA PRO A 178 2.36 19.67 -28.61
C PRO A 178 2.55 21.18 -28.80
N ILE A 179 1.56 21.86 -29.36
CA ILE A 179 1.60 23.32 -29.52
CA ILE A 179 1.69 23.31 -29.51
C ILE A 179 1.48 24.03 -28.17
N SER A 180 0.78 23.38 -27.23
CA SER A 180 0.47 23.99 -25.93
C SER A 180 1.55 23.74 -24.89
N LYS A 181 2.65 24.47 -25.03
CA LYS A 181 3.81 24.35 -24.15
CA LYS A 181 3.81 24.34 -24.16
C LYS A 181 4.19 25.70 -23.56
N ALA A 182 4.83 25.67 -22.40
CA ALA A 182 5.30 26.88 -21.74
C ALA A 182 6.50 26.55 -20.86
N LYS A 183 7.07 27.57 -20.22
CA LYS A 183 8.15 27.37 -19.26
C LYS A 183 7.72 27.96 -17.93
N LEU A 184 8.08 27.26 -16.84
CA LEU A 184 7.73 27.73 -15.51
C LEU A 184 8.69 28.84 -15.08
N ASP A 185 8.37 30.07 -15.48
CA ASP A 185 9.28 31.20 -15.28
C ASP A 185 8.78 32.24 -14.29
N LYS A 186 7.63 31.99 -13.67
CA LYS A 186 7.02 32.91 -12.72
C LYS A 186 6.37 32.11 -11.61
N ASP A 187 6.57 32.56 -10.37
CA ASP A 187 5.90 31.98 -9.21
C ASP A 187 4.43 32.39 -9.13
N GLY A 188 3.56 31.45 -8.75
CA GLY A 188 2.15 31.75 -8.50
C GLY A 188 1.32 32.19 -9.70
N MET A 189 1.67 31.70 -10.89
CA MET A 189 1.06 32.17 -12.13
C MET A 189 0.56 31.07 -13.07
N TYR A 190 1.14 29.87 -12.96
CA TYR A 190 0.82 28.76 -13.86
C TYR A 190 -0.06 27.73 -13.14
N PRO A 191 -1.36 27.66 -13.48
CA PRO A 191 -2.23 26.71 -12.75
C PRO A 191 -1.82 25.26 -12.93
N VAL A 192 -1.85 24.50 -11.83
CA VAL A 192 -1.45 23.10 -11.88
C VAL A 192 -2.49 22.21 -12.55
N GLU A 193 -3.72 22.70 -12.70
CA GLU A 193 -4.73 21.95 -13.43
C GLU A 193 -4.60 22.13 -14.94
N ILE A 194 -3.68 23.01 -15.34
CA ILE A 194 -3.40 23.25 -16.77
C ILE A 194 -2.00 22.76 -17.17
N TRP A 195 -1.00 23.05 -16.35
CA TRP A 195 0.40 22.91 -16.76
C TRP A 195 1.11 21.76 -16.04
N HIS A 196 1.64 20.84 -16.84
CA HIS A 196 2.26 19.60 -16.34
C HIS A 196 3.71 19.55 -16.77
N PRO A 197 4.56 18.84 -15.99
CA PRO A 197 5.94 18.71 -16.48
C PRO A 197 5.94 18.05 -17.87
N ASP A 198 6.76 18.59 -18.78
CA ASP A 198 6.79 18.10 -20.15
C ASP A 198 7.86 17.00 -20.27
N PRO A 199 7.44 15.73 -20.45
CA PRO A 199 8.41 14.64 -20.53
C PRO A 199 9.22 14.65 -21.83
N ALA A 200 8.75 15.40 -22.83
CA ALA A 200 9.46 15.51 -24.11
C ALA A 200 10.61 16.50 -24.07
N LYS A 201 10.68 17.29 -23.00
CA LYS A 201 11.80 18.20 -22.82
C LYS A 201 12.47 17.93 -21.46
N ASN A 202 12.77 18.98 -20.71
CA ASN A 202 13.35 18.80 -19.36
C ASN A 202 14.60 17.92 -19.30
N GLU A 203 15.47 18.05 -20.30
CA GLU A 203 16.70 17.27 -20.32
C GLU A 203 17.65 17.73 -19.20
N ASN A 204 17.43 18.94 -18.70
CA ASN A 204 18.34 19.54 -17.72
C ASN A 204 17.64 19.81 -16.38
N THR A 205 16.57 19.06 -16.14
CA THR A 205 15.79 19.16 -14.92
C THR A 205 15.36 17.75 -14.51
N ARG A 206 15.32 17.48 -13.21
CA ARG A 206 14.68 16.25 -12.70
C ARG A 206 13.40 16.62 -11.98
N TYR A 207 12.30 15.94 -12.31
CA TYR A 207 11.05 16.18 -11.61
C TYR A 207 10.44 14.88 -11.12
N PHE A 208 9.64 14.99 -10.05
CA PHE A 208 9.09 13.82 -9.36
C PHE A 208 7.72 14.21 -8.88
N GLY A 209 6.70 13.46 -9.30
CA GLY A 209 5.33 13.85 -8.98
C GLY A 209 4.43 12.67 -8.63
N ASN A 210 3.40 12.97 -7.85
CA ASN A 210 2.33 12.01 -7.63
C ASN A 210 0.99 12.67 -7.39
N TYR A 211 -0.07 11.94 -7.72
CA TYR A 211 -1.43 12.43 -7.62
C TYR A 211 -2.26 11.34 -6.96
N THR A 212 -3.10 11.75 -6.00
CA THR A 212 -4.13 10.90 -5.41
C THR A 212 -5.44 11.67 -5.43
N GLY A 213 -6.49 11.07 -5.98
CA GLY A 213 -7.75 11.78 -6.18
C GLY A 213 -8.77 11.61 -5.07
N GLY A 214 -10.05 11.78 -5.44
CA GLY A 214 -11.16 11.61 -4.51
C GLY A 214 -11.59 12.88 -3.80
N THR A 215 -12.60 12.74 -2.94
CA THR A 215 -13.18 13.90 -2.24
C THR A 215 -12.93 13.86 -0.73
N THR A 216 -12.98 12.68 -0.13
CA THR A 216 -12.78 12.57 1.32
C THR A 216 -11.54 11.75 1.69
N THR A 217 -10.70 11.50 0.68
CA THR A 217 -9.49 10.70 0.82
C THR A 217 -8.60 11.21 1.96
N PRO A 218 -8.16 10.31 2.88
CA PRO A 218 -7.23 10.75 3.92
CA PRO A 218 -7.23 10.75 3.92
C PRO A 218 -5.91 11.24 3.32
N PRO A 219 -5.45 12.43 3.73
CA PRO A 219 -4.13 12.85 3.26
C PRO A 219 -3.03 12.04 3.93
N VAL A 220 -1.96 11.77 3.18
CA VAL A 220 -0.81 11.01 3.67
CA VAL A 220 -0.81 11.02 3.68
CA VAL A 220 -0.82 11.04 3.69
C VAL A 220 0.47 11.78 3.36
N LEU A 221 1.39 11.83 4.32
CA LEU A 221 2.66 12.51 4.11
C LEU A 221 3.72 11.92 4.99
N GLN A 222 4.93 11.80 4.46
CA GLN A 222 6.09 11.41 5.25
CA GLN A 222 6.09 11.40 5.24
C GLN A 222 7.09 12.55 5.22
N PHE A 223 7.88 12.65 6.28
CA PHE A 223 8.90 13.70 6.37
C PHE A 223 10.06 13.22 7.23
N THR A 224 11.28 13.48 6.75
CA THR A 224 12.49 13.10 7.46
C THR A 224 13.63 13.95 6.93
N ASN A 225 14.64 14.18 7.76
CA ASN A 225 15.84 14.88 7.32
C ASN A 225 16.97 13.93 6.89
N THR A 226 16.61 12.66 6.68
CA THR A 226 17.61 11.62 6.40
C THR A 226 17.57 11.07 4.96
N LEU A 227 16.70 11.65 4.13
CA LEU A 227 16.50 11.17 2.77
CA LEU A 227 16.49 11.18 2.76
C LEU A 227 17.09 12.12 1.72
N THR A 228 17.98 11.58 0.90
CA THR A 228 18.62 12.34 -0.17
C THR A 228 18.15 11.83 -1.52
N THR A 229 17.73 12.76 -2.37
CA THR A 229 17.35 12.46 -3.75
C THR A 229 18.54 12.76 -4.67
N VAL A 230 19.08 11.73 -5.33
CA VAL A 230 20.20 11.90 -6.26
C VAL A 230 19.66 12.49 -7.56
N LEU A 231 20.37 13.47 -8.12
CA LEU A 231 19.90 14.17 -9.33
C LEU A 231 20.74 13.83 -10.56
N LEU A 232 21.76 13.00 -10.37
CA LEU A 232 22.63 12.56 -11.46
C LEU A 232 21.83 11.68 -12.42
N ASP A 233 22.13 11.82 -13.71
CA ASP A 233 21.48 10.98 -14.72
C ASP A 233 22.20 9.64 -14.88
N GLU A 234 21.76 8.84 -15.86
CA GLU A 234 22.39 7.55 -16.15
C GLU A 234 23.90 7.64 -16.39
N ASN A 235 24.37 8.78 -16.88
CA ASN A 235 25.79 9.01 -17.15
C ASN A 235 26.55 9.66 -15.98
N GLY A 236 25.85 9.87 -14.87
CA GLY A 236 26.46 10.47 -13.67
C GLY A 236 26.54 11.98 -13.73
N VAL A 237 25.68 12.59 -14.54
CA VAL A 237 25.67 14.05 -14.71
C VAL A 237 24.38 14.65 -14.18
N GLY A 238 24.51 15.61 -13.25
CA GLY A 238 23.36 16.30 -12.71
C GLY A 238 22.94 17.49 -13.59
N PRO A 239 21.82 18.15 -13.26
CA PRO A 239 21.44 19.36 -13.97
C PRO A 239 22.59 20.38 -13.97
N LEU A 240 22.86 20.98 -15.13
CA LEU A 240 23.92 21.99 -15.26
C LEU A 240 23.30 23.38 -15.33
N CYS A 241 23.77 24.26 -14.46
CA CYS A 241 23.08 25.54 -14.24
C CYS A 241 23.51 26.62 -15.22
N LYS A 242 22.63 26.90 -16.18
CA LYS A 242 22.90 27.89 -17.22
C LYS A 242 22.94 29.29 -16.61
N GLY A 243 24.01 30.01 -16.88
CA GLY A 243 24.20 31.36 -16.31
C GLY A 243 24.14 31.36 -14.80
N GLU A 244 24.56 30.26 -14.19
CA GLU A 244 24.64 30.10 -12.73
C GLU A 244 23.29 30.26 -12.01
N GLY A 245 22.20 29.93 -12.72
CA GLY A 245 20.87 29.97 -12.15
C GLY A 245 20.37 28.56 -11.84
N LEU A 246 19.87 28.38 -10.62
CA LEU A 246 19.27 27.11 -10.18
C LEU A 246 17.77 27.28 -10.03
N TYR A 247 17.01 26.40 -10.67
CA TYR A 247 15.54 26.48 -10.65
C TYR A 247 14.92 25.43 -9.75
N LEU A 248 14.10 25.90 -8.82
CA LEU A 248 13.33 25.03 -7.93
C LEU A 248 11.85 25.22 -8.23
N SER A 249 11.12 24.12 -8.37
CA SER A 249 9.69 24.18 -8.70
C SER A 249 8.95 23.18 -7.84
N CYS A 250 7.75 23.54 -7.40
CA CYS A 250 6.96 22.56 -6.64
C CYS A 250 5.49 22.94 -6.50
N VAL A 251 4.71 21.96 -6.08
CA VAL A 251 3.33 22.18 -5.63
C VAL A 251 3.03 21.05 -4.65
N ASP A 252 2.38 21.39 -3.53
CA ASP A 252 2.06 20.41 -2.50
C ASP A 252 0.66 20.65 -1.94
N ILE A 253 -0.31 20.09 -2.63
CA ILE A 253 -1.73 20.20 -2.27
C ILE A 253 -2.09 19.02 -1.36
N MET A 254 -2.69 19.35 -0.21
CA MET A 254 -3.04 18.35 0.80
C MET A 254 -4.51 17.92 0.77
N GLY A 255 -5.34 18.69 0.06
CA GLY A 255 -6.78 18.43 0.01
C GLY A 255 -7.56 19.72 0.19
N TRP A 256 -8.79 19.62 0.66
CA TRP A 256 -9.61 20.80 0.95
C TRP A 256 -10.11 20.80 2.37
N ARG A 257 -10.33 21.99 2.93
CA ARG A 257 -11.24 22.11 4.07
CA ARG A 257 -11.23 22.13 4.08
C ARG A 257 -12.60 22.52 3.53
N VAL A 258 -13.65 22.19 4.28
CA VAL A 258 -15.04 22.45 3.89
C VAL A 258 -15.68 23.30 4.97
N THR A 259 -16.32 24.40 4.57
CA THR A 259 -16.93 25.30 5.54
C THR A 259 -18.34 24.84 5.94
N ARG A 260 -18.92 25.53 6.91
CA ARG A 260 -20.28 25.25 7.36
C ARG A 260 -21.33 25.95 6.49
N ASN A 261 -20.88 26.66 5.47
CA ASN A 261 -21.80 27.42 4.62
C ASN A 261 -21.82 26.83 3.21
N TYR A 262 -22.86 26.07 2.91
CA TYR A 262 -23.02 25.45 1.59
C TYR A 262 -21.79 24.67 1.12
N ASP A 263 -21.11 24.01 2.05
CA ASP A 263 -20.00 23.11 1.72
C ASP A 263 -18.91 23.78 0.86
N VAL A 264 -18.64 25.05 1.08
CA VAL A 264 -17.59 25.73 0.33
C VAL A 264 -16.22 25.06 0.61
N HIS A 265 -15.51 24.68 -0.45
CA HIS A 265 -14.19 24.07 -0.32
C HIS A 265 -13.08 25.09 -0.51
N HIS A 266 -12.03 24.96 0.31
CA HIS A 266 -10.79 25.72 0.17
C HIS A 266 -9.62 24.76 0.06
N TRP A 267 -8.83 24.87 -1.01
CA TRP A 267 -7.60 24.09 -1.15
C TRP A 267 -6.62 24.41 -0.02
N ARG A 268 -5.89 23.40 0.47
CA ARG A 268 -4.80 23.62 1.42
C ARG A 268 -3.48 23.16 0.81
N GLY A 269 -2.47 24.02 0.88
CA GLY A 269 -1.12 23.69 0.46
C GLY A 269 -0.14 23.86 1.60
N LEU A 270 1.01 23.20 1.47
CA LEU A 270 2.06 23.31 2.48
C LEU A 270 3.39 23.69 1.83
N PRO A 271 4.27 24.36 2.60
CA PRO A 271 5.57 24.76 2.03
C PRO A 271 6.54 23.59 1.90
N ARG A 272 7.48 23.73 0.98
CA ARG A 272 8.49 22.71 0.72
C ARG A 272 9.88 23.29 0.89
N TYR A 273 10.71 22.55 1.65
CA TYR A 273 12.10 22.88 1.87
C TYR A 273 12.98 22.16 0.85
N PHE A 274 14.04 22.83 0.40
CA PHE A 274 15.04 22.24 -0.49
C PHE A 274 16.43 22.52 0.07
N LYS A 275 17.29 21.49 0.13
CA LYS A 275 18.71 21.68 0.37
CA LYS A 275 18.71 21.68 0.37
C LYS A 275 19.47 21.01 -0.77
N ILE A 276 20.07 21.82 -1.63
CA ILE A 276 20.70 21.32 -2.86
C ILE A 276 22.22 21.33 -2.71
N THR A 277 22.85 20.20 -3.03
CA THR A 277 24.31 20.11 -3.07
C THR A 277 24.75 20.25 -4.52
N LEU A 278 25.67 21.18 -4.77
CA LEU A 278 26.20 21.40 -6.11
C LEU A 278 27.72 21.34 -6.13
N ARG A 279 28.27 20.96 -7.28
CA ARG A 279 29.71 20.91 -7.46
C ARG A 279 30.05 21.55 -8.80
N LYS A 280 31.26 22.08 -8.92
CA LYS A 280 31.70 22.65 -10.18
C LYS A 280 32.13 21.54 -11.13
N ARG A 281 31.76 21.69 -12.41
CA ARG A 281 32.06 20.71 -13.43
C ARG A 281 32.73 21.43 -14.60
N TRP A 282 33.84 20.86 -15.07
CA TRP A 282 34.50 21.36 -16.27
C TRP A 282 33.66 21.02 -17.50
N VAL A 283 33.46 22.00 -18.38
CA VAL A 283 32.70 21.81 -19.61
C VAL A 283 33.43 22.41 -20.80
N LYS A 284 33.16 21.87 -21.99
CA LYS A 284 33.80 22.33 -23.22
C LYS A 284 32.75 22.55 -24.31
N GLY B 1 33.94 20.35 19.37
CA GLY B 1 33.76 19.14 18.53
C GLY B 1 33.44 19.46 17.08
N MET B 2 34.21 20.38 16.50
CA MET B 2 34.03 20.79 15.10
C MET B 2 34.56 19.73 14.13
N GLU B 3 35.81 19.32 14.32
CA GLU B 3 36.43 18.30 13.48
C GLU B 3 36.25 16.92 14.11
N VAL B 4 35.73 15.98 13.32
CA VAL B 4 35.43 14.64 13.80
C VAL B 4 36.56 13.68 13.41
N LEU B 5 37.12 13.00 14.41
CA LEU B 5 38.30 12.15 14.19
C LEU B 5 37.97 10.65 14.29
N ASP B 6 38.91 9.86 14.79
CA ASP B 6 38.74 8.41 14.90
C ASP B 6 37.74 8.01 16.00
N LEU B 7 37.25 6.78 15.90
CA LEU B 7 36.47 6.17 16.98
C LEU B 7 37.40 5.81 18.14
N VAL B 8 36.90 6.02 19.36
CA VAL B 8 37.63 5.66 20.57
C VAL B 8 37.50 4.16 20.83
N THR B 9 38.62 3.51 21.14
CA THR B 9 38.60 2.09 21.52
C THR B 9 38.99 1.88 22.98
N GLY B 10 38.72 0.69 23.49
CA GLY B 10 39.05 0.34 24.86
C GLY B 10 37.83 0.09 25.72
N PRO B 11 38.04 -0.20 27.02
CA PRO B 11 36.94 -0.52 27.93
C PRO B 11 35.95 0.63 28.04
N ASP B 12 34.66 0.31 27.99
CA ASP B 12 33.57 1.27 28.16
C ASP B 12 33.51 2.34 27.06
N SER B 13 34.01 2.01 25.86
CA SER B 13 33.98 2.95 24.73
C SER B 13 32.62 2.94 24.01
N VAL B 14 31.83 1.90 24.28
CA VAL B 14 30.48 1.77 23.75
CA VAL B 14 30.48 1.78 23.76
CA VAL B 14 30.48 1.76 23.74
C VAL B 14 29.48 1.66 24.90
N THR B 15 28.33 2.31 24.75
CA THR B 15 27.28 2.23 25.76
C THR B 15 25.91 2.09 25.09
N GLU B 16 24.95 1.60 25.86
CA GLU B 16 23.60 1.40 25.39
C GLU B 16 22.67 1.95 26.44
N ILE B 17 21.72 2.80 26.04
CA ILE B 17 20.75 3.32 26.99
C ILE B 17 19.33 3.19 26.47
N GLU B 18 18.41 2.93 27.39
CA GLU B 18 17.02 2.77 27.03
C GLU B 18 16.11 3.68 27.83
N ALA B 19 14.99 4.04 27.22
CA ALA B 19 13.99 4.88 27.86
C ALA B 19 12.65 4.69 27.18
N PHE B 20 11.59 4.97 27.94
CA PHE B 20 10.27 5.09 27.35
CA PHE B 20 10.23 5.06 27.43
C PHE B 20 9.75 6.50 27.57
N LEU B 21 9.04 7.00 26.57
CA LEU B 21 8.42 8.31 26.67
C LEU B 21 6.93 8.09 26.59
N ASN B 22 6.22 8.43 27.67
CA ASN B 22 4.77 8.32 27.68
C ASN B 22 4.15 9.45 26.86
N PRO B 23 2.99 9.18 26.22
CA PRO B 23 2.36 10.16 25.36
C PRO B 23 1.85 11.36 26.16
N ARG B 24 1.70 12.51 25.48
CA ARG B 24 1.23 13.74 26.11
C ARG B 24 0.04 14.28 25.31
N MET B 25 -1.10 13.63 25.48
CA MET B 25 -2.28 13.88 24.66
C MET B 25 -3.15 15.02 25.18
N GLY B 26 -2.97 15.40 26.44
CA GLY B 26 -3.70 16.54 26.99
C GLY B 26 -3.94 16.44 28.49
N GLN B 27 -4.41 15.28 28.93
CA GLN B 27 -4.58 15.06 30.38
C GLN B 27 -3.21 14.74 30.98
N PRO B 28 -2.80 15.51 32.01
CA PRO B 28 -1.52 15.25 32.68
C PRO B 28 -1.52 13.92 33.45
N PRO B 29 -0.33 13.41 33.84
CA PRO B 29 -0.26 12.18 34.64
C PRO B 29 -1.03 12.23 35.96
N THR B 30 -1.11 13.41 36.56
CA THR B 30 -1.87 13.61 37.81
C THR B 30 -3.06 14.56 37.55
N PRO B 31 -4.14 14.44 38.35
CA PRO B 31 -4.37 13.50 39.44
C PRO B 31 -4.42 12.05 38.98
N GLU B 32 -3.96 11.15 39.85
CA GLU B 32 -3.96 9.72 39.55
C GLU B 32 -5.35 9.10 39.68
N SER B 33 -6.21 9.74 40.48
CA SER B 33 -7.57 9.24 40.71
C SER B 33 -8.34 8.94 39.43
N LEU B 34 -8.95 7.76 39.38
CA LEU B 34 -9.69 7.31 38.21
C LEU B 34 -11.11 7.90 38.12
N THR B 35 -11.46 8.74 39.08
CA THR B 35 -12.71 9.51 39.02
C THR B 35 -12.46 11.00 38.85
N GLU B 36 -11.28 11.48 39.26
CA GLU B 36 -10.97 12.90 39.25
C GLU B 36 -10.23 13.40 38.01
N GLY B 37 -10.16 12.57 36.97
CA GLY B 37 -9.51 12.98 35.72
C GLY B 37 -8.43 12.05 35.24
N GLY B 38 -7.86 11.26 36.17
CA GLY B 38 -6.84 10.28 35.83
C GLY B 38 -7.27 9.24 34.82
N GLN B 39 -8.59 9.01 34.73
CA GLN B 39 -9.15 8.07 33.76
C GLN B 39 -8.90 8.50 32.31
N TYR B 40 -8.52 9.76 32.11
CA TYR B 40 -8.21 10.29 30.78
C TYR B 40 -6.71 10.28 30.47
N TYR B 41 -5.89 9.79 31.40
CA TYR B 41 -4.44 9.74 31.14
C TYR B 41 -4.12 8.76 30.00
N GLY B 42 -3.37 9.26 29.01
CA GLY B 42 -3.16 8.55 27.74
C GLY B 42 -4.06 9.08 26.64
N TRP B 43 -4.98 9.97 27.03
CA TRP B 43 -5.96 10.55 26.12
C TRP B 43 -5.97 12.07 26.28
N SER B 44 -6.59 12.77 25.34
CA SER B 44 -6.91 14.17 25.55
C SER B 44 -8.24 14.24 26.30
N ARG B 45 -8.56 15.42 26.80
CA ARG B 45 -9.92 15.71 27.24
C ARG B 45 -10.75 16.00 25.98
N GLY B 46 -12.06 16.10 26.16
CA GLY B 46 -12.98 16.26 25.02
C GLY B 46 -12.65 17.48 24.16
N ILE B 47 -12.45 17.23 22.86
CA ILE B 47 -12.12 18.31 21.93
C ILE B 47 -13.24 19.33 21.85
N ASN B 48 -12.92 20.59 22.13
CA ASN B 48 -13.91 21.66 22.10
C ASN B 48 -13.75 22.49 20.83
N LEU B 49 -14.87 22.83 20.21
CA LEU B 49 -14.84 23.46 18.88
C LEU B 49 -15.01 24.97 18.92
N ALA B 50 -14.43 25.63 17.92
CA ALA B 50 -14.64 27.05 17.68
C ALA B 50 -16.13 27.40 17.67
N THR B 51 -16.48 28.60 18.14
CA THR B 51 -17.87 29.04 18.17
C THR B 51 -18.21 29.95 16.98
N SER B 52 -17.18 30.39 16.26
CA SER B 52 -17.36 31.19 15.04
C SER B 52 -16.05 31.17 14.25
N ASP B 53 -16.09 31.74 13.05
CA ASP B 53 -14.90 31.89 12.21
C ASP B 53 -13.78 32.70 12.90
N THR B 54 -14.14 33.49 13.90
CA THR B 54 -13.18 34.36 14.58
C THR B 54 -13.00 34.03 16.07
N GLU B 55 -13.58 32.92 16.52
CA GLU B 55 -13.51 32.54 17.93
C GLU B 55 -13.15 31.08 18.11
N ASP B 56 -11.86 30.79 18.00
CA ASP B 56 -11.32 29.44 18.13
C ASP B 56 -10.37 29.40 19.33
N SER B 57 -10.86 28.88 20.45
CA SER B 57 -10.11 28.84 21.71
C SER B 57 -10.01 27.41 22.27
N PRO B 58 -9.06 26.61 21.75
CA PRO B 58 -8.93 25.22 22.22
C PRO B 58 -8.39 25.15 23.65
N GLY B 59 -8.93 24.22 24.43
CA GLY B 59 -8.40 23.98 25.78
C GLY B 59 -7.03 23.35 25.71
N ASN B 60 -6.12 23.75 26.61
CA ASN B 60 -4.79 23.15 26.66
C ASN B 60 -4.83 21.63 26.72
N ASN B 61 -5.75 21.09 27.53
CA ASN B 61 -5.86 19.64 27.70
C ASN B 61 -6.53 18.92 26.51
N THR B 62 -6.81 19.66 25.43
CA THR B 62 -7.34 19.06 24.19
C THR B 62 -6.29 18.99 23.09
N LEU B 63 -5.09 19.51 23.37
CA LEU B 63 -4.03 19.63 22.37
C LEU B 63 -2.87 18.68 22.68
N PRO B 64 -2.68 17.65 21.85
CA PRO B 64 -1.51 16.79 22.01
C PRO B 64 -0.22 17.59 21.85
N THR B 65 0.77 17.29 22.69
CA THR B 65 2.05 17.99 22.67
C THR B 65 3.18 16.97 22.46
N TRP B 66 4.34 17.47 22.07
CA TRP B 66 5.53 16.64 21.94
C TRP B 66 5.97 16.03 23.28
N SER B 67 6.32 14.75 23.25
CA SER B 67 7.05 14.14 24.35
C SER B 67 8.53 14.36 24.13
N MET B 68 9.27 14.59 25.21
CA MET B 68 10.73 14.67 25.13
C MET B 68 11.41 14.28 26.42
N ALA B 69 12.65 13.80 26.30
CA ALA B 69 13.50 13.51 27.44
C ALA B 69 14.93 13.84 27.09
N LYS B 70 15.63 14.40 28.06
CA LYS B 70 17.07 14.57 27.97
C LYS B 70 17.71 13.55 28.90
N LEU B 71 18.50 12.65 28.33
CA LEU B 71 19.17 11.62 29.12
C LEU B 71 20.64 11.96 29.32
N GLN B 72 21.12 11.80 30.55
CA GLN B 72 22.52 12.07 30.87
C GLN B 72 23.41 10.86 30.58
N LEU B 73 24.49 11.08 29.84
CA LEU B 73 25.40 10.03 29.45
C LEU B 73 26.62 10.01 30.38
N PRO B 74 27.36 8.87 30.43
CA PRO B 74 28.57 8.79 31.27
C PRO B 74 29.56 9.93 31.00
N MET B 75 30.18 10.43 32.07
CA MET B 75 31.15 11.53 31.98
C MET B 75 32.35 11.17 31.11
N LEU B 76 32.89 12.15 30.40
N LEU B 76 32.84 12.16 30.36
CA LEU B 76 34.00 11.92 29.48
CA LEU B 76 34.00 12.00 29.49
C LEU B 76 35.26 12.68 29.88
C LEU B 76 35.01 13.11 29.75
N ASN B 77 35.35 13.93 29.47
N ASN B 77 36.26 12.87 29.35
CA ASN B 77 36.53 14.75 29.69
CA ASN B 77 37.30 13.90 29.43
C ASN B 77 36.61 15.34 31.10
C ASN B 77 37.76 14.17 30.85
N CYS B 82 43.87 19.46 27.02
CA CYS B 82 44.11 18.70 25.80
C CYS B 82 43.23 19.21 24.65
N ASP B 83 43.83 19.31 23.46
CA ASP B 83 43.14 19.80 22.27
C ASP B 83 42.16 18.78 21.70
N THR B 84 42.52 17.50 21.81
CA THR B 84 41.67 16.41 21.32
C THR B 84 40.83 15.82 22.46
N LEU B 85 39.52 15.96 22.34
CA LEU B 85 38.58 15.50 23.36
C LEU B 85 37.72 14.35 22.84
N GLN B 86 36.79 13.87 23.67
CA GLN B 86 35.87 12.82 23.28
C GLN B 86 34.41 13.28 23.43
N MET B 87 33.57 12.80 22.52
CA MET B 87 32.12 13.00 22.62
C MET B 87 31.41 11.68 22.42
N TRP B 88 30.23 11.55 23.02
CA TRP B 88 29.36 10.42 22.76
C TRP B 88 28.69 10.64 21.41
N GLU B 89 28.67 9.58 20.59
CA GLU B 89 28.08 9.62 19.26
C GLU B 89 26.97 8.57 19.18
N ALA B 90 25.75 9.02 18.87
CA ALA B 90 24.61 8.12 18.75
C ALA B 90 24.68 7.40 17.40
N VAL B 91 24.84 6.08 17.44
CA VAL B 91 25.08 5.28 16.25
C VAL B 91 23.78 4.77 15.62
N SER B 92 22.89 4.28 16.48
CA SER B 92 21.66 3.65 16.02
C SER B 92 20.64 3.63 17.14
N VAL B 93 19.38 3.40 16.76
CA VAL B 93 18.31 3.30 17.73
C VAL B 93 17.35 2.20 17.32
N LYS B 94 16.90 1.43 18.29
CA LYS B 94 15.77 0.53 18.12
C LYS B 94 14.61 1.21 18.83
N THR B 95 13.56 1.51 18.08
CA THR B 95 12.42 2.21 18.65
C THR B 95 11.13 1.49 18.30
N GLU B 96 10.17 1.52 19.22
CA GLU B 96 8.93 0.79 19.08
CA GLU B 96 8.92 0.78 19.10
C GLU B 96 7.78 1.53 19.77
N VAL B 97 6.62 1.53 19.14
CA VAL B 97 5.41 2.07 19.77
C VAL B 97 4.66 0.89 20.39
N VAL B 98 4.39 0.98 21.68
CA VAL B 98 3.85 -0.15 22.45
C VAL B 98 2.39 0.05 22.76
N GLY B 99 1.61 -1.02 22.64
CA GLY B 99 0.23 -1.04 23.13
C GLY B 99 -0.88 -1.00 22.09
N SER B 100 -0.55 -1.20 20.81
CA SER B 100 -1.61 -1.18 19.78
C SER B 100 -2.70 -2.22 20.03
N GLY B 101 -2.31 -3.35 20.62
CA GLY B 101 -3.26 -4.40 20.99
C GLY B 101 -4.38 -3.90 21.90
N SER B 102 -4.10 -2.86 22.69
CA SER B 102 -5.13 -2.28 23.58
C SER B 102 -6.30 -1.67 22.79
N LEU B 103 -6.07 -1.35 21.52
CA LEU B 103 -7.13 -0.80 20.67
C LEU B 103 -8.14 -1.87 20.25
N LEU B 104 -7.82 -3.12 20.57
CA LEU B 104 -8.75 -4.24 20.36
C LEU B 104 -9.85 -4.30 21.43
N ASP B 105 -9.80 -3.40 22.41
CA ASP B 105 -10.92 -3.25 23.35
C ASP B 105 -12.08 -2.54 22.63
N VAL B 106 -13.06 -3.33 22.19
CA VAL B 106 -14.28 -2.79 21.57
C VAL B 106 -15.50 -3.14 22.43
N HIS B 107 -15.28 -3.28 23.74
CA HIS B 107 -16.33 -3.65 24.67
C HIS B 107 -16.71 -2.53 25.64
N GLY B 108 -16.14 -1.34 25.44
CA GLY B 108 -16.40 -0.19 26.32
C GLY B 108 -17.67 0.57 25.99
N PHE B 109 -17.70 1.85 26.38
CA PHE B 109 -18.92 2.66 26.28
C PHE B 109 -18.79 3.78 25.24
N ASN B 110 -17.96 3.55 24.22
CA ASN B 110 -17.86 4.52 23.11
C ASN B 110 -19.15 4.53 22.29
N LYS B 111 -19.25 5.51 21.39
CA LYS B 111 -20.31 5.49 20.38
CA LYS B 111 -20.29 5.49 20.37
C LYS B 111 -20.34 4.09 19.76
N PRO B 112 -21.53 3.45 19.76
CA PRO B 112 -21.60 2.09 19.25
C PRO B 112 -21.67 2.04 17.72
N THR B 113 -21.34 0.89 17.13
CA THR B 113 -21.36 0.73 15.67
C THR B 113 -22.77 0.70 15.08
N ASP B 114 -23.75 0.28 15.88
CA ASP B 114 -25.17 0.34 15.53
C ASP B 114 -25.84 1.45 16.35
N THR B 115 -25.93 2.64 15.77
CA THR B 115 -26.51 3.79 16.49
C THR B 115 -28.03 3.77 16.50
N VAL B 116 -28.63 3.00 15.59
CA VAL B 116 -30.08 2.84 15.54
C VAL B 116 -30.59 2.19 16.81
N ASN B 117 -29.93 1.09 17.20
CA ASN B 117 -30.36 0.31 18.37
C ASN B 117 -29.46 0.49 19.58
N THR B 118 -28.35 1.23 19.40
CA THR B 118 -27.31 1.38 20.43
C THR B 118 -26.76 -0.01 20.78
N LYS B 119 -26.26 -0.68 19.74
CA LYS B 119 -25.79 -2.06 19.86
C LYS B 119 -24.55 -2.24 18.98
N GLY B 120 -24.11 -3.48 18.80
CA GLY B 120 -22.92 -3.78 18.02
C GLY B 120 -21.69 -3.82 18.91
N ILE B 121 -20.67 -3.06 18.55
CA ILE B 121 -19.49 -2.92 19.40
C ILE B 121 -19.20 -1.47 19.71
N SER B 122 -18.37 -1.25 20.72
CA SER B 122 -17.87 0.08 21.07
C SER B 122 -16.88 0.46 19.97
N THR B 123 -17.16 1.55 19.24
CA THR B 123 -16.31 1.91 18.08
C THR B 123 -14.86 2.06 18.52
N PRO B 124 -13.93 1.34 17.86
CA PRO B 124 -12.53 1.48 18.23
C PRO B 124 -11.94 2.83 17.81
N VAL B 125 -10.78 3.15 18.36
CA VAL B 125 -10.03 4.35 17.98
C VAL B 125 -9.81 4.38 16.47
N GLU B 126 -10.12 5.51 15.84
CA GLU B 126 -9.98 5.68 14.38
C GLU B 126 -9.59 7.11 14.06
N GLY B 127 -9.14 7.32 12.82
CA GLY B 127 -8.98 8.67 12.28
C GLY B 127 -7.54 9.09 12.04
N SER B 128 -7.27 10.36 12.34
CA SER B 128 -5.98 10.96 12.03
C SER B 128 -4.89 10.42 12.94
N GLN B 129 -3.75 10.10 12.33
CA GLN B 129 -2.63 9.45 13.00
C GLN B 129 -1.36 10.21 12.70
N TYR B 130 -0.46 10.29 13.68
CA TYR B 130 0.74 11.09 13.55
C TYR B 130 1.85 10.43 14.36
N HIS B 131 2.92 10.06 13.67
CA HIS B 131 4.02 9.34 14.32
C HIS B 131 5.31 10.02 13.96
N VAL B 132 5.98 10.58 14.96
CA VAL B 132 7.32 11.16 14.76
C VAL B 132 8.23 10.74 15.89
N PHE B 133 9.48 10.41 15.56
CA PHE B 133 10.50 10.30 16.60
C PHE B 133 11.79 10.99 16.15
N ALA B 134 12.61 11.38 17.11
CA ALA B 134 13.88 12.02 16.84
C ALA B 134 14.89 11.63 17.90
N VAL B 135 16.14 11.51 17.47
CA VAL B 135 17.25 11.28 18.39
C VAL B 135 18.34 12.28 18.01
N GLY B 136 18.83 13.04 18.99
CA GLY B 136 19.81 14.09 18.69
C GLY B 136 20.72 14.43 19.85
N GLY B 137 21.76 15.21 19.56
CA GLY B 137 22.74 15.62 20.56
C GLY B 137 22.44 16.99 21.14
N GLU B 138 21.27 17.52 20.78
CA GLU B 138 20.76 18.80 21.27
C GLU B 138 19.25 18.81 21.05
N PRO B 139 18.51 19.79 21.64
CA PRO B 139 17.06 19.77 21.48
C PRO B 139 16.62 19.78 20.03
N LEU B 140 15.50 19.12 19.74
CA LEU B 140 14.92 19.13 18.41
C LEU B 140 14.58 20.58 18.03
N ASP B 141 15.05 21.01 16.86
CA ASP B 141 14.72 22.33 16.34
C ASP B 141 13.32 22.32 15.73
N LEU B 142 12.50 23.30 16.14
CA LEU B 142 11.11 23.36 15.73
C LEU B 142 10.80 24.56 14.86
N GLN B 143 9.93 24.33 13.88
CA GLN B 143 9.41 25.38 13.01
C GLN B 143 7.90 25.44 13.22
N GLY B 144 7.39 26.64 13.53
CA GLY B 144 5.96 26.84 13.73
C GLY B 144 5.24 26.92 12.39
N LEU B 145 4.05 26.33 12.33
CA LEU B 145 3.13 26.47 11.19
C LEU B 145 1.76 26.01 11.67
N VAL B 146 0.77 26.87 11.49
CA VAL B 146 -0.58 26.58 12.00
C VAL B 146 -1.64 26.56 10.90
N THR B 147 -2.76 25.91 11.20
CA THR B 147 -3.96 25.99 10.37
C THR B 147 -4.50 27.43 10.30
N ASP B 148 -4.56 28.09 11.45
CA ASP B 148 -5.23 29.38 11.55
C ASP B 148 -4.46 30.29 12.51
N ALA B 149 -3.89 31.37 11.95
CA ALA B 149 -3.13 32.33 12.73
C ALA B 149 -4.02 33.10 13.71
N ARG B 150 -5.34 32.95 13.55
CA ARG B 150 -6.31 33.60 14.43
C ARG B 150 -6.66 32.75 15.65
N THR B 151 -6.19 31.51 15.67
CA THR B 151 -6.47 30.61 16.80
C THR B 151 -5.98 31.23 18.11
N LYS B 152 -6.86 31.25 19.11
CA LYS B 152 -6.58 31.86 20.40
C LYS B 152 -6.10 30.81 21.38
N TYR B 153 -4.83 30.43 21.24
CA TYR B 153 -4.20 29.50 22.18
C TYR B 153 -4.05 30.18 23.54
N LYS B 154 -4.17 29.40 24.61
CA LYS B 154 -3.93 29.91 25.97
C LYS B 154 -2.50 30.42 26.08
N GLU B 155 -2.31 31.47 26.87
CA GLU B 155 -0.97 32.01 27.09
C GLU B 155 -0.20 31.18 28.11
N GLU B 156 -0.90 30.69 29.13
CA GLU B 156 -0.27 29.86 30.16
C GLU B 156 -0.52 28.39 29.91
N GLY B 157 0.50 27.57 30.16
CA GLY B 157 0.35 26.12 30.12
C GLY B 157 0.73 25.43 28.81
N VAL B 158 0.94 26.23 27.76
CA VAL B 158 1.43 25.73 26.47
C VAL B 158 2.44 26.72 25.90
N VAL B 159 3.45 26.21 25.19
CA VAL B 159 4.36 27.08 24.47
C VAL B 159 3.90 27.14 23.01
N THR B 160 3.53 28.34 22.58
CA THR B 160 3.02 28.55 21.22
C THR B 160 3.84 29.65 20.53
N ILE B 161 3.48 30.01 19.30
CA ILE B 161 4.27 31.00 18.56
C ILE B 161 4.36 32.33 19.32
N LYS B 162 3.24 32.81 19.84
CA LYS B 162 3.21 34.05 20.62
C LYS B 162 4.14 34.01 21.85
N THR B 163 4.30 32.82 22.45
CA THR B 163 5.22 32.64 23.58
C THR B 163 6.66 33.05 23.19
N ILE B 164 7.04 32.68 21.97
CA ILE B 164 8.38 32.94 21.45
C ILE B 164 8.54 34.38 20.99
N THR B 165 7.61 34.85 20.15
CA THR B 165 7.73 36.15 19.49
C THR B 165 7.29 37.33 20.36
N LYS B 166 6.50 37.05 21.39
CA LYS B 166 5.86 38.07 22.25
C LYS B 166 4.83 38.90 21.46
N LYS B 167 4.41 38.40 20.31
CA LYS B 167 3.44 39.08 19.46
C LYS B 167 2.43 38.06 18.92
N ASP B 168 1.24 38.54 18.57
CA ASP B 168 0.25 37.67 17.94
C ASP B 168 0.78 37.06 16.67
N MET B 169 0.27 35.89 16.32
CA MET B 169 0.61 35.25 15.05
C MET B 169 0.23 36.15 13.86
N VAL B 170 0.96 35.99 12.77
CA VAL B 170 0.72 36.72 11.52
C VAL B 170 0.25 35.75 10.44
N ASN B 171 -0.28 36.27 9.33
CA ASN B 171 -0.79 35.37 8.29
C ASN B 171 0.27 34.42 7.72
N LYS B 172 1.53 34.87 7.70
CA LYS B 172 2.64 34.04 7.22
C LYS B 172 2.85 32.78 8.07
N ASP B 173 2.31 32.78 9.29
CA ASP B 173 2.38 31.61 10.17
C ASP B 173 1.52 30.42 9.71
N GLN B 174 0.66 30.66 8.72
CA GLN B 174 -0.12 29.59 8.08
C GLN B 174 0.66 28.91 6.95
N VAL B 175 1.79 29.52 6.59
CA VAL B 175 2.78 28.91 5.68
C VAL B 175 4.14 28.88 6.42
N LEU B 176 5.27 28.97 5.72
CA LEU B 176 6.58 28.97 6.38
CA LEU B 176 6.56 28.97 6.41
C LEU B 176 7.04 30.39 6.71
N ASN B 177 7.04 30.71 8.01
CA ASN B 177 7.55 31.98 8.52
C ASN B 177 8.80 31.66 9.37
N PRO B 178 10.02 31.97 8.86
CA PRO B 178 11.27 31.62 9.54
CA PRO B 178 11.26 31.60 9.54
C PRO B 178 11.45 32.27 10.91
N ILE B 179 10.67 33.31 11.20
CA ILE B 179 10.70 33.97 12.51
C ILE B 179 10.15 33.04 13.60
N SER B 180 9.17 32.21 13.22
CA SER B 180 8.46 31.37 14.19
C SER B 180 9.18 30.05 14.42
N LYS B 181 10.27 30.12 15.20
CA LYS B 181 11.07 28.95 15.53
C LYS B 181 11.22 28.80 17.04
N ALA B 182 11.42 27.56 17.47
CA ALA B 182 11.65 27.24 18.89
C ALA B 182 12.48 25.98 18.99
N LYS B 183 12.78 25.58 20.22
CA LYS B 183 13.48 24.32 20.48
C LYS B 183 12.63 23.47 21.42
N LEU B 184 12.61 22.17 21.17
CA LEU B 184 11.84 21.26 22.01
C LEU B 184 12.61 20.98 23.30
N ASP B 185 12.44 21.87 24.27
CA ASP B 185 13.21 21.81 25.52
C ASP B 185 12.39 21.42 26.74
N LYS B 186 11.09 21.19 26.54
CA LYS B 186 10.19 20.80 27.63
C LYS B 186 9.22 19.73 27.14
N ASP B 187 9.03 18.71 27.98
CA ASP B 187 8.05 17.66 27.72
C ASP B 187 6.62 18.16 27.95
N GLY B 188 5.69 17.73 27.09
CA GLY B 188 4.26 18.01 27.28
C GLY B 188 3.84 19.48 27.22
N MET B 189 4.52 20.27 26.39
CA MET B 189 4.32 21.72 26.34
C MET B 189 4.15 22.33 24.95
N TYR B 190 4.74 21.68 23.94
CA TYR B 190 4.75 22.19 22.56
C TYR B 190 3.70 21.45 21.71
N PRO B 191 2.58 22.11 21.37
CA PRO B 191 1.54 21.42 20.58
C PRO B 191 2.01 20.96 19.21
N VAL B 192 1.65 19.73 18.85
CA VAL B 192 2.07 19.16 17.57
C VAL B 192 1.30 19.76 16.39
N GLU B 193 0.18 20.41 16.65
CA GLU B 193 -0.52 21.13 15.58
C GLU B 193 0.12 22.49 15.27
N ILE B 194 1.13 22.86 16.06
CA ILE B 194 1.86 24.12 15.85
C ILE B 194 3.32 23.89 15.46
N TRP B 195 3.99 22.97 16.15
CA TRP B 195 5.45 22.86 16.07
C TRP B 195 5.92 21.62 15.35
N HIS B 196 6.71 21.84 14.29
CA HIS B 196 7.16 20.77 13.37
C HIS B 196 8.67 20.71 13.37
N PRO B 197 9.24 19.53 13.02
CA PRO B 197 10.69 19.48 12.93
C PRO B 197 11.17 20.49 11.87
N ASP B 198 12.19 21.27 12.21
CA ASP B 198 12.71 22.30 11.32
C ASP B 198 13.76 21.71 10.37
N PRO B 199 13.44 21.57 9.06
CA PRO B 199 14.41 20.98 8.15
C PRO B 199 15.60 21.89 7.83
N ALA B 200 15.50 23.17 8.15
CA ALA B 200 16.58 24.12 7.91
C ALA B 200 17.64 24.08 9.02
N LYS B 201 17.35 23.38 10.10
CA LYS B 201 18.32 23.20 11.18
C LYS B 201 18.48 21.71 11.45
N ASN B 202 18.49 21.30 12.71
CA ASN B 202 18.60 19.88 13.07
C ASN B 202 19.77 19.14 12.41
N GLU B 203 20.92 19.81 12.33
CA GLU B 203 22.11 19.19 11.77
C GLU B 203 22.64 18.06 12.66
N ASN B 204 22.27 18.11 13.94
CA ASN B 204 22.78 17.18 14.93
C ASN B 204 21.68 16.29 15.52
N THR B 205 20.57 16.18 14.79
CA THR B 205 19.44 15.35 15.15
C THR B 205 18.93 14.63 13.91
N ARG B 206 18.50 13.38 14.06
CA ARG B 206 17.76 12.70 12.99
C ARG B 206 16.30 12.56 13.40
N TYR B 207 15.39 12.95 12.51
CA TYR B 207 13.96 12.77 12.79
C TYR B 207 13.24 12.05 11.64
N PHE B 208 12.14 11.39 11.98
CA PHE B 208 11.42 10.52 11.05
C PHE B 208 9.95 10.66 11.40
N GLY B 209 9.14 11.13 10.45
CA GLY B 209 7.73 11.39 10.73
C GLY B 209 6.79 10.92 9.64
N ASN B 210 5.56 10.62 10.03
CA ASN B 210 4.50 10.38 9.06
C ASN B 210 3.12 10.79 9.59
N TYR B 211 2.25 11.11 8.65
CA TYR B 211 0.91 11.61 8.94
C TYR B 211 -0.07 10.90 8.04
N THR B 212 -1.18 10.44 8.62
CA THR B 212 -2.32 9.95 7.85
C THR B 212 -3.56 10.63 8.42
N GLY B 213 -4.36 11.25 7.56
CA GLY B 213 -5.51 12.03 8.04
C GLY B 213 -6.83 11.27 8.02
N GLY B 214 -7.91 12.03 7.88
CA GLY B 214 -9.26 11.48 7.85
C GLY B 214 -9.94 11.42 9.22
N THR B 215 -11.17 10.92 9.24
CA THR B 215 -11.96 10.90 10.48
C THR B 215 -12.19 9.50 11.00
N THR B 216 -12.45 8.55 10.09
CA THR B 216 -12.71 7.16 10.51
C THR B 216 -11.64 6.20 10.01
N THR B 217 -10.50 6.75 9.59
CA THR B 217 -9.40 5.97 9.02
C THR B 217 -8.95 4.85 9.96
N PRO B 218 -8.83 3.61 9.45
CA PRO B 218 -8.29 2.55 10.32
C PRO B 218 -6.85 2.85 10.73
N PRO B 219 -6.55 2.81 12.04
CA PRO B 219 -5.16 2.97 12.46
C PRO B 219 -4.33 1.76 12.07
N VAL B 220 -3.08 2.02 11.68
CA VAL B 220 -2.14 0.97 11.29
CA VAL B 220 -2.15 0.95 11.34
CA VAL B 220 -2.14 0.96 11.31
C VAL B 220 -0.86 1.13 12.12
N LEU B 221 -0.30 0.01 12.58
CA LEU B 221 0.95 0.07 13.32
C LEU B 221 1.68 -1.25 13.20
N GLN B 222 3.00 -1.17 13.07
CA GLN B 222 3.85 -2.36 13.12
CA GLN B 222 3.85 -2.36 13.12
C GLN B 222 4.76 -2.26 14.32
N PHE B 223 5.17 -3.40 14.86
CA PHE B 223 6.09 -3.42 16.00
C PHE B 223 6.93 -4.68 15.99
N THR B 224 8.23 -4.52 16.25
CA THR B 224 9.15 -5.65 16.29
C THR B 224 10.39 -5.23 17.07
N ASN B 225 11.04 -6.20 17.71
CA ASN B 225 12.32 -5.93 18.37
C ASN B 225 13.54 -6.23 17.48
N THR B 226 13.30 -6.34 16.17
CA THR B 226 14.34 -6.77 15.23
C THR B 226 14.80 -5.67 14.27
N LEU B 227 14.24 -4.48 14.43
CA LEU B 227 14.48 -3.39 13.47
C LEU B 227 15.36 -2.29 14.05
N THR B 228 16.50 -2.04 13.40
CA THR B 228 17.42 -1.00 13.85
C THR B 228 17.41 0.20 12.89
N THR B 229 17.29 1.39 13.45
CA THR B 229 17.43 2.64 12.69
C THR B 229 18.86 3.17 12.83
N VAL B 230 19.61 3.18 11.73
CA VAL B 230 20.96 3.75 11.73
C VAL B 230 20.86 5.27 11.79
N LEU B 231 21.69 5.90 12.64
CA LEU B 231 21.64 7.35 12.83
C LEU B 231 22.83 8.07 12.22
N LEU B 232 23.72 7.31 11.59
CA LEU B 232 24.90 7.86 10.93
C LEU B 232 24.49 8.66 9.70
N ASP B 233 25.16 9.78 9.47
CA ASP B 233 24.90 10.57 8.27
C ASP B 233 25.67 10.00 7.07
N GLU B 234 25.66 10.75 5.96
CA GLU B 234 26.34 10.33 4.72
C GLU B 234 27.86 10.15 4.92
N ASN B 235 28.42 10.86 5.89
CA ASN B 235 29.85 10.77 6.19
C ASN B 235 30.19 9.73 7.27
N GLY B 236 29.19 9.01 7.73
CA GLY B 236 29.36 7.98 8.76
C GLY B 236 29.40 8.54 10.18
N VAL B 237 28.83 9.72 10.38
CA VAL B 237 28.86 10.36 11.70
C VAL B 237 27.45 10.48 12.25
N GLY B 238 27.27 10.00 13.48
CA GLY B 238 25.98 10.08 14.15
C GLY B 238 25.85 11.38 14.92
N PRO B 239 24.66 11.65 15.50
CA PRO B 239 24.51 12.82 16.37
C PRO B 239 25.57 12.83 17.49
N LEU B 240 26.17 13.99 17.71
CA LEU B 240 27.21 14.15 18.73
C LEU B 240 26.63 14.87 19.94
N CYS B 241 26.77 14.25 21.11
CA CYS B 241 26.03 14.69 22.29
C CYS B 241 26.74 15.79 23.05
N LYS B 242 26.25 17.02 22.86
CA LYS B 242 26.83 18.20 23.48
C LYS B 242 26.61 18.16 24.99
N GLY B 243 27.70 18.29 25.74
CA GLY B 243 27.65 18.21 27.20
C GLY B 243 27.11 16.88 27.71
N GLU B 244 27.34 15.82 26.93
CA GLU B 244 26.91 14.45 27.27
C GLU B 244 25.41 14.32 27.51
N GLY B 245 24.63 15.15 26.81
CA GLY B 245 23.17 15.06 26.86
C GLY B 245 22.64 14.44 25.57
N LEU B 246 21.75 13.46 25.72
CA LEU B 246 21.09 12.83 24.58
C LEU B 246 19.61 13.19 24.58
N TYR B 247 19.13 13.72 23.46
CA TYR B 247 17.74 14.15 23.36
C TYR B 247 16.85 13.17 22.59
N LEU B 248 15.76 12.77 23.23
CA LEU B 248 14.75 11.91 22.59
C LEU B 248 13.44 12.68 22.50
N SER B 249 12.82 12.65 21.34
CA SER B 249 11.57 13.38 21.08
C SER B 249 10.61 12.51 20.32
N CYS B 250 9.32 12.61 20.63
CA CYS B 250 8.32 11.83 19.88
C CYS B 250 6.88 12.27 20.10
N VAL B 251 6.02 11.79 19.21
CA VAL B 251 4.58 11.89 19.37
C VAL B 251 3.99 10.72 18.57
N ASP B 252 3.01 10.04 19.15
CA ASP B 252 2.40 8.88 18.51
C ASP B 252 0.90 8.86 18.74
N ILE B 253 0.20 9.58 17.88
CA ILE B 253 -1.26 9.70 17.91
C ILE B 253 -1.88 8.58 17.06
N MET B 254 -2.79 7.83 17.67
CA MET B 254 -3.44 6.69 17.02
C MET B 254 -4.79 7.04 16.39
N GLY B 255 -5.35 8.19 16.78
CA GLY B 255 -6.68 8.61 16.33
C GLY B 255 -7.48 9.13 17.52
N TRP B 256 -8.82 9.05 17.40
CA TRP B 256 -9.73 9.44 18.47
C TRP B 256 -10.68 8.31 18.85
N ARG B 257 -11.10 8.29 20.11
CA ARG B 257 -12.32 7.57 20.50
CA ARG B 257 -12.32 7.57 20.48
C ARG B 257 -13.46 8.60 20.49
N VAL B 258 -14.68 8.12 20.31
CA VAL B 258 -15.85 8.98 20.22
C VAL B 258 -16.86 8.54 21.28
N THR B 259 -17.34 9.48 22.08
CA THR B 259 -18.28 9.15 23.16
C THR B 259 -19.72 9.07 22.65
N ARG B 260 -20.62 8.61 23.51
CA ARG B 260 -22.04 8.54 23.20
C ARG B 260 -22.74 9.88 23.42
N ASN B 261 -22.01 10.90 23.85
CA ASN B 261 -22.58 12.22 24.13
C ASN B 261 -22.07 13.26 23.13
N TYR B 262 -22.92 13.64 22.18
CA TYR B 262 -22.60 14.67 21.18
C TYR B 262 -21.31 14.40 20.40
N ASP B 263 -21.02 13.12 20.15
CA ASP B 263 -19.85 12.70 19.39
C ASP B 263 -18.55 13.35 19.89
N VAL B 264 -18.42 13.56 21.20
CA VAL B 264 -17.19 14.14 21.73
C VAL B 264 -15.98 13.23 21.41
N HIS B 265 -14.93 13.82 20.83
CA HIS B 265 -13.72 13.07 20.49
C HIS B 265 -12.63 13.26 21.54
N HIS B 266 -11.90 12.18 21.82
CA HIS B 266 -10.71 12.22 22.67
C HIS B 266 -9.54 11.63 21.89
N TRP B 267 -8.45 12.39 21.74
CA TRP B 267 -7.22 11.84 21.14
C TRP B 267 -6.69 10.65 21.94
N ARG B 268 -6.14 9.65 21.26
CA ARG B 268 -5.43 8.54 21.90
C ARG B 268 -3.97 8.54 21.46
N GLY B 269 -3.06 8.47 22.43
CA GLY B 269 -1.64 8.34 22.15
C GLY B 269 -1.10 7.08 22.80
N LEU B 270 0.04 6.60 22.28
CA LEU B 270 0.71 5.44 22.85
C LEU B 270 2.17 5.76 23.16
N PRO B 271 2.75 5.06 24.15
CA PRO B 271 4.14 5.31 24.55
C PRO B 271 5.13 4.75 23.53
N ARG B 272 6.33 5.31 23.52
CA ARG B 272 7.38 4.88 22.61
C ARG B 272 8.64 4.49 23.36
N TYR B 273 9.17 3.32 23.00
CA TYR B 273 10.42 2.80 23.57
C TYR B 273 11.59 3.20 22.68
N PHE B 274 12.73 3.54 23.31
CA PHE B 274 13.97 3.81 22.61
C PHE B 274 15.09 3.00 23.24
N LYS B 275 15.90 2.34 22.40
CA LYS B 275 17.17 1.79 22.85
C LYS B 275 18.27 2.31 21.92
N ILE B 276 19.10 3.20 22.46
CA ILE B 276 20.13 3.89 21.67
C ILE B 276 21.51 3.31 21.95
N THR B 277 22.23 2.99 20.88
CA THR B 277 23.62 2.55 20.98
C THR B 277 24.52 3.75 20.70
N LEU B 278 25.46 4.01 21.62
CA LEU B 278 26.38 5.14 21.47
C LEU B 278 27.82 4.70 21.60
N ARG B 279 28.72 5.42 20.94
CA ARG B 279 30.14 5.12 20.98
C ARG B 279 30.90 6.41 21.20
N LYS B 280 32.08 6.30 21.80
CA LYS B 280 32.91 7.48 22.01
C LYS B 280 33.65 7.83 20.71
N ARG B 281 33.70 9.12 20.42
CA ARG B 281 34.35 9.63 19.20
C ARG B 281 35.36 10.70 19.57
N TRP B 282 36.59 10.57 19.03
CA TRP B 282 37.61 11.61 19.16
C TRP B 282 37.18 12.83 18.35
N VAL B 283 37.30 14.02 18.95
CA VAL B 283 36.93 15.27 18.28
C VAL B 283 37.98 16.36 18.52
N LYS B 284 38.07 17.31 17.60
CA LYS B 284 39.03 18.41 17.69
C LYS B 284 38.34 19.73 17.40
N GLY C 1 25.66 -20.33 30.06
CA GLY C 1 25.71 -20.04 28.59
C GLY C 1 25.80 -18.56 28.28
N MET C 2 26.63 -17.85 29.04
CA MET C 2 26.81 -16.41 28.89
C MET C 2 27.66 -16.05 27.66
N GLU C 3 28.75 -16.80 27.45
CA GLU C 3 29.64 -16.56 26.31
C GLU C 3 29.31 -17.50 25.15
N VAL C 4 29.03 -16.90 23.98
CA VAL C 4 28.67 -17.66 22.78
CA VAL C 4 28.67 -17.66 22.79
CA VAL C 4 28.67 -17.66 22.79
C VAL C 4 29.90 -17.96 21.93
N LEU C 5 30.15 -19.26 21.70
CA LEU C 5 31.32 -19.70 20.94
C LEU C 5 30.96 -20.21 19.54
N ASP C 6 31.68 -21.22 19.06
CA ASP C 6 31.51 -21.75 17.71
C ASP C 6 30.23 -22.57 17.55
N LEU C 7 29.83 -22.80 16.29
CA LEU C 7 28.76 -23.72 15.96
C LEU C 7 29.27 -25.15 16.09
N VAL C 8 28.44 -26.02 16.66
CA VAL C 8 28.73 -27.45 16.78
C VAL C 8 28.51 -28.12 15.43
N THR C 9 29.46 -28.93 15.00
CA THR C 9 29.31 -29.71 13.78
C THR C 9 29.19 -31.20 14.10
N GLY C 10 28.76 -31.98 13.11
CA GLY C 10 28.72 -33.43 13.24
C GLY C 10 27.28 -33.96 13.23
N PRO C 11 27.11 -35.28 13.39
CA PRO C 11 25.79 -35.91 13.34
C PRO C 11 24.81 -35.27 14.32
N ASP C 12 23.59 -35.01 13.85
CA ASP C 12 22.50 -34.48 14.66
C ASP C 12 22.75 -33.09 15.24
N SER C 13 23.62 -32.30 14.62
CA SER C 13 23.92 -30.95 15.10
C SER C 13 22.87 -29.91 14.68
N VAL C 14 22.05 -30.27 13.69
CA VAL C 14 20.95 -29.42 13.25
CA VAL C 14 20.96 -29.42 13.21
CA VAL C 14 20.95 -29.42 13.22
C VAL C 14 19.63 -30.17 13.34
N THR C 15 18.57 -29.46 13.71
CA THR C 15 17.25 -30.08 13.82
C THR C 15 16.16 -29.15 13.31
N GLU C 16 15.04 -29.74 12.90
CA GLU C 16 13.85 -28.99 12.50
C GLU C 16 12.68 -29.46 13.32
N ILE C 17 11.89 -28.53 13.85
CA ILE C 17 10.66 -28.84 14.58
CA ILE C 17 10.65 -28.89 14.52
C ILE C 17 9.47 -28.07 14.01
N GLU C 18 8.33 -28.72 13.92
CA GLU C 18 7.12 -28.09 13.41
C GLU C 18 6.06 -28.09 14.49
N ALA C 19 5.20 -27.08 14.45
CA ALA C 19 4.05 -27.03 15.33
C ALA C 19 2.97 -26.13 14.75
N PHE C 20 1.73 -26.41 15.10
CA PHE C 20 0.58 -25.53 14.85
CA PHE C 20 0.67 -25.46 14.86
C PHE C 20 0.07 -24.99 16.18
N LEU C 21 -0.25 -23.71 16.23
CA LEU C 21 -0.91 -23.14 17.40
C LEU C 21 -2.30 -22.70 16.98
N ASN C 22 -3.32 -23.33 17.57
CA ASN C 22 -4.70 -22.93 17.32
C ASN C 22 -5.05 -21.60 18.01
N PRO C 23 -5.95 -20.81 17.41
CA PRO C 23 -6.29 -19.51 17.98
C PRO C 23 -7.06 -19.65 19.28
N ARG C 24 -6.99 -18.62 20.11
CA ARG C 24 -7.68 -18.61 21.40
C ARG C 24 -8.56 -17.35 21.49
N MET C 25 -9.68 -17.38 20.78
CA MET C 25 -10.53 -16.20 20.59
C MET C 25 -11.56 -15.99 21.70
N GLY C 26 -11.81 -17.03 22.49
CA GLY C 26 -12.71 -16.89 23.63
C GLY C 26 -13.44 -18.18 23.98
N GLN C 27 -14.00 -18.84 22.97
CA GLN C 27 -14.62 -20.15 23.21
C GLN C 27 -13.52 -21.20 23.30
N PRO C 28 -13.48 -21.96 24.42
CA PRO C 28 -12.49 -23.03 24.58
C PRO C 28 -12.73 -24.18 23.60
N PRO C 29 -11.74 -25.09 23.42
CA PRO C 29 -11.90 -26.22 22.50
C PRO C 29 -13.06 -27.15 22.87
N THR C 30 -13.36 -27.26 24.16
CA THR C 30 -14.47 -28.07 24.65
C THR C 30 -15.51 -27.16 25.32
N PRO C 31 -16.81 -27.55 25.29
CA PRO C 31 -17.38 -28.79 24.74
C PRO C 31 -17.25 -28.89 23.23
N GLU C 32 -17.13 -30.11 22.73
CA GLU C 32 -16.98 -30.34 21.30
C GLU C 32 -18.31 -30.22 20.57
N SER C 33 -19.41 -30.46 21.30
CA SER C 33 -20.75 -30.45 20.72
C SER C 33 -21.04 -29.18 19.94
N LEU C 34 -21.57 -29.35 18.72
CA LEU C 34 -21.88 -28.21 17.86
C LEU C 34 -23.21 -27.52 18.20
N THR C 35 -23.86 -27.96 19.27
CA THR C 35 -25.05 -27.26 19.77
C THR C 35 -24.80 -26.63 21.13
N GLU C 36 -23.82 -27.17 21.86
CA GLU C 36 -23.57 -26.78 23.24
C GLU C 36 -22.44 -25.76 23.42
N GLY C 37 -22.03 -25.10 22.33
CA GLY C 37 -20.99 -24.08 22.40
C GLY C 37 -19.81 -24.33 21.48
N GLY C 38 -19.59 -25.60 21.15
CA GLY C 38 -18.50 -26.00 20.25
C GLY C 38 -18.56 -25.34 18.90
N GLN C 39 -19.76 -24.97 18.45
CA GLN C 39 -19.93 -24.23 17.19
C GLN C 39 -19.20 -22.87 17.18
N TYR C 40 -18.81 -22.39 18.36
CA TYR C 40 -18.07 -21.13 18.43
C TYR C 40 -16.55 -21.29 18.51
N TYR C 41 -16.05 -22.52 18.46
CA TYR C 41 -14.59 -22.74 18.55
C TYR C 41 -13.90 -22.17 17.32
N GLY C 42 -12.88 -21.35 17.54
CA GLY C 42 -12.26 -20.54 16.48
C GLY C 42 -12.75 -19.11 16.51
N TRP C 43 -13.78 -18.86 17.34
CA TRP C 43 -14.39 -17.54 17.47
C TRP C 43 -14.49 -17.13 18.93
N SER C 44 -14.77 -15.87 19.19
CA SER C 44 -15.20 -15.46 20.53
C SER C 44 -16.69 -15.73 20.68
N ARG C 45 -17.18 -15.67 21.92
CA ARG C 45 -18.60 -15.55 22.13
C ARG C 45 -18.99 -14.09 21.87
N GLY C 46 -20.29 -13.81 21.84
CA GLY C 46 -20.79 -12.48 21.50
C GLY C 46 -20.23 -11.39 22.41
N ILE C 47 -19.61 -10.37 21.80
CA ILE C 47 -18.98 -9.29 22.56
C ILE C 47 -20.04 -8.51 23.34
N ASN C 48 -19.89 -8.47 24.66
CA ASN C 48 -20.81 -7.74 25.52
C ASN C 48 -20.23 -6.36 25.88
N LEU C 49 -21.08 -5.35 25.87
CA LEU C 49 -20.63 -3.96 26.04
C LEU C 49 -20.85 -3.43 27.45
N ALA C 50 -20.03 -2.45 27.81
CA ALA C 50 -20.18 -1.69 29.05
C ALA C 50 -21.59 -1.12 29.16
N THR C 51 -22.09 -1.03 30.39
CA THR C 51 -23.43 -0.48 30.61
C THR C 51 -23.39 0.99 31.01
N SER C 52 -22.19 1.50 31.32
CA SER C 52 -21.98 2.91 31.61
C SER C 52 -20.49 3.21 31.54
N ASP C 53 -20.14 4.48 31.72
CA ASP C 53 -18.73 4.92 31.77
C ASP C 53 -17.94 4.26 32.90
N THR C 54 -18.63 3.75 33.92
CA THR C 54 -17.96 3.14 35.08
C THR C 54 -18.25 1.65 35.26
N GLU C 55 -18.94 1.04 34.30
CA GLU C 55 -19.34 -0.37 34.40
C GLU C 55 -18.98 -1.17 33.15
N ASP C 56 -17.72 -1.56 33.05
CA ASP C 56 -17.22 -2.30 31.89
C ASP C 56 -16.72 -3.67 32.34
N SER C 57 -17.55 -4.69 32.12
CA SER C 57 -17.27 -6.04 32.63
C SER C 57 -17.32 -7.07 31.49
N PRO C 58 -16.25 -7.15 30.68
CA PRO C 58 -16.24 -8.08 29.55
C PRO C 58 -16.19 -9.54 30.01
N GLY C 59 -16.96 -10.40 29.36
CA GLY C 59 -16.88 -11.84 29.63
C GLY C 59 -15.55 -12.40 29.18
N ASN C 60 -15.01 -13.36 29.93
CA ASN C 60 -13.74 -14.00 29.55
C ASN C 60 -13.77 -14.58 28.15
N ASN C 61 -14.92 -15.18 27.78
CA ASN C 61 -15.05 -15.81 26.47
C ASN C 61 -15.30 -14.80 25.34
N THR C 62 -15.18 -13.50 25.64
CA THR C 62 -15.26 -12.46 24.62
C THR C 62 -13.89 -11.83 24.33
N LEU C 63 -12.88 -12.28 25.06
CA LEU C 63 -11.54 -11.68 25.01
C LEU C 63 -10.52 -12.62 24.38
N PRO C 64 -10.04 -12.28 23.16
CA PRO C 64 -8.97 -13.09 22.57
C PRO C 64 -7.71 -13.06 23.44
N THR C 65 -7.06 -14.21 23.57
CA THR C 65 -5.85 -14.33 24.37
C THR C 65 -4.71 -14.84 23.52
N TRP C 66 -3.49 -14.67 24.02
CA TRP C 66 -2.29 -15.20 23.36
C TRP C 66 -2.32 -16.72 23.26
N SER C 67 -1.92 -17.24 22.10
CA SER C 67 -1.57 -18.64 21.97
C SER C 67 -0.10 -18.82 22.31
N MET C 68 0.23 -19.92 22.98
CA MET C 68 1.63 -20.26 23.21
C MET C 68 1.83 -21.75 23.36
N ALA C 69 3.04 -22.19 23.04
CA ALA C 69 3.44 -23.56 23.23
C ALA C 69 4.91 -23.58 23.62
N LYS C 70 5.25 -24.48 24.54
CA LYS C 70 6.64 -24.76 24.85
C LYS C 70 7.00 -26.11 24.26
N LEU C 71 7.98 -26.12 23.37
CA LEU C 71 8.40 -27.36 22.71
C LEU C 71 9.71 -27.87 23.29
N GLN C 72 9.74 -29.17 23.58
CA GLN C 72 10.94 -29.82 24.11
C GLN C 72 11.89 -30.22 23.00
N LEU C 73 13.15 -29.79 23.15
CA LEU C 73 14.19 -30.07 22.18
C LEU C 73 15.01 -31.29 22.60
N PRO C 74 15.75 -31.92 21.66
CA PRO C 74 16.60 -33.06 22.01
C PRO C 74 17.57 -32.74 23.15
N MET C 75 17.81 -33.72 24.02
CA MET C 75 18.71 -33.55 25.17
C MET C 75 20.14 -33.30 24.71
N LEU C 76 20.87 -32.49 25.46
CA LEU C 76 22.23 -32.09 25.05
C LEU C 76 23.35 -32.50 26.02
N ASN C 77 23.32 -31.94 27.23
CA ASN C 77 24.45 -32.05 28.16
C ASN C 77 24.19 -33.05 29.29
N ASP C 83 33.32 -27.47 31.38
CA ASP C 83 33.80 -26.16 31.00
C ASP C 83 32.96 -25.57 29.86
N THR C 84 32.91 -26.28 28.74
CA THR C 84 32.16 -25.84 27.56
C THR C 84 30.95 -26.74 27.31
N LEU C 85 29.77 -26.13 27.29
CA LEU C 85 28.51 -26.84 27.09
C LEU C 85 27.90 -26.49 25.73
N GLN C 86 26.76 -27.11 25.43
CA GLN C 86 26.03 -26.85 24.19
C GLN C 86 24.62 -26.36 24.50
N MET C 87 24.10 -25.52 23.61
CA MET C 87 22.71 -25.07 23.67
C MET C 87 22.12 -25.10 22.26
N TRP C 88 20.82 -25.35 22.18
CA TRP C 88 20.10 -25.21 20.92
C TRP C 88 19.89 -23.73 20.60
N GLU C 89 20.18 -23.36 19.36
CA GLU C 89 20.05 -21.99 18.88
C GLU C 89 19.04 -21.97 17.73
N ALA C 90 17.96 -21.20 17.88
CA ALA C 90 16.98 -21.06 16.81
C ALA C 90 17.55 -20.12 15.75
N VAL C 91 17.70 -20.62 14.51
CA VAL C 91 18.32 -19.89 13.39
CA VAL C 91 18.30 -19.82 13.45
CA VAL C 91 18.31 -19.83 13.45
C VAL C 91 17.27 -19.15 12.56
N SER C 92 16.18 -19.85 12.27
CA SER C 92 15.15 -19.32 11.38
C SER C 92 13.82 -20.00 11.60
N VAL C 93 12.76 -19.35 11.12
CA VAL C 93 11.43 -19.92 11.17
C VAL C 93 10.68 -19.62 9.88
N LYS C 94 9.95 -20.64 9.41
CA LYS C 94 8.95 -20.44 8.37
C LYS C 94 7.62 -20.52 9.07
N THR C 95 6.86 -19.43 9.01
CA THR C 95 5.57 -19.37 9.70
C THR C 95 4.49 -18.91 8.75
N GLU C 96 3.28 -19.44 8.93
CA GLU C 96 2.17 -19.16 8.04
CA GLU C 96 2.16 -19.18 8.04
C GLU C 96 0.85 -19.17 8.79
N VAL C 97 -0.04 -18.26 8.41
CA VAL C 97 -1.39 -18.26 8.97
C VAL C 97 -2.28 -19.01 7.96
N VAL C 98 -3.00 -20.02 8.46
CA VAL C 98 -3.70 -20.96 7.58
C VAL C 98 -5.21 -20.73 7.65
N GLY C 99 -5.86 -20.79 6.49
CA GLY C 99 -7.32 -20.81 6.46
C GLY C 99 -8.04 -19.55 6.01
N SER C 100 -7.32 -18.57 5.47
CA SER C 100 -7.98 -17.34 5.01
C SER C 100 -9.06 -17.62 3.96
N GLY C 101 -8.86 -18.65 3.14
CA GLY C 101 -9.89 -19.05 2.16
C GLY C 101 -11.26 -19.32 2.78
N SER C 102 -11.28 -19.75 4.04
CA SER C 102 -12.55 -20.02 4.74
C SER C 102 -13.41 -18.76 4.88
N LEU C 103 -12.77 -17.60 4.83
CA LEU C 103 -13.48 -16.32 4.91
C LEU C 103 -14.30 -16.03 3.63
N LEU C 104 -14.07 -16.83 2.60
CA LEU C 104 -14.87 -16.75 1.36
C LEU C 104 -16.25 -17.40 1.50
N ASP C 105 -16.54 -17.97 2.66
CA ASP C 105 -17.91 -18.39 2.96
C ASP C 105 -18.78 -17.16 3.23
N VAL C 106 -19.56 -16.76 2.21
CA VAL C 106 -20.51 -15.66 2.35
C VAL C 106 -21.95 -16.17 2.15
N HIS C 107 -22.16 -17.44 2.48
CA HIS C 107 -23.48 -18.07 2.30
C HIS C 107 -24.16 -18.41 3.62
N GLY C 108 -23.55 -18.00 4.73
CA GLY C 108 -24.12 -18.27 6.07
C GLY C 108 -25.23 -17.32 6.48
N PHE C 109 -25.44 -17.21 7.78
CA PHE C 109 -26.56 -16.45 8.36
C PHE C 109 -26.11 -15.18 9.09
N ASN C 110 -24.97 -14.61 8.68
CA ASN C 110 -24.53 -13.32 9.23
C ASN C 110 -25.45 -12.19 8.78
N LYS C 111 -25.27 -11.02 9.39
CA LYS C 111 -25.91 -9.80 8.90
C LYS C 111 -25.74 -9.74 7.38
N PRO C 112 -26.86 -9.61 6.64
CA PRO C 112 -26.76 -9.60 5.18
C PRO C 112 -26.29 -8.24 4.65
N THR C 113 -25.78 -8.21 3.43
CA THR C 113 -25.29 -6.97 2.83
C THR C 113 -26.42 -5.98 2.48
N ASP C 114 -27.61 -6.51 2.20
CA ASP C 114 -28.80 -5.68 1.99
C ASP C 114 -29.72 -5.83 3.21
N THR C 115 -29.63 -4.91 4.16
CA THR C 115 -30.44 -5.02 5.38
C THR C 115 -31.85 -4.47 5.20
N VAL C 116 -32.06 -3.68 4.14
CA VAL C 116 -33.37 -3.12 3.84
C VAL C 116 -34.34 -4.25 3.47
N ASN C 117 -33.85 -5.19 2.65
CA ASN C 117 -34.66 -6.32 2.19
C ASN C 117 -34.29 -7.67 2.78
N THR C 118 -33.18 -7.70 3.53
CA THR C 118 -32.64 -8.93 4.12
C THR C 118 -32.22 -9.90 3.01
N LYS C 119 -31.29 -9.42 2.19
CA LYS C 119 -30.89 -10.11 0.97
C LYS C 119 -29.40 -9.87 0.72
N GLY C 120 -28.89 -10.43 -0.36
CA GLY C 120 -27.51 -10.18 -0.77
C GLY C 120 -26.65 -11.36 -0.43
N ILE C 121 -25.57 -11.11 0.32
CA ILE C 121 -24.74 -12.18 0.84
C ILE C 121 -24.58 -12.04 2.35
N SER C 122 -24.12 -13.12 2.98
CA SER C 122 -23.76 -13.11 4.39
C SER C 122 -22.46 -12.31 4.53
N THR C 123 -22.51 -11.20 5.27
CA THR C 123 -21.34 -10.30 5.34
C THR C 123 -20.12 -11.09 5.83
N PRO C 124 -19.00 -11.03 5.09
CA PRO C 124 -17.82 -11.77 5.54
C PRO C 124 -17.15 -11.08 6.74
N VAL C 125 -16.22 -11.80 7.38
CA VAL C 125 -15.43 -11.26 8.49
C VAL C 125 -14.73 -9.97 8.04
N GLU C 126 -14.84 -8.92 8.86
CA GLU C 126 -14.22 -7.62 8.56
C GLU C 126 -13.77 -6.95 9.85
N GLY C 127 -12.95 -5.91 9.71
CA GLY C 127 -12.65 -5.04 10.84
C GLY C 127 -11.22 -5.11 11.32
N SER C 128 -11.05 -5.00 12.63
CA SER C 128 -9.73 -4.90 13.24
C SER C 128 -8.98 -6.21 13.18
N GLN C 129 -7.70 -6.13 12.82
CA GLN C 129 -6.87 -7.30 12.58
C GLN C 129 -5.59 -7.17 13.36
N TYR C 130 -5.10 -8.28 13.89
CA TYR C 130 -3.95 -8.23 14.77
C TYR C 130 -3.17 -9.52 14.59
N HIS C 131 -1.93 -9.38 14.14
CA HIS C 131 -1.08 -10.54 13.87
C HIS C 131 0.27 -10.35 14.54
N VAL C 132 0.57 -11.23 15.48
CA VAL C 132 1.88 -11.22 16.14
C VAL C 132 2.38 -12.65 16.23
N PHE C 133 3.67 -12.85 15.99
CA PHE C 133 4.30 -14.13 16.34
C PHE C 133 5.65 -13.90 16.97
N ALA C 134 6.07 -14.86 17.79
CA ALA C 134 7.35 -14.78 18.45
C ALA C 134 7.96 -16.16 18.56
N VAL C 135 9.29 -16.20 18.51
CA VAL C 135 10.06 -17.41 18.73
C VAL C 135 11.19 -17.05 19.70
N GLY C 136 11.31 -17.81 20.78
CA GLY C 136 12.33 -17.51 21.78
C GLY C 136 12.79 -18.68 22.59
N GLY C 137 13.85 -18.47 23.36
CA GLY C 137 14.45 -19.51 24.21
C GLY C 137 13.94 -19.46 25.63
N GLU C 138 12.94 -18.62 25.87
CA GLU C 138 12.28 -18.47 27.17
C GLU C 138 10.92 -17.81 26.91
N PRO C 139 10.02 -17.78 27.92
CA PRO C 139 8.70 -17.19 27.65
C PRO C 139 8.80 -15.75 27.13
N LEU C 140 7.85 -15.38 26.27
CA LEU C 140 7.75 -14.01 25.79
C LEU C 140 7.50 -13.08 26.98
N ASP C 141 8.30 -12.02 27.09
CA ASP C 141 8.10 -11.02 28.13
C ASP C 141 6.98 -10.08 27.72
N LEU C 142 6.04 -9.85 28.64
CA LEU C 142 4.85 -9.05 28.38
C LEU C 142 4.84 -7.75 29.18
N GLN C 143 4.37 -6.70 28.53
CA GLN C 143 4.14 -5.40 29.17
C GLN C 143 2.65 -5.11 29.11
N GLY C 144 2.04 -4.82 30.26
CA GLY C 144 0.62 -4.49 30.31
C GLY C 144 0.38 -3.05 29.87
N LEU C 145 -0.74 -2.84 29.16
CA LEU C 145 -1.22 -1.50 28.79
C LEU C 145 -2.66 -1.68 28.32
N VAL C 146 -3.56 -0.91 28.92
CA VAL C 146 -4.99 -1.06 28.64
C VAL C 146 -5.61 0.22 28.11
N THR C 147 -6.76 0.06 27.45
CA THR C 147 -7.62 1.17 27.10
C THR C 147 -8.12 1.90 28.35
N ASP C 148 -8.60 1.13 29.34
CA ASP C 148 -9.30 1.68 30.49
C ASP C 148 -8.91 0.93 31.76
N ALA C 149 -8.22 1.64 32.67
CA ALA C 149 -7.79 1.07 33.95
C ALA C 149 -8.97 0.75 34.85
N ARG C 150 -10.15 1.22 34.49
CA ARG C 150 -11.38 0.93 35.25
C ARG C 150 -12.09 -0.35 34.79
N THR C 151 -11.65 -0.93 33.67
CA THR C 151 -12.25 -2.17 33.17
C THR C 151 -12.22 -3.23 34.25
N LYS C 152 -13.39 -3.86 34.49
CA LYS C 152 -13.54 -4.87 35.52
C LYS C 152 -13.38 -6.28 34.92
N TYR C 153 -12.14 -6.67 34.66
CA TYR C 153 -11.85 -8.02 34.17
C TYR C 153 -12.18 -9.02 35.27
N LYS C 154 -12.61 -10.22 34.88
CA LYS C 154 -12.83 -11.29 35.86
C LYS C 154 -11.51 -11.66 36.55
N GLU C 155 -11.59 -12.05 37.82
CA GLU C 155 -10.39 -12.48 38.54
C GLU C 155 -9.98 -13.90 38.18
N GLU C 156 -10.96 -14.78 37.99
CA GLU C 156 -10.71 -16.17 37.63
C GLU C 156 -10.86 -16.39 36.12
N GLY C 157 -9.93 -17.15 35.54
CA GLY C 157 -10.07 -17.57 34.16
C GLY C 157 -9.26 -16.78 33.14
N VAL C 158 -8.72 -15.64 33.58
CA VAL C 158 -7.81 -14.83 32.76
C VAL C 158 -6.71 -14.27 33.66
N VAL C 159 -5.52 -14.12 33.09
CA VAL C 159 -4.42 -13.45 33.78
C VAL C 159 -4.38 -12.00 33.32
N THR C 160 -4.62 -11.08 34.25
CA THR C 160 -4.67 -9.66 33.94
C THR C 160 -3.68 -8.92 34.85
N ILE C 161 -3.61 -7.60 34.76
CA ILE C 161 -2.63 -6.83 35.55
C ILE C 161 -2.82 -7.05 37.04
N LYS C 162 -4.07 -7.06 37.50
CA LYS C 162 -4.38 -7.30 38.92
C LYS C 162 -3.91 -8.68 39.40
N THR C 163 -3.99 -9.68 38.52
CA THR C 163 -3.48 -11.02 38.84
C THR C 163 -2.01 -10.93 39.29
N ILE C 164 -1.25 -10.10 38.60
CA ILE C 164 0.18 -9.95 38.85
C ILE C 164 0.47 -9.06 40.07
N THR C 165 -0.12 -7.87 40.09
CA THR C 165 0.17 -6.89 41.13
C THR C 165 -0.58 -7.13 42.46
N LYS C 166 -1.65 -7.91 42.40
CA LYS C 166 -2.58 -8.13 43.54
C LYS C 166 -3.28 -6.84 43.97
N LYS C 167 -3.27 -5.85 43.08
CA LYS C 167 -3.94 -4.57 43.33
C LYS C 167 -4.66 -4.14 42.07
N ASP C 168 -5.67 -3.28 42.22
CA ASP C 168 -6.40 -2.74 41.07
C ASP C 168 -5.45 -1.98 40.15
N MET C 169 -5.84 -1.89 38.87
CA MET C 169 -5.08 -1.11 37.90
C MET C 169 -5.03 0.35 38.30
N VAL C 170 -3.97 1.03 37.89
CA VAL C 170 -3.81 2.46 38.16
C VAL C 170 -3.88 3.22 36.83
N ASN C 171 -4.03 4.54 36.89
CA ASN C 171 -4.17 5.31 35.65
C ASN C 171 -2.97 5.20 34.72
N LYS C 172 -1.79 4.98 35.30
CA LYS C 172 -0.57 4.79 34.53
C LYS C 172 -0.61 3.53 33.65
N ASP C 173 -1.51 2.60 33.98
CA ASP C 173 -1.69 1.39 33.18
C ASP C 173 -2.32 1.66 31.80
N GLN C 174 -2.81 2.88 31.60
CA GLN C 174 -3.32 3.32 30.30
C GLN C 174 -2.20 3.85 29.40
N VAL C 175 -1.02 4.06 29.98
CA VAL C 175 0.22 4.34 29.24
C VAL C 175 1.25 3.25 29.62
N LEU C 176 2.55 3.56 29.65
CA LEU C 176 3.54 2.56 30.03
CA LEU C 176 3.57 2.58 30.02
C LEU C 176 3.87 2.67 31.52
N ASN C 177 3.44 1.64 32.26
CA ASN C 177 3.74 1.50 33.67
C ASN C 177 4.63 0.27 33.82
N PRO C 178 5.94 0.46 34.09
CA PRO C 178 6.87 -0.68 34.14
C PRO C 178 6.60 -1.70 35.24
N ILE C 179 5.75 -1.36 36.20
CA ILE C 179 5.32 -2.31 37.23
C ILE C 179 4.47 -3.43 36.63
N SER C 180 3.69 -3.10 35.60
CA SER C 180 2.73 -4.03 35.04
C SER C 180 3.35 -4.94 33.97
N LYS C 181 4.10 -5.92 34.44
CA LYS C 181 4.79 -6.86 33.56
CA LYS C 181 4.82 -6.87 33.57
C LYS C 181 4.45 -8.30 33.92
N ALA C 182 4.56 -9.19 32.93
CA ALA C 182 4.28 -10.61 33.12
C ALA C 182 5.06 -11.41 32.07
N LYS C 183 4.96 -12.73 32.14
CA LYS C 183 5.55 -13.61 31.13
C LYS C 183 4.46 -14.49 30.54
N LEU C 184 4.55 -14.73 29.24
CA LEU C 184 3.56 -15.56 28.55
C LEU C 184 3.84 -17.04 28.79
N ASP C 185 3.34 -17.54 29.92
CA ASP C 185 3.65 -18.89 30.37
C ASP C 185 2.49 -19.88 30.27
N LYS C 186 1.34 -19.39 29.80
CA LYS C 186 0.14 -20.22 29.67
C LYS C 186 -0.60 -19.87 28.38
N ASP C 187 -1.06 -20.90 27.68
CA ASP C 187 -1.89 -20.74 26.48
C ASP C 187 -3.30 -20.31 26.85
N GLY C 188 -3.88 -19.41 26.05
CA GLY C 188 -5.28 -19.03 26.18
C GLY C 188 -5.68 -18.36 27.49
N MET C 189 -4.76 -17.58 28.07
CA MET C 189 -4.98 -16.98 29.39
C MET C 189 -4.70 -15.48 29.47
N TYR C 190 -3.80 -14.98 28.62
CA TYR C 190 -3.36 -13.59 28.65
C TYR C 190 -4.06 -12.78 27.53
N PRO C 191 -5.01 -11.90 27.90
CA PRO C 191 -5.73 -11.14 26.86
C PRO C 191 -4.83 -10.20 26.05
N VAL C 192 -5.01 -10.20 24.73
CA VAL C 192 -4.17 -9.41 23.85
C VAL C 192 -4.50 -7.91 23.92
N GLU C 193 -5.66 -7.56 24.48
CA GLU C 193 -5.98 -6.15 24.71
C GLU C 193 -5.29 -5.59 25.98
N ILE C 194 -4.64 -6.47 26.73
CA ILE C 194 -3.91 -6.08 27.94
C ILE C 194 -2.39 -6.24 27.77
N TRP C 195 -1.98 -7.36 27.20
CA TRP C 195 -0.57 -7.79 27.26
C TRP C 195 0.12 -7.70 25.91
N HIS C 196 1.22 -6.94 25.89
CA HIS C 196 1.97 -6.63 24.67
C HIS C 196 3.40 -7.10 24.82
N PRO C 197 4.07 -7.42 23.70
CA PRO C 197 5.49 -7.76 23.84
C PRO C 197 6.27 -6.61 24.49
N ASP C 198 7.12 -6.94 25.46
CA ASP C 198 7.88 -5.93 26.18
C ASP C 198 9.19 -5.64 25.47
N PRO C 199 9.33 -4.43 24.87
CA PRO C 199 10.56 -4.09 24.14
C PRO C 199 11.76 -3.84 25.06
N ALA C 200 11.51 -3.67 26.36
CA ALA C 200 12.58 -3.44 27.34
C ALA C 200 13.24 -4.75 27.77
N LYS C 201 12.62 -5.87 27.39
CA LYS C 201 13.18 -7.17 27.73
C LYS C 201 13.30 -7.99 26.45
N ASN C 202 12.90 -9.26 26.46
CA ASN C 202 12.92 -10.12 25.26
C ASN C 202 14.24 -10.16 24.51
N GLU C 203 15.35 -10.18 25.26
CA GLU C 203 16.68 -10.28 24.66
C GLU C 203 16.90 -11.61 23.96
N ASN C 204 16.13 -12.63 24.35
CA ASN C 204 16.30 -13.99 23.86
C ASN C 204 15.07 -14.48 23.08
N THR C 205 14.32 -13.53 22.55
CA THR C 205 13.12 -13.81 21.76
C THR C 205 13.07 -12.79 20.62
N ARG C 206 12.61 -13.21 19.46
CA ARG C 206 12.29 -12.28 18.39
C ARG C 206 10.78 -12.25 18.21
N TYR C 207 10.18 -11.07 18.17
CA TYR C 207 8.75 -10.96 17.91
C TYR C 207 8.48 -9.98 16.78
N PHE C 208 7.34 -10.19 16.09
CA PHE C 208 6.97 -9.43 14.91
C PHE C 208 5.46 -9.24 14.94
N GLY C 209 5.00 -7.99 14.95
CA GLY C 209 3.57 -7.73 15.07
C GLY C 209 3.06 -6.63 14.17
N ASN C 210 1.77 -6.69 13.88
CA ASN C 210 1.09 -5.59 13.19
C ASN C 210 -0.38 -5.51 13.57
N TYR C 211 -0.88 -4.29 13.48
CA TYR C 211 -2.26 -3.99 13.84
C TYR C 211 -2.87 -3.15 12.73
N THR C 212 -4.10 -3.51 12.34
CA THR C 212 -4.92 -2.67 11.46
C THR C 212 -6.28 -2.55 12.11
N GLY C 213 -6.75 -1.33 12.29
CA GLY C 213 -8.00 -1.11 13.02
C GLY C 213 -9.25 -1.01 12.16
N GLY C 214 -10.24 -0.28 12.68
CA GLY C 214 -11.51 -0.06 11.97
C GLY C 214 -12.58 -1.09 12.27
N THR C 215 -13.74 -0.92 11.66
CA THR C 215 -14.90 -1.78 11.92
C THR C 215 -15.29 -2.65 10.73
N THR C 216 -15.21 -2.10 9.51
CA THR C 216 -15.59 -2.86 8.31
C THR C 216 -14.39 -3.08 7.37
N THR C 217 -13.20 -2.80 7.90
CA THR C 217 -11.95 -2.93 7.15
C THR C 217 -11.80 -4.29 6.47
N PRO C 218 -11.49 -4.31 5.16
CA PRO C 218 -11.26 -5.62 4.53
C PRO C 218 -10.04 -6.34 5.12
N PRO C 219 -10.19 -7.60 5.54
CA PRO C 219 -9.02 -8.31 6.05
C PRO C 219 -8.08 -8.64 4.90
N VAL C 220 -6.78 -8.58 5.17
CA VAL C 220 -5.76 -8.87 4.18
CA VAL C 220 -5.78 -8.93 4.17
CA VAL C 220 -5.76 -8.90 4.17
C VAL C 220 -4.80 -9.93 4.75
N LEU C 221 -4.43 -10.91 3.94
CA LEU C 221 -3.50 -11.92 4.40
C LEU C 221 -2.74 -12.51 3.23
N GLN C 222 -1.44 -12.70 3.41
CA GLN C 222 -0.62 -13.41 2.44
CA GLN C 222 -0.64 -13.41 2.44
C GLN C 222 -0.16 -14.72 3.06
N PHE C 223 0.07 -15.72 2.22
CA PHE C 223 0.53 -17.02 2.69
C PHE C 223 1.35 -17.70 1.62
N THR C 224 2.50 -18.24 2.01
CA THR C 224 3.38 -18.94 1.10
C THR C 224 4.28 -19.85 1.91
N ASN C 225 4.75 -20.92 1.29
CA ASN C 225 5.74 -21.79 1.95
C ASN C 225 7.17 -21.47 1.54
N THR C 226 7.39 -20.28 0.97
CA THR C 226 8.69 -19.93 0.38
C THR C 226 9.41 -18.82 1.14
N LEU C 227 8.83 -18.37 2.25
CA LEU C 227 9.36 -17.24 3.03
CA LEU C 227 9.40 -17.25 3.01
C LEU C 227 10.01 -17.68 4.34
N THR C 228 11.27 -17.32 4.53
CA THR C 228 11.99 -17.65 5.75
C THR C 228 12.29 -16.39 6.57
N THR C 229 11.98 -16.44 7.85
CA THR C 229 12.30 -15.37 8.78
C THR C 229 13.56 -15.74 9.53
N VAL C 230 14.63 -14.98 9.30
CA VAL C 230 15.90 -15.20 10.00
C VAL C 230 15.74 -14.71 11.44
N LEU C 231 16.24 -15.49 12.40
CA LEU C 231 16.10 -15.15 13.82
C LEU C 231 17.42 -14.70 14.46
N LEU C 232 18.48 -14.70 13.67
CA LEU C 232 19.80 -14.30 14.15
C LEU C 232 19.79 -12.81 14.45
N ASP C 233 20.46 -12.40 15.54
CA ASP C 233 20.60 -10.99 15.86
C ASP C 233 21.73 -10.34 15.06
N GLU C 234 22.08 -9.10 15.39
CA GLU C 234 23.13 -8.35 14.70
C GLU C 234 24.52 -9.00 14.84
N ASN C 235 24.68 -9.87 15.82
CA ASN C 235 25.93 -10.60 16.04
C ASN C 235 25.91 -12.01 15.45
N GLY C 236 24.82 -12.34 14.74
CA GLY C 236 24.68 -13.67 14.12
C GLY C 236 24.27 -14.74 15.11
N VAL C 237 23.67 -14.34 16.22
CA VAL C 237 23.23 -15.28 17.26
C VAL C 237 21.70 -15.31 17.37
N GLY C 238 21.12 -16.49 17.21
CA GLY C 238 19.68 -16.67 17.38
C GLY C 238 19.31 -16.88 18.85
N PRO C 239 18.00 -16.96 19.13
CA PRO C 239 17.55 -17.29 20.49
C PRO C 239 18.18 -18.60 21.00
N LEU C 240 18.71 -18.56 22.22
CA LEU C 240 19.33 -19.74 22.83
C LEU C 240 18.35 -20.38 23.80
N CYS C 241 18.12 -21.67 23.61
CA CYS C 241 17.04 -22.34 24.32
C CYS C 241 17.45 -22.85 25.70
N LYS C 242 16.99 -22.13 26.72
CA LYS C 242 17.30 -22.46 28.10
C LYS C 242 16.60 -23.75 28.51
N GLY C 243 17.38 -24.69 29.04
CA GLY C 243 16.86 -26.00 29.41
C GLY C 243 16.16 -26.73 28.26
N GLU C 244 16.68 -26.53 27.05
CA GLU C 244 16.18 -27.19 25.83
C GLU C 244 14.69 -26.98 25.58
N GLY C 245 14.19 -25.81 25.96
CA GLY C 245 12.79 -25.43 25.72
C GLY C 245 12.70 -24.34 24.67
N LEU C 246 11.83 -24.53 23.69
CA LEU C 246 11.59 -23.53 22.64
C LEU C 246 10.19 -22.98 22.81
N TYR C 247 10.07 -21.66 22.86
CA TYR C 247 8.78 -21.00 23.08
C TYR C 247 8.23 -20.37 21.82
N LEU C 248 7.00 -20.74 21.47
CA LEU C 248 6.29 -20.16 20.33
C LEU C 248 5.09 -19.42 20.86
N SER C 249 4.86 -18.21 20.34
CA SER C 249 3.77 -17.35 20.81
C SER C 249 3.13 -16.70 19.61
N CYS C 250 1.80 -16.54 19.62
CA CYS C 250 1.14 -15.85 18.51
C CYS C 250 -0.29 -15.46 18.81
N VAL C 251 -0.81 -14.56 17.97
CA VAL C 251 -2.23 -14.25 17.91
C VAL C 251 -2.50 -13.79 16.48
N ASP C 252 -3.60 -14.25 15.91
CA ASP C 252 -3.96 -13.93 14.54
C ASP C 252 -5.45 -13.67 14.41
N ILE C 253 -5.83 -12.43 14.71
CA ILE C 253 -7.22 -11.99 14.66
C ILE C 253 -7.52 -11.43 13.26
N MET C 254 -8.58 -11.93 12.64
CA MET C 254 -8.94 -11.55 11.26
C MET C 254 -10.03 -10.48 11.20
N GLY C 255 -10.68 -10.24 12.34
CA GLY C 255 -11.81 -9.30 12.41
C GLY C 255 -12.99 -9.94 13.13
N TRP C 256 -14.19 -9.47 12.82
CA TRP C 256 -15.41 -10.03 13.41
C TRP C 256 -16.41 -10.45 12.36
N ARG C 257 -17.23 -11.46 12.69
CA ARG C 257 -18.49 -11.66 11.99
CA ARG C 257 -18.49 -11.65 11.98
C ARG C 257 -19.57 -10.96 12.81
N VAL C 258 -20.66 -10.58 12.14
CA VAL C 258 -21.74 -9.83 12.77
C VAL C 258 -23.04 -10.60 12.53
N THR C 259 -23.80 -10.84 13.59
CA THR C 259 -25.01 -11.66 13.47
C THR C 259 -26.21 -10.80 13.06
N ARG C 260 -27.33 -11.45 12.78
CA ARG C 260 -28.56 -10.76 12.44
C ARG C 260 -29.35 -10.27 13.67
N ASN C 261 -28.80 -10.50 14.85
CA ASN C 261 -29.48 -10.12 16.11
C ASN C 261 -28.70 -9.01 16.80
N TYR C 262 -29.21 -7.79 16.69
CA TYR C 262 -28.60 -6.60 17.29
C TYR C 262 -27.10 -6.44 17.00
N ASP C 263 -26.70 -6.82 15.79
CA ASP C 263 -25.31 -6.65 15.34
C ASP C 263 -24.27 -7.24 16.33
N VAL C 264 -24.59 -8.36 16.97
CA VAL C 264 -23.61 -8.99 17.87
C VAL C 264 -22.37 -9.39 17.08
N HIS C 265 -21.19 -9.01 17.60
CA HIS C 265 -19.92 -9.34 16.94
C HIS C 265 -19.24 -10.55 17.60
N HIS C 266 -18.65 -11.40 16.77
CA HIS C 266 -17.80 -12.48 17.23
C HIS C 266 -16.42 -12.34 16.58
N TRP C 267 -15.37 -12.28 17.40
CA TRP C 267 -13.99 -12.30 16.89
C TRP C 267 -13.72 -13.57 16.10
N ARG C 268 -12.96 -13.47 15.01
CA ARG C 268 -12.46 -14.64 14.29
C ARG C 268 -10.93 -14.70 14.33
N GLY C 269 -10.42 -15.86 14.71
CA GLY C 269 -8.97 -16.14 14.69
C GLY C 269 -8.63 -17.29 13.78
N LEU C 270 -7.39 -17.33 13.32
CA LEU C 270 -6.91 -18.44 12.48
C LEU C 270 -5.64 -19.06 13.09
N PRO C 271 -5.41 -20.35 12.82
CA PRO C 271 -4.23 -21.03 13.35
C PRO C 271 -2.96 -20.62 12.63
N ARG C 272 -1.83 -20.75 13.32
CA ARG C 272 -0.52 -20.42 12.77
C ARG C 272 0.41 -21.61 12.82
N TYR C 273 1.06 -21.86 11.69
CA TYR C 273 2.06 -22.92 11.54
C TYR C 273 3.45 -22.35 11.77
N PHE C 274 4.31 -23.11 12.45
CA PHE C 274 5.72 -22.75 12.63
C PHE C 274 6.59 -23.93 12.20
N LYS C 275 7.65 -23.66 11.45
CA LYS C 275 8.72 -24.64 11.23
C LYS C 275 10.03 -23.95 11.57
N ILE C 276 10.64 -24.40 12.67
CA ILE C 276 11.84 -23.76 13.21
C ILE C 276 13.07 -24.62 12.93
N THR C 277 14.10 -23.99 12.38
CA THR C 277 15.39 -24.66 12.21
C THR C 277 16.31 -24.27 13.36
N LEU C 278 16.89 -25.27 14.02
CA LEU C 278 17.78 -25.03 15.15
C LEU C 278 19.13 -25.71 14.95
N ARG C 279 20.17 -25.12 15.51
CA ARG C 279 21.51 -25.70 15.45
C ARG C 279 22.15 -25.67 16.84
N LYS C 280 23.07 -26.60 17.09
CA LYS C 280 23.78 -26.63 18.36
C LYS C 280 24.90 -25.60 18.37
N ARG C 281 25.02 -24.92 19.51
CA ARG C 281 26.01 -23.86 19.68
C ARG C 281 26.84 -24.14 20.94
N TRP C 282 28.16 -24.09 20.80
CA TRP C 282 29.05 -24.17 21.97
C TRP C 282 28.91 -22.90 22.80
N VAL C 283 28.79 -23.06 24.13
CA VAL C 283 28.69 -21.92 25.05
C VAL C 283 29.57 -22.13 26.29
N LYS C 284 30.00 -21.02 26.90
N LYS C 284 30.00 -21.02 26.89
CA LYS C 284 30.85 -21.07 28.10
CA LYS C 284 30.81 -21.05 28.12
C LYS C 284 30.34 -20.13 29.18
C LYS C 284 30.45 -19.88 29.03
N GLY D 1 15.53 -41.39 -5.52
CA GLY D 1 15.56 -40.04 -6.15
C GLY D 1 15.58 -38.89 -5.16
N MET D 2 16.07 -39.16 -3.94
CA MET D 2 16.07 -38.17 -2.87
C MET D 2 17.40 -37.41 -2.71
N GLU D 3 18.51 -38.05 -3.08
CA GLU D 3 19.81 -37.37 -3.08
C GLU D 3 20.00 -36.59 -4.40
N VAL D 4 20.07 -35.26 -4.29
CA VAL D 4 20.09 -34.37 -5.46
C VAL D 4 21.54 -34.06 -5.88
N LEU D 5 21.87 -34.39 -7.13
CA LEU D 5 23.24 -34.25 -7.65
C LEU D 5 23.35 -33.08 -8.66
N ASP D 6 24.22 -33.25 -9.67
CA ASP D 6 24.47 -32.21 -10.70
C ASP D 6 23.32 -31.98 -11.66
N LEU D 7 23.33 -30.83 -12.34
CA LEU D 7 22.41 -30.60 -13.45
C LEU D 7 22.88 -31.39 -14.66
N VAL D 8 21.93 -31.97 -15.38
CA VAL D 8 22.20 -32.70 -16.63
C VAL D 8 22.44 -31.69 -17.75
N THR D 9 23.45 -31.94 -18.59
CA THR D 9 23.70 -31.08 -19.73
C THR D 9 23.51 -31.85 -21.03
N GLY D 10 23.43 -31.11 -22.13
CA GLY D 10 23.33 -31.70 -23.46
C GLY D 10 22.01 -31.40 -24.15
N PRO D 11 21.82 -31.98 -25.35
CA PRO D 11 20.61 -31.72 -26.14
C PRO D 11 19.34 -32.02 -25.35
N ASP D 12 18.40 -31.08 -25.39
CA ASP D 12 17.08 -31.26 -24.77
C ASP D 12 17.11 -31.41 -23.25
N SER D 13 18.17 -30.92 -22.60
CA SER D 13 18.26 -30.98 -21.13
C SER D 13 17.40 -29.94 -20.42
N VAL D 14 16.99 -28.90 -21.14
CA VAL D 14 16.09 -27.87 -20.60
C VAL D 14 14.85 -27.78 -21.49
N THR D 15 13.68 -27.65 -20.88
CA THR D 15 12.43 -27.49 -21.62
C THR D 15 11.56 -26.39 -21.01
N GLU D 16 10.67 -25.84 -21.83
CA GLU D 16 9.64 -24.91 -21.35
C GLU D 16 8.30 -25.45 -21.75
N ILE D 17 7.37 -25.46 -20.80
CA ILE D 17 6.01 -25.90 -21.10
CA ILE D 17 6.00 -25.94 -21.05
C ILE D 17 4.99 -24.87 -20.62
N GLU D 18 3.90 -24.76 -21.36
CA GLU D 18 2.91 -23.76 -21.02
C GLU D 18 1.52 -24.37 -20.92
N ALA D 19 0.68 -23.72 -20.12
CA ALA D 19 -0.69 -24.15 -19.92
C ALA D 19 -1.50 -22.99 -19.39
N PHE D 20 -2.79 -23.02 -19.69
CA PHE D 20 -3.79 -22.14 -19.09
CA PHE D 20 -3.72 -22.15 -19.03
C PHE D 20 -4.72 -22.99 -18.26
N LEU D 21 -5.06 -22.50 -17.07
CA LEU D 21 -6.10 -23.14 -16.26
CA LEU D 21 -6.09 -23.12 -16.24
CA LEU D 21 -6.09 -23.12 -16.24
C LEU D 21 -7.29 -22.19 -16.16
N ASN D 22 -8.43 -22.63 -16.68
CA ASN D 22 -9.65 -21.81 -16.61
C ASN D 22 -10.25 -21.88 -15.21
N PRO D 23 -10.92 -20.80 -14.78
CA PRO D 23 -11.45 -20.75 -13.41
C PRO D 23 -12.59 -21.73 -13.21
N ARG D 24 -12.82 -22.12 -11.97
CA ARG D 24 -13.90 -23.06 -11.63
C ARG D 24 -14.77 -22.43 -10.54
N MET D 25 -15.59 -21.47 -10.96
CA MET D 25 -16.36 -20.66 -10.03
C MET D 25 -17.70 -21.28 -9.60
N GLY D 26 -18.17 -22.28 -10.33
CA GLY D 26 -19.42 -22.94 -9.96
C GLY D 26 -20.19 -23.48 -11.14
N GLN D 27 -20.35 -22.66 -12.18
CA GLN D 27 -20.96 -23.16 -13.40
C GLN D 27 -19.93 -23.96 -14.20
N PRO D 28 -20.23 -25.22 -14.54
CA PRO D 28 -19.31 -26.01 -15.36
C PRO D 28 -19.21 -25.47 -16.79
N PRO D 29 -18.19 -25.92 -17.57
CA PRO D 29 -18.02 -25.46 -18.95
C PRO D 29 -19.19 -25.80 -19.86
N THR D 30 -19.91 -26.89 -19.56
CA THR D 30 -21.09 -27.27 -20.32
C THR D 30 -22.32 -27.23 -19.39
N PRO D 31 -23.53 -27.01 -19.94
CA PRO D 31 -23.86 -26.80 -21.35
C PRO D 31 -23.23 -25.52 -21.91
N GLU D 32 -22.89 -25.56 -23.20
CA GLU D 32 -22.28 -24.41 -23.87
C GLU D 32 -23.32 -23.35 -24.22
N SER D 33 -24.59 -23.74 -24.33
CA SER D 33 -25.67 -22.83 -24.69
C SER D 33 -25.72 -21.58 -23.82
N LEU D 34 -25.83 -20.43 -24.47
CA LEU D 34 -25.87 -19.14 -23.75
C LEU D 34 -27.24 -18.80 -23.19
N THR D 35 -28.21 -19.71 -23.34
CA THR D 35 -29.51 -19.56 -22.68
C THR D 35 -29.74 -20.64 -21.61
N GLU D 36 -29.04 -21.77 -21.74
CA GLU D 36 -29.28 -22.92 -20.85
C GLU D 36 -28.29 -23.05 -19.69
N GLY D 37 -27.54 -21.98 -19.42
CA GLY D 37 -26.62 -21.98 -18.28
C GLY D 37 -25.20 -21.58 -18.61
N GLY D 38 -24.82 -21.78 -19.88
CA GLY D 38 -23.48 -21.45 -20.36
C GLY D 38 -23.13 -19.98 -20.21
N GLN D 39 -24.16 -19.13 -20.16
CA GLN D 39 -23.95 -17.68 -19.94
C GLN D 39 -23.29 -17.40 -18.58
N TYR D 40 -23.32 -18.39 -17.68
CA TYR D 40 -22.69 -18.24 -16.37
C TYR D 40 -21.26 -18.79 -16.30
N TYR D 41 -20.75 -19.34 -17.40
CA TYR D 41 -19.40 -19.92 -17.35
C TYR D 41 -18.33 -18.83 -17.14
N GLY D 42 -17.46 -19.06 -16.15
CA GLY D 42 -16.53 -18.04 -15.68
C GLY D 42 -17.03 -17.40 -14.39
N TRP D 43 -18.26 -17.75 -14.01
CA TRP D 43 -18.93 -17.20 -12.83
C TRP D 43 -19.52 -18.32 -11.99
N SER D 44 -19.94 -18.00 -10.77
CA SER D 44 -20.76 -18.94 -10.01
C SER D 44 -22.21 -18.73 -10.42
N ARG D 45 -23.07 -19.64 -10.00
CA ARG D 45 -24.50 -19.35 -10.02
C ARG D 45 -24.83 -18.49 -8.78
N GLY D 46 -26.05 -17.99 -8.69
CA GLY D 46 -26.42 -17.04 -7.63
C GLY D 46 -26.21 -17.62 -6.24
N ILE D 47 -25.44 -16.92 -5.42
CA ILE D 47 -25.12 -17.41 -4.07
C ILE D 47 -26.41 -17.51 -3.23
N ASN D 48 -26.67 -18.70 -2.69
CA ASN D 48 -27.85 -18.93 -1.84
C ASN D 48 -27.47 -18.93 -0.37
N LEU D 49 -28.30 -18.31 0.45
CA LEU D 49 -27.95 -18.09 1.86
C LEU D 49 -28.62 -19.08 2.80
N ALA D 50 -27.97 -19.31 3.94
CA ALA D 50 -28.55 -20.09 5.02
C ALA D 50 -29.92 -19.53 5.42
N THR D 51 -30.81 -20.41 5.85
CA THR D 51 -32.15 -19.98 6.27
C THR D 51 -32.29 -19.84 7.78
N SER D 52 -31.27 -20.29 8.52
CA SER D 52 -31.20 -20.12 9.96
C SER D 52 -29.78 -20.43 10.40
N ASP D 53 -29.51 -20.23 11.69
CA ASP D 53 -28.21 -20.55 12.28
C ASP D 53 -27.84 -22.03 12.16
N THR D 54 -28.83 -22.88 11.89
CA THR D 54 -28.59 -24.33 11.83
C THR D 54 -28.91 -24.95 10.46
N GLU D 55 -29.18 -24.11 9.47
CA GLU D 55 -29.57 -24.57 8.14
C GLU D 55 -28.82 -23.83 7.03
N ASP D 56 -27.58 -24.26 6.80
CA ASP D 56 -26.71 -23.67 5.81
C ASP D 56 -26.37 -24.72 4.75
N SER D 57 -27.08 -24.67 3.62
CA SER D 57 -26.91 -25.66 2.55
C SER D 57 -26.55 -24.98 1.21
N PRO D 58 -25.27 -24.63 1.03
CA PRO D 58 -24.87 -23.96 -0.22
C PRO D 58 -24.97 -24.90 -1.42
N GLY D 59 -25.44 -24.37 -2.54
CA GLY D 59 -25.47 -25.16 -3.78
C GLY D 59 -24.04 -25.38 -4.27
N ASN D 60 -23.78 -26.55 -4.85
CA ASN D 60 -22.43 -26.83 -5.40
C ASN D 60 -21.97 -25.78 -6.40
N ASN D 61 -22.89 -25.34 -7.26
CA ASN D 61 -22.57 -24.34 -8.29
C ASN D 61 -22.43 -22.91 -7.76
N THR D 62 -22.47 -22.74 -6.44
CA THR D 62 -22.21 -21.44 -5.81
C THR D 62 -20.85 -21.41 -5.11
N LEU D 63 -20.16 -22.54 -5.14
CA LEU D 63 -18.88 -22.67 -4.43
C LEU D 63 -17.68 -22.75 -5.39
N PRO D 64 -16.85 -21.70 -5.44
CA PRO D 64 -15.62 -21.78 -6.23
C PRO D 64 -14.72 -22.92 -5.75
N THR D 65 -14.11 -23.64 -6.70
CA THR D 65 -13.23 -24.76 -6.38
C THR D 65 -11.86 -24.53 -6.99
N TRP D 66 -10.88 -25.30 -6.53
CA TRP D 66 -9.53 -25.22 -7.06
C TRP D 66 -9.48 -25.67 -8.52
N SER D 67 -8.71 -24.93 -9.33
CA SER D 67 -8.30 -25.40 -10.65
C SER D 67 -7.01 -26.19 -10.50
N MET D 68 -6.89 -27.28 -11.27
CA MET D 68 -5.64 -28.00 -11.32
CA MET D 68 -5.70 -28.12 -11.25
C MET D 68 -5.45 -28.73 -12.64
N ALA D 69 -4.19 -28.95 -12.97
CA ALA D 69 -3.82 -29.73 -14.15
C ALA D 69 -2.56 -30.49 -13.82
N LYS D 70 -2.49 -31.72 -14.32
CA LYS D 70 -1.27 -32.50 -14.27
C LYS D 70 -0.73 -32.58 -15.69
N LEU D 71 0.50 -32.12 -15.87
CA LEU D 71 1.17 -32.20 -17.16
C LEU D 71 2.19 -33.32 -17.15
N GLN D 72 2.18 -34.14 -18.20
CA GLN D 72 3.10 -35.25 -18.30
C GLN D 72 4.33 -34.82 -19.11
N LEU D 73 5.49 -34.92 -18.49
CA LEU D 73 6.74 -34.52 -19.11
C LEU D 73 7.40 -35.70 -19.83
N PRO D 74 8.38 -35.43 -20.71
CA PRO D 74 9.05 -36.53 -21.41
C PRO D 74 9.71 -37.52 -20.45
N MET D 75 9.54 -38.82 -20.71
CA MET D 75 10.10 -39.88 -19.86
C MET D 75 11.62 -39.82 -19.90
N LEU D 76 12.25 -39.99 -18.74
CA LEU D 76 13.72 -39.84 -18.63
C LEU D 76 14.52 -41.12 -18.40
N ASN D 77 13.94 -42.05 -17.65
CA ASN D 77 14.68 -43.23 -17.21
C ASN D 77 14.16 -44.54 -17.82
N GLU D 78 14.93 -45.12 -18.73
CA GLU D 78 14.57 -46.41 -19.31
C GLU D 78 14.54 -47.51 -18.24
N ASP D 79 15.37 -47.35 -17.21
CA ASP D 79 15.52 -48.37 -16.17
C ASP D 79 15.66 -47.72 -14.79
N LEU D 80 14.61 -47.87 -13.98
CA LEU D 80 14.57 -47.27 -12.64
CA LEU D 80 14.57 -47.27 -12.63
C LEU D 80 15.48 -47.96 -11.61
N THR D 81 16.11 -49.06 -12.01
CA THR D 81 17.05 -49.76 -11.12
C THR D 81 18.48 -49.22 -11.23
N CYS D 82 18.70 -48.28 -12.15
CA CYS D 82 20.00 -47.63 -12.29
CA CYS D 82 20.01 -47.62 -12.29
C CYS D 82 20.32 -46.85 -11.01
N ASP D 83 21.59 -46.90 -10.58
CA ASP D 83 22.00 -46.23 -9.34
CA ASP D 83 21.98 -46.24 -9.33
C ASP D 83 21.77 -44.73 -9.38
N THR D 84 22.05 -44.12 -10.53
CA THR D 84 21.83 -42.70 -10.73
C THR D 84 20.75 -42.50 -11.80
N LEU D 85 19.77 -41.67 -11.49
CA LEU D 85 18.64 -41.41 -12.38
C LEU D 85 18.54 -39.93 -12.69
N GLN D 86 17.58 -39.57 -13.54
CA GLN D 86 17.29 -38.17 -13.84
C GLN D 86 15.85 -37.85 -13.50
N MET D 87 15.60 -36.62 -13.06
CA MET D 87 14.26 -36.12 -12.84
C MET D 87 14.14 -34.73 -13.44
N TRP D 88 12.93 -34.38 -13.87
CA TRP D 88 12.63 -33.03 -14.26
C TRP D 88 12.51 -32.15 -13.01
N GLU D 89 13.19 -31.01 -13.06
CA GLU D 89 13.18 -30.04 -11.98
C GLU D 89 12.56 -28.74 -12.47
N ALA D 90 11.51 -28.27 -11.79
CA ALA D 90 10.89 -26.98 -12.15
C ALA D 90 11.73 -25.86 -11.55
N VAL D 91 12.34 -25.05 -12.40
CA VAL D 91 13.27 -23.99 -12.00
C VAL D 91 12.55 -22.68 -11.71
N SER D 92 11.58 -22.36 -12.56
CA SER D 92 10.91 -21.07 -12.49
C SER D 92 9.60 -21.12 -13.26
N VAL D 93 8.75 -20.13 -13.00
CA VAL D 93 7.49 -20.03 -13.71
C VAL D 93 7.17 -18.57 -13.98
N LYS D 94 6.71 -18.29 -15.18
CA LYS D 94 6.07 -17.01 -15.47
C LYS D 94 4.58 -17.26 -15.43
N THR D 95 3.89 -16.60 -14.50
CA THR D 95 2.46 -16.81 -14.36
C THR D 95 1.72 -15.47 -14.43
N GLU D 96 0.52 -15.51 -15.00
CA GLU D 96 -0.25 -14.30 -15.24
CA GLU D 96 -0.26 -14.29 -15.24
C GLU D 96 -1.74 -14.59 -15.18
N VAL D 97 -2.49 -13.71 -14.53
CA VAL D 97 -3.95 -13.81 -14.52
C VAL D 97 -4.46 -12.92 -15.65
N VAL D 98 -5.21 -13.52 -16.57
CA VAL D 98 -5.58 -12.85 -17.82
C VAL D 98 -7.03 -12.39 -17.78
N GLY D 99 -7.26 -11.17 -18.25
CA GLY D 99 -8.62 -10.69 -18.53
C GLY D 99 -9.18 -9.64 -17.59
N SER D 100 -8.34 -9.03 -16.76
CA SER D 100 -8.83 -8.01 -15.83
C SER D 100 -9.51 -6.85 -16.57
N GLY D 101 -9.04 -6.56 -17.77
CA GLY D 101 -9.65 -5.52 -18.62
C GLY D 101 -11.14 -5.75 -18.86
N SER D 102 -11.57 -7.01 -18.87
CA SER D 102 -12.99 -7.32 -19.07
C SER D 102 -13.88 -6.77 -17.94
N LEU D 103 -13.28 -6.50 -16.79
CA LEU D 103 -14.03 -5.92 -15.66
C LEU D 103 -14.40 -4.46 -15.91
N LEU D 104 -13.82 -3.89 -16.97
CA LEU D 104 -14.16 -2.53 -17.42
C LEU D 104 -15.50 -2.47 -18.16
N ASP D 105 -16.14 -3.63 -18.36
CA ASP D 105 -17.52 -3.64 -18.85
C ASP D 105 -18.46 -3.18 -17.73
N VAL D 106 -18.86 -1.91 -17.78
CA VAL D 106 -19.84 -1.37 -16.83
C VAL D 106 -21.10 -0.93 -17.59
N HIS D 107 -21.37 -1.62 -18.70
CA HIS D 107 -22.55 -1.29 -19.52
C HIS D 107 -23.62 -2.40 -19.53
N GLY D 108 -23.43 -3.42 -18.70
CA GLY D 108 -24.36 -4.55 -18.61
C GLY D 108 -25.58 -4.28 -17.74
N PHE D 109 -26.18 -5.35 -17.24
CA PHE D 109 -27.47 -5.27 -16.55
C PHE D 109 -27.33 -5.60 -15.05
N ASN D 110 -26.15 -5.33 -14.48
CA ASN D 110 -25.95 -5.50 -13.04
C ASN D 110 -26.74 -4.45 -12.27
N LYS D 111 -26.79 -4.57 -10.95
CA LYS D 111 -27.34 -3.51 -10.12
C LYS D 111 -26.71 -2.18 -10.55
N PRO D 112 -27.53 -1.17 -10.86
CA PRO D 112 -26.95 0.08 -11.35
C PRO D 112 -26.52 0.98 -10.19
N THR D 113 -25.65 1.95 -10.49
CA THR D 113 -25.15 2.86 -9.45
C THR D 113 -26.14 3.96 -9.05
N ASP D 114 -27.07 4.30 -9.94
CA ASP D 114 -28.16 5.21 -9.61
C ASP D 114 -29.42 4.38 -9.42
N THR D 115 -29.73 4.06 -8.17
CA THR D 115 -30.87 3.20 -7.86
C THR D 115 -32.21 3.94 -7.80
N VAL D 116 -32.18 5.27 -7.72
CA VAL D 116 -33.41 6.05 -7.80
C VAL D 116 -34.00 5.96 -9.19
N ASN D 117 -33.15 6.14 -10.20
CA ASN D 117 -33.62 6.21 -11.59
C ASN D 117 -33.30 4.99 -12.43
N THR D 118 -32.57 4.03 -11.84
CA THR D 118 -32.06 2.85 -12.56
C THR D 118 -31.20 3.31 -13.73
N LYS D 119 -30.14 4.04 -13.38
CA LYS D 119 -29.26 4.71 -14.34
C LYS D 119 -27.83 4.63 -13.81
N GLY D 120 -26.95 5.50 -14.32
CA GLY D 120 -25.54 5.46 -13.88
C GLY D 120 -24.78 4.43 -14.69
N ILE D 121 -24.04 3.56 -14.01
CA ILE D 121 -23.37 2.45 -14.69
C ILE D 121 -23.77 1.13 -14.05
N SER D 122 -23.51 0.05 -14.77
CA SER D 122 -23.68 -1.30 -14.26
C SER D 122 -22.54 -1.55 -13.28
N THR D 123 -22.87 -1.78 -12.02
CA THR D 123 -21.82 -1.87 -10.98
C THR D 123 -20.79 -2.93 -11.37
N PRO D 124 -19.49 -2.56 -11.35
CA PRO D 124 -18.48 -3.55 -11.73
C PRO D 124 -18.24 -4.56 -10.61
N VAL D 125 -17.54 -5.64 -10.95
CA VAL D 125 -17.17 -6.68 -9.99
C VAL D 125 -16.38 -6.06 -8.85
N GLU D 126 -16.77 -6.37 -7.60
CA GLU D 126 -16.13 -5.83 -6.40
C GLU D 126 -16.15 -6.88 -5.30
N GLY D 127 -15.34 -6.65 -4.27
CA GLY D 127 -15.46 -7.42 -3.03
C GLY D 127 -14.26 -8.31 -2.75
N SER D 128 -14.55 -9.48 -2.19
CA SER D 128 -13.51 -10.38 -1.72
C SER D 128 -12.74 -11.02 -2.88
N GLN D 129 -11.42 -11.04 -2.73
CA GLN D 129 -10.52 -11.53 -3.78
C GLN D 129 -9.58 -12.56 -3.22
N TYR D 130 -9.24 -13.55 -4.04
CA TYR D 130 -8.44 -14.66 -3.57
C TYR D 130 -7.60 -15.14 -4.73
N HIS D 131 -6.29 -15.08 -4.57
CA HIS D 131 -5.36 -15.49 -5.63
C HIS D 131 -4.32 -16.42 -5.07
N VAL D 132 -4.31 -17.66 -5.56
CA VAL D 132 -3.30 -18.63 -5.14
C VAL D 132 -2.83 -19.36 -6.39
N PHE D 133 -1.52 -19.59 -6.49
CA PHE D 133 -1.02 -20.54 -7.48
C PHE D 133 0.04 -21.41 -6.86
N ALA D 134 0.21 -22.59 -7.44
CA ALA D 134 1.21 -23.55 -6.97
C ALA D 134 1.78 -24.30 -8.16
N VAL D 135 3.06 -24.66 -8.05
CA VAL D 135 3.73 -25.51 -9.00
C VAL D 135 4.49 -26.55 -8.18
N GLY D 136 4.25 -27.83 -8.49
CA GLY D 136 4.90 -28.90 -7.76
C GLY D 136 5.10 -30.18 -8.55
N GLY D 137 5.85 -31.10 -7.97
CA GLY D 137 6.16 -32.39 -8.59
C GLY D 137 5.25 -33.51 -8.12
N GLU D 138 4.20 -33.16 -7.39
CA GLU D 138 3.15 -34.07 -6.92
C GLU D 138 1.93 -33.20 -6.58
N PRO D 139 0.75 -33.81 -6.30
CA PRO D 139 -0.41 -32.97 -6.02
C PRO D 139 -0.19 -32.03 -4.84
N LEU D 140 -0.81 -30.86 -4.91
CA LEU D 140 -0.82 -29.92 -3.79
C LEU D 140 -1.48 -30.58 -2.58
N ASP D 141 -0.77 -30.57 -1.45
CA ASP D 141 -1.33 -31.09 -0.20
C ASP D 141 -2.28 -30.06 0.39
N LEU D 142 -3.46 -30.54 0.79
CA LEU D 142 -4.52 -29.65 1.29
C LEU D 142 -4.82 -29.90 2.76
N GLN D 143 -5.10 -28.80 3.47
CA GLN D 143 -5.55 -28.84 4.86
C GLN D 143 -6.93 -28.21 4.92
N GLY D 144 -7.89 -28.94 5.47
CA GLY D 144 -9.25 -28.43 5.61
C GLY D 144 -9.38 -27.48 6.80
N LEU D 145 -10.20 -26.44 6.62
CA LEU D 145 -10.56 -25.52 7.68
C LEU D 145 -11.76 -24.74 7.17
N VAL D 146 -12.84 -24.76 7.93
CA VAL D 146 -14.10 -24.13 7.52
C VAL D 146 -14.55 -23.02 8.45
N THR D 147 -15.43 -22.16 7.94
CA THR D 147 -16.13 -21.18 8.78
C THR D 147 -17.03 -21.88 9.82
N ASP D 148 -17.78 -22.89 9.35
CA ASP D 148 -18.82 -23.50 10.17
C ASP D 148 -18.85 -25.00 9.94
N ALA D 149 -18.49 -25.78 10.96
CA ALA D 149 -18.51 -27.24 10.90
C ALA D 149 -19.92 -27.80 10.73
N ARG D 150 -20.93 -26.94 10.89
CA ARG D 150 -22.32 -27.34 10.71
C ARG D 150 -22.82 -27.18 9.27
N THR D 151 -22.03 -26.52 8.43
CA THR D 151 -22.41 -26.31 7.02
C THR D 151 -22.75 -27.65 6.35
N LYS D 152 -23.91 -27.70 5.73
CA LYS D 152 -24.41 -28.92 5.11
C LYS D 152 -24.02 -28.96 3.64
N TYR D 153 -22.73 -29.21 3.37
CA TYR D 153 -22.26 -29.37 2.00
C TYR D 153 -22.91 -30.60 1.39
N LYS D 154 -23.22 -30.53 0.10
CA LYS D 154 -23.71 -31.70 -0.64
C LYS D 154 -22.68 -32.84 -0.55
N GLU D 155 -23.15 -34.08 -0.49
CA GLU D 155 -22.23 -35.22 -0.50
C GLU D 155 -21.69 -35.50 -1.91
N GLU D 156 -22.57 -35.38 -2.90
CA GLU D 156 -22.17 -35.58 -4.29
CA GLU D 156 -22.18 -35.58 -4.29
C GLU D 156 -21.91 -34.24 -4.97
N GLY D 157 -20.82 -34.17 -5.71
CA GLY D 157 -20.52 -32.99 -6.53
C GLY D 157 -19.38 -32.11 -6.06
N VAL D 158 -19.00 -32.25 -4.79
CA VAL D 158 -17.84 -31.55 -4.22
C VAL D 158 -17.09 -32.51 -3.30
N VAL D 159 -15.76 -32.39 -3.26
CA VAL D 159 -14.97 -33.14 -2.29
C VAL D 159 -14.81 -32.26 -1.06
N THR D 160 -15.37 -32.70 0.06
CA THR D 160 -15.34 -31.91 1.31
C THR D 160 -14.72 -32.75 2.42
N ILE D 161 -14.65 -32.21 3.64
CA ILE D 161 -14.00 -32.94 4.74
C ILE D 161 -14.65 -34.31 4.96
N LYS D 162 -15.99 -34.33 4.97
CA LYS D 162 -16.74 -35.59 5.15
C LYS D 162 -16.41 -36.63 4.05
N THR D 163 -16.18 -36.16 2.82
CA THR D 163 -15.77 -37.04 1.72
C THR D 163 -14.53 -37.85 2.14
N ILE D 164 -13.59 -37.17 2.80
CA ILE D 164 -12.33 -37.78 3.21
C ILE D 164 -12.47 -38.67 4.45
N THR D 165 -13.08 -38.13 5.50
CA THR D 165 -13.13 -38.81 6.80
C THR D 165 -14.24 -39.85 6.91
N LYS D 166 -15.25 -39.73 6.04
CA LYS D 166 -16.49 -40.54 6.10
C LYS D 166 -17.35 -40.24 7.34
N LYS D 167 -17.03 -39.14 8.01
CA LYS D 167 -17.73 -38.70 9.21
CA LYS D 167 -17.77 -38.70 9.19
C LYS D 167 -18.07 -37.21 9.10
N ASP D 168 -19.08 -36.78 9.86
CA ASP D 168 -19.42 -35.35 9.88
C ASP D 168 -18.25 -34.53 10.42
N MET D 169 -18.18 -33.28 10.00
CA MET D 169 -17.20 -32.35 10.53
C MET D 169 -17.32 -32.20 12.04
N VAL D 170 -16.18 -31.94 12.69
CA VAL D 170 -16.15 -31.70 14.13
C VAL D 170 -15.80 -30.22 14.38
N ASN D 171 -16.01 -29.75 15.61
CA ASN D 171 -15.74 -28.34 15.91
C ASN D 171 -14.29 -27.91 15.66
N LYS D 172 -13.37 -28.87 15.79
CA LYS D 172 -11.95 -28.63 15.51
C LYS D 172 -11.68 -28.27 14.05
N ASP D 173 -12.61 -28.62 13.15
CA ASP D 173 -12.48 -28.28 11.73
C ASP D 173 -12.65 -26.79 11.45
N GLN D 174 -13.07 -26.04 12.48
CA GLN D 174 -13.13 -24.58 12.39
C GLN D 174 -11.79 -23.94 12.73
N VAL D 175 -10.88 -24.75 13.25
CA VAL D 175 -9.48 -24.34 13.44
C VAL D 175 -8.62 -25.37 12.69
N LEU D 176 -7.40 -25.66 13.17
CA LEU D 176 -6.53 -26.64 12.52
CA LEU D 176 -6.58 -26.65 12.50
C LEU D 176 -6.75 -28.03 13.13
N ASN D 177 -7.37 -28.92 12.35
CA ASN D 177 -7.55 -30.32 12.71
C ASN D 177 -6.72 -31.16 11.74
N PRO D 178 -5.58 -31.73 12.20
CA PRO D 178 -4.67 -32.42 11.28
C PRO D 178 -5.25 -33.68 10.64
N ILE D 179 -6.39 -34.15 11.13
CA ILE D 179 -7.08 -35.28 10.51
C ILE D 179 -7.67 -34.87 9.14
N SER D 180 -8.07 -33.61 9.03
CA SER D 180 -8.80 -33.17 7.84
C SER D 180 -7.85 -32.72 6.73
N LYS D 181 -7.27 -33.70 6.04
CA LYS D 181 -6.29 -33.45 4.98
C LYS D 181 -6.72 -34.15 3.70
N ALA D 182 -6.29 -33.61 2.57
CA ALA D 182 -6.56 -34.19 1.26
C ALA D 182 -5.45 -33.78 0.28
N LYS D 183 -5.55 -34.27 -0.96
CA LYS D 183 -4.64 -33.86 -2.01
C LYS D 183 -5.45 -33.32 -3.17
N LEU D 184 -4.95 -32.24 -3.79
CA LEU D 184 -5.65 -31.64 -4.92
C LEU D 184 -5.41 -32.48 -6.18
N ASP D 185 -6.27 -33.49 -6.38
CA ASP D 185 -6.05 -34.47 -7.43
C ASP D 185 -7.10 -34.43 -8.54
N LYS D 186 -8.00 -33.45 -8.45
CA LYS D 186 -9.06 -33.28 -9.44
C LYS D 186 -9.44 -31.81 -9.58
N ASP D 187 -9.59 -31.38 -10.84
CA ASP D 187 -10.00 -30.03 -11.18
C ASP D 187 -11.49 -29.79 -10.85
N GLY D 188 -11.80 -28.60 -10.35
CA GLY D 188 -13.19 -28.16 -10.17
C GLY D 188 -14.02 -28.94 -9.16
N MET D 189 -13.37 -29.46 -8.11
CA MET D 189 -14.04 -30.33 -7.13
C MET D 189 -13.81 -29.96 -5.65
N TYR D 190 -12.67 -29.32 -5.35
CA TYR D 190 -12.29 -29.01 -3.96
C TYR D 190 -12.60 -27.54 -3.64
N PRO D 191 -13.65 -27.27 -2.83
CA PRO D 191 -14.01 -25.88 -2.57
C PRO D 191 -12.92 -25.08 -1.86
N VAL D 192 -12.66 -23.86 -2.33
CA VAL D 192 -11.60 -23.02 -1.76
C VAL D 192 -11.95 -22.46 -0.37
N GLU D 193 -13.24 -22.49 0.01
CA GLU D 193 -13.63 -22.09 1.38
C GLU D 193 -13.40 -23.22 2.39
N ILE D 194 -12.99 -24.39 1.89
CA ILE D 194 -12.72 -25.57 2.74
C ILE D 194 -11.24 -25.95 2.75
N TRP D 195 -10.63 -25.97 1.56
CA TRP D 195 -9.31 -26.58 1.38
C TRP D 195 -8.19 -25.58 1.12
N HIS D 196 -7.19 -25.60 1.98
CA HIS D 196 -6.08 -24.63 1.96
C HIS D 196 -4.76 -25.36 1.76
N PRO D 197 -3.75 -24.69 1.18
CA PRO D 197 -2.46 -25.35 1.09
C PRO D 197 -1.97 -25.77 2.48
N ASP D 198 -1.50 -27.00 2.60
CA ASP D 198 -1.04 -27.54 3.87
C ASP D 198 0.43 -27.16 4.12
N PRO D 199 0.69 -26.25 5.08
CA PRO D 199 2.06 -25.83 5.32
C PRO D 199 2.91 -26.91 6.00
N ALA D 200 2.27 -27.92 6.56
CA ALA D 200 2.98 -29.03 7.22
C ALA D 200 3.51 -30.05 6.22
N LYS D 201 3.06 -29.95 4.97
CA LYS D 201 3.53 -30.85 3.92
C LYS D 201 4.06 -30.00 2.76
N ASN D 202 3.73 -30.34 1.52
CA ASN D 202 4.14 -29.55 0.34
C ASN D 202 5.65 -29.28 0.23
N GLU D 203 6.45 -30.29 0.60
CA GLU D 203 7.91 -30.16 0.52
C GLU D 203 8.39 -30.08 -0.93
N ASN D 204 7.57 -30.59 -1.85
CA ASN D 204 7.92 -30.69 -3.26
C ASN D 204 7.02 -29.83 -4.13
N THR D 205 6.45 -28.78 -3.53
CA THR D 205 5.58 -27.82 -4.20
C THR D 205 5.88 -26.44 -3.65
N ARG D 206 5.82 -25.42 -4.50
CA ARG D 206 5.85 -24.04 -4.03
C ARG D 206 4.48 -23.43 -4.27
N TYR D 207 3.92 -22.80 -3.25
CA TYR D 207 2.64 -22.12 -3.41
C TYR D 207 2.71 -20.69 -2.89
N PHE D 208 1.87 -19.84 -3.47
CA PHE D 208 1.87 -18.40 -3.19
C PHE D 208 0.43 -17.93 -3.18
N GLY D 209 -0.02 -17.37 -2.07
CA GLY D 209 -1.42 -16.97 -1.95
C GLY D 209 -1.65 -15.62 -1.30
N ASN D 210 -2.77 -15.00 -1.67
CA ASN D 210 -3.21 -13.80 -0.99
C ASN D 210 -4.72 -13.66 -0.97
N TYR D 211 -5.20 -13.04 0.11
CA TYR D 211 -6.62 -12.85 0.34
C TYR D 211 -6.85 -11.37 0.67
N THR D 212 -7.88 -10.80 0.07
CA THR D 212 -8.37 -9.48 0.44
C THR D 212 -9.88 -9.59 0.58
N GLY D 213 -10.42 -9.17 1.72
CA GLY D 213 -11.84 -9.35 2.00
C GLY D 213 -12.74 -8.18 1.65
N GLY D 214 -13.86 -8.09 2.36
CA GLY D 214 -14.82 -7.00 2.18
C GLY D 214 -15.91 -7.32 1.17
N THR D 215 -16.81 -6.35 0.98
CA THR D 215 -17.97 -6.56 0.11
C THR D 215 -17.92 -5.70 -1.15
N THR D 216 -17.43 -4.47 -1.03
CA THR D 216 -17.39 -3.56 -2.18
C THR D 216 -15.95 -3.17 -2.53
N THR D 217 -15.00 -3.90 -1.98
CA THR D 217 -13.56 -3.66 -2.16
C THR D 217 -13.17 -3.60 -3.64
N PRO D 218 -12.43 -2.55 -4.05
CA PRO D 218 -12.00 -2.50 -5.45
C PRO D 218 -11.04 -3.66 -5.75
N PRO D 219 -11.31 -4.41 -6.84
CA PRO D 219 -10.34 -5.46 -7.18
C PRO D 219 -9.07 -4.83 -7.74
N VAL D 220 -7.93 -5.46 -7.44
CA VAL D 220 -6.63 -4.98 -7.89
C VAL D 220 -5.91 -6.14 -8.56
N LEU D 221 -5.27 -5.87 -9.68
CA LEU D 221 -4.48 -6.91 -10.36
C LEU D 221 -3.37 -6.29 -11.17
N GLN D 222 -2.22 -6.96 -11.18
CA GLN D 222 -1.08 -6.58 -12.03
CA GLN D 222 -1.12 -6.56 -12.05
C GLN D 222 -0.82 -7.71 -13.00
N PHE D 223 -0.29 -7.38 -14.18
CA PHE D 223 0.03 -8.40 -15.17
C PHE D 223 1.17 -7.91 -16.06
N THR D 224 2.12 -8.79 -16.34
CA THR D 224 3.26 -8.47 -17.19
C THR D 224 3.86 -9.79 -17.68
N ASN D 225 4.49 -9.77 -18.85
CA ASN D 225 5.23 -10.96 -19.31
C ASN D 225 6.72 -10.91 -18.93
N THR D 226 7.07 -10.03 -18.00
CA THR D 226 8.48 -9.80 -17.66
C THR D 226 8.85 -10.29 -16.26
N LEU D 227 7.89 -10.91 -15.57
CA LEU D 227 8.07 -11.30 -14.17
C LEU D 227 8.23 -12.81 -14.04
N THR D 228 9.38 -13.22 -13.53
CA THR D 228 9.68 -14.63 -13.31
C THR D 228 9.63 -14.96 -11.83
N THR D 229 8.88 -16.01 -11.50
CA THR D 229 8.84 -16.53 -10.14
C THR D 229 9.83 -17.69 -10.02
N VAL D 230 10.87 -17.51 -9.20
CA VAL D 230 11.87 -18.57 -8.99
C VAL D 230 11.27 -19.65 -8.10
N LEU D 231 11.51 -20.91 -8.46
CA LEU D 231 10.93 -22.04 -7.72
C LEU D 231 11.96 -22.84 -6.92
N LEU D 232 13.21 -22.42 -7.00
CA LEU D 232 14.30 -23.09 -6.28
C LEU D 232 14.16 -22.84 -4.78
N ASP D 233 14.43 -23.86 -3.98
CA ASP D 233 14.44 -23.71 -2.52
C ASP D 233 15.76 -23.08 -2.05
N GLU D 234 15.94 -23.01 -0.72
CA GLU D 234 17.14 -22.43 -0.12
C GLU D 234 18.42 -23.15 -0.51
N ASN D 235 18.28 -24.40 -0.97
CA ASN D 235 19.43 -25.20 -1.41
C ASN D 235 19.64 -25.22 -2.93
N GLY D 236 18.87 -24.40 -3.64
CA GLY D 236 18.99 -24.30 -5.10
C GLY D 236 18.26 -25.40 -5.86
N VAL D 237 17.32 -26.07 -5.18
CA VAL D 237 16.59 -27.19 -5.80
C VAL D 237 15.11 -26.86 -5.99
N GLY D 238 14.64 -27.00 -7.23
CA GLY D 238 13.22 -26.80 -7.53
C GLY D 238 12.41 -28.06 -7.28
N PRO D 239 11.07 -27.96 -7.40
CA PRO D 239 10.22 -29.16 -7.32
C PRO D 239 10.71 -30.23 -8.30
N LEU D 240 10.76 -31.47 -7.83
CA LEU D 240 11.21 -32.59 -8.68
C LEU D 240 10.00 -33.43 -9.08
N CYS D 241 9.86 -33.66 -10.37
CA CYS D 241 8.61 -34.23 -10.91
C CYS D 241 8.55 -35.74 -10.78
N LYS D 242 7.79 -36.21 -9.78
CA LYS D 242 7.69 -37.64 -9.52
C LYS D 242 6.96 -38.32 -10.67
N GLY D 243 7.60 -39.32 -11.26
CA GLY D 243 7.08 -40.00 -12.44
C GLY D 243 6.82 -39.06 -13.60
N GLU D 244 7.62 -38.00 -13.67
CA GLU D 244 7.55 -36.99 -14.73
C GLU D 244 6.22 -36.21 -14.77
N GLY D 245 5.53 -36.17 -13.64
CA GLY D 245 4.29 -35.41 -13.53
C GLY D 245 4.51 -34.04 -12.93
N LEU D 246 4.01 -33.01 -13.62
CA LEU D 246 4.09 -31.64 -13.14
C LEU D 246 2.69 -31.16 -12.78
N TYR D 247 2.54 -30.66 -11.55
CA TYR D 247 1.23 -30.24 -11.06
C TYR D 247 1.10 -28.74 -10.96
N LEU D 248 0.05 -28.22 -11.59
CA LEU D 248 -0.29 -26.80 -11.55
C LEU D 248 -1.62 -26.65 -10.84
N SER D 249 -1.69 -25.73 -9.89
CA SER D 249 -2.91 -25.49 -9.11
C SER D 249 -3.14 -24.00 -8.96
N CYS D 250 -4.40 -23.57 -9.03
CA CYS D 250 -4.69 -22.15 -8.79
C CYS D 250 -6.16 -21.86 -8.52
N VAL D 251 -6.40 -20.65 -8.01
CA VAL D 251 -7.72 -20.06 -7.93
C VAL D 251 -7.51 -18.55 -8.00
N ASP D 252 -8.37 -17.88 -8.77
CA ASP D 252 -8.24 -16.44 -8.98
C ASP D 252 -9.61 -15.79 -8.99
N ILE D 253 -10.11 -15.51 -7.79
CA ILE D 253 -11.40 -14.88 -7.58
C ILE D 253 -11.23 -13.36 -7.55
N MET D 254 -12.02 -12.67 -8.37
CA MET D 254 -11.91 -11.21 -8.51
C MET D 254 -12.94 -10.44 -7.67
N GLY D 255 -13.93 -11.17 -7.14
CA GLY D 255 -15.05 -10.57 -6.41
C GLY D 255 -16.38 -11.09 -6.89
N TRP D 256 -17.43 -10.29 -6.74
CA TRP D 256 -18.76 -10.64 -7.23
C TRP D 256 -19.35 -9.57 -8.13
N ARG D 257 -20.20 -9.98 -9.07
CA ARG D 257 -21.17 -9.05 -9.64
CA ARG D 257 -21.18 -9.06 -9.66
C ARG D 257 -22.47 -9.20 -8.87
N VAL D 258 -23.28 -8.15 -8.87
CA VAL D 258 -24.53 -8.12 -8.13
C VAL D 258 -25.65 -7.84 -9.11
N THR D 259 -26.68 -8.68 -9.10
CA THR D 259 -27.79 -8.51 -10.05
C THR D 259 -28.81 -7.48 -9.57
N ARG D 260 -29.79 -7.20 -10.43
CA ARG D 260 -30.88 -6.28 -10.11
C ARG D 260 -32.02 -6.95 -9.33
N ASN D 261 -31.86 -8.25 -9.04
CA ASN D 261 -32.89 -9.03 -8.37
C ASN D 261 -32.42 -9.47 -6.99
N TYR D 262 -32.90 -8.77 -5.96
CA TYR D 262 -32.58 -9.11 -4.58
C TYR D 262 -31.07 -9.15 -4.28
N ASP D 263 -30.30 -8.29 -4.96
CA ASP D 263 -28.84 -8.24 -4.76
C ASP D 263 -28.15 -9.62 -4.84
N VAL D 264 -28.62 -10.49 -5.72
CA VAL D 264 -27.98 -11.79 -5.88
C VAL D 264 -26.54 -11.60 -6.36
N HIS D 265 -25.60 -12.26 -5.68
CA HIS D 265 -24.18 -12.19 -6.04
C HIS D 265 -23.73 -13.42 -6.84
N HIS D 266 -22.88 -13.16 -7.84
CA HIS D 266 -22.19 -14.22 -8.58
C HIS D 266 -20.68 -13.98 -8.49
N TRP D 267 -19.94 -14.99 -8.03
CA TRP D 267 -18.48 -14.94 -8.04
C TRP D 267 -17.97 -14.78 -9.47
N ARG D 268 -16.90 -14.00 -9.63
CA ARG D 268 -16.17 -13.93 -10.92
C ARG D 268 -14.76 -14.47 -10.72
N GLY D 269 -14.35 -15.35 -11.63
CA GLY D 269 -12.97 -15.83 -11.67
C GLY D 269 -12.33 -15.56 -13.02
N LEU D 270 -11.00 -15.53 -13.04
CA LEU D 270 -10.26 -15.33 -14.28
C LEU D 270 -9.25 -16.46 -14.50
N PRO D 271 -8.93 -16.77 -15.76
CA PRO D 271 -7.97 -17.83 -16.06
C PRO D 271 -6.53 -17.43 -15.73
N ARG D 272 -5.69 -18.42 -15.45
CA ARG D 272 -4.28 -18.19 -15.16
C ARG D 272 -3.39 -18.94 -16.14
N TYR D 273 -2.42 -18.22 -16.69
CA TYR D 273 -1.39 -18.76 -17.56
C TYR D 273 -0.16 -19.16 -16.75
N PHE D 274 0.49 -20.24 -17.17
CA PHE D 274 1.74 -20.72 -16.59
C PHE D 274 2.71 -21.03 -17.72
N LYS D 275 3.94 -20.52 -17.64
CA LYS D 275 5.04 -21.01 -18.48
C LYS D 275 6.16 -21.44 -17.55
N ILE D 276 6.39 -22.75 -17.51
CA ILE D 276 7.31 -23.33 -16.54
C ILE D 276 8.59 -23.73 -17.26
N THR D 277 9.73 -23.29 -16.72
CA THR D 277 11.03 -23.73 -17.22
C THR D 277 11.49 -24.90 -16.36
N LEU D 278 11.83 -26.00 -17.02
CA LEU D 278 12.32 -27.20 -16.31
C LEU D 278 13.64 -27.66 -16.87
N ARG D 279 14.43 -28.30 -16.02
CA ARG D 279 15.73 -28.83 -16.42
C ARG D 279 15.88 -30.22 -15.86
N LYS D 280 16.69 -31.04 -16.52
CA LYS D 280 16.97 -32.38 -16.02
C LYS D 280 18.00 -32.32 -14.89
N ARG D 281 17.74 -33.08 -13.83
CA ARG D 281 18.61 -33.12 -12.66
C ARG D 281 19.01 -34.57 -12.37
N TRP D 282 20.31 -34.80 -12.16
CA TRP D 282 20.78 -36.11 -11.71
C TRP D 282 20.40 -36.33 -10.25
N VAL D 283 19.89 -37.51 -9.92
CA VAL D 283 19.50 -37.85 -8.55
C VAL D 283 19.93 -39.29 -8.23
N LYS D 284 20.04 -39.62 -6.96
CA LYS D 284 20.24 -41.02 -6.56
C LYS D 284 19.50 -41.39 -5.27
N GLY E 1 16.70 -13.42 -39.14
CA GLY E 1 17.38 -12.85 -37.94
C GLY E 1 17.07 -13.60 -36.66
N MET E 2 17.22 -14.93 -36.70
CA MET E 2 16.91 -15.80 -35.56
C MET E 2 18.04 -15.82 -34.53
N GLU E 3 19.26 -16.12 -34.98
CA GLU E 3 20.43 -16.14 -34.09
C GLU E 3 20.91 -14.73 -33.78
N VAL E 4 20.99 -14.40 -32.49
CA VAL E 4 21.37 -13.06 -32.03
C VAL E 4 22.87 -13.02 -31.72
N LEU E 5 23.58 -12.10 -32.37
CA LEU E 5 25.03 -12.02 -32.24
C LEU E 5 25.49 -10.79 -31.44
N ASP E 6 26.62 -10.19 -31.81
CA ASP E 6 27.16 -9.04 -31.08
C ASP E 6 26.42 -7.74 -31.36
N LEU E 7 26.58 -6.79 -30.46
CA LEU E 7 26.09 -5.43 -30.64
C LEU E 7 26.95 -4.74 -31.70
N VAL E 8 26.30 -4.00 -32.58
CA VAL E 8 26.97 -3.20 -33.60
C VAL E 8 27.53 -1.93 -32.96
N THR E 9 28.75 -1.55 -33.34
CA THR E 9 29.35 -0.29 -32.88
C THR E 9 29.61 0.66 -34.04
N GLY E 10 29.90 1.91 -33.72
CA GLY E 10 30.24 2.92 -34.71
C GLY E 10 29.20 4.01 -34.84
N PRO E 11 29.40 4.95 -35.81
CA PRO E 11 28.49 6.06 -36.01
C PRO E 11 27.05 5.60 -36.22
N ASP E 12 26.13 6.23 -35.51
CA ASP E 12 24.69 6.00 -35.61
C ASP E 12 24.24 4.59 -35.20
N SER E 13 25.05 3.89 -34.40
CA SER E 13 24.70 2.53 -33.96
C SER E 13 23.64 2.52 -32.85
N VAL E 14 23.43 3.66 -32.21
CA VAL E 14 22.39 3.84 -31.19
C VAL E 14 21.49 5.01 -31.57
N THR E 15 20.19 4.84 -31.36
CA THR E 15 19.23 5.91 -31.63
C THR E 15 18.18 6.00 -30.52
N GLU E 16 17.65 7.20 -30.32
CA GLU E 16 16.54 7.41 -29.40
C GLU E 16 15.37 7.93 -30.20
N ILE E 17 14.18 7.38 -29.98
CA ILE E 17 12.99 7.95 -30.59
C ILE E 17 11.90 8.21 -29.57
N GLU E 18 11.14 9.27 -29.78
CA GLU E 18 10.08 9.62 -28.86
C GLU E 18 8.75 9.75 -29.57
N ALA E 19 7.69 9.52 -28.81
CA ALA E 19 6.33 9.62 -29.32
C ALA E 19 5.37 9.76 -28.16
N PHE E 20 4.24 10.41 -28.45
CA PHE E 20 3.08 10.43 -27.56
CA PHE E 20 3.11 10.36 -27.54
C PHE E 20 1.96 9.64 -28.22
N LEU E 21 1.24 8.86 -27.44
N LEU E 21 1.22 8.88 -27.42
CA LEU E 21 0.01 8.26 -27.92
CA LEU E 21 0.01 8.24 -27.87
C LEU E 21 -1.16 8.84 -27.15
C LEU E 21 -1.15 8.89 -27.13
N ASN E 22 -2.07 9.49 -27.87
CA ASN E 22 -3.27 10.04 -27.26
C ASN E 22 -4.28 8.95 -26.92
N PRO E 23 -5.07 9.15 -25.85
CA PRO E 23 -6.02 8.11 -25.44
C PRO E 23 -7.13 7.94 -26.46
N ARG E 24 -7.76 6.77 -26.45
CA ARG E 24 -8.86 6.45 -27.36
C ARG E 24 -10.06 5.98 -26.54
N MET E 25 -10.71 6.93 -25.86
CA MET E 25 -11.76 6.60 -24.90
C MET E 25 -13.15 6.41 -25.51
N GLY E 26 -13.34 6.86 -26.74
CA GLY E 26 -14.60 6.61 -27.44
C GLY E 26 -14.96 7.73 -28.39
N GLN E 27 -14.83 8.98 -27.97
CA GLN E 27 -15.01 10.08 -28.91
C GLN E 27 -13.76 10.19 -29.79
N PRO E 28 -13.93 10.13 -31.12
CA PRO E 28 -12.76 10.26 -32.00
C PRO E 28 -12.17 11.67 -31.96
N PRO E 29 -10.95 11.86 -32.49
CA PRO E 29 -10.35 13.21 -32.53
C PRO E 29 -11.17 14.23 -33.31
N THR E 30 -11.87 13.80 -34.33
CA THR E 30 -12.74 14.69 -35.11
C THR E 30 -14.19 14.27 -34.91
N PRO E 31 -15.16 15.23 -35.00
CA PRO E 31 -14.97 16.65 -35.33
C PRO E 31 -14.25 17.41 -34.22
N GLU E 32 -13.46 18.42 -34.61
CA GLU E 32 -12.71 19.21 -33.63
C GLU E 32 -13.63 20.16 -32.84
N SER E 33 -14.77 20.50 -33.42
CA SER E 33 -15.73 21.44 -32.81
C SER E 33 -16.03 21.13 -31.35
N LEU E 34 -15.90 22.15 -30.51
CA LEU E 34 -16.20 22.00 -29.08
C LEU E 34 -17.70 22.06 -28.76
N THR E 35 -18.55 22.14 -29.78
CA THR E 35 -20.00 21.99 -29.58
C THR E 35 -20.57 20.75 -30.26
N GLU E 36 -19.91 20.27 -31.31
CA GLU E 36 -20.45 19.17 -32.13
C GLU E 36 -19.87 17.79 -31.76
N GLY E 37 -19.25 17.67 -30.59
CA GLY E 37 -18.72 16.39 -30.11
C GLY E 37 -17.27 16.43 -29.66
N GLY E 38 -16.50 17.37 -30.21
CA GLY E 38 -15.09 17.52 -29.88
C GLY E 38 -14.83 17.82 -28.40
N GLN E 39 -15.84 18.40 -27.73
CA GLN E 39 -15.75 18.63 -26.30
C GLN E 39 -15.59 17.32 -25.51
N TYR E 40 -15.88 16.19 -26.14
CA TYR E 40 -15.70 14.89 -25.48
C TYR E 40 -14.38 14.20 -25.81
N TYR E 41 -13.53 14.84 -26.61
CA TYR E 41 -12.24 14.23 -26.96
C TYR E 41 -11.33 14.11 -25.71
N GLY E 42 -10.82 12.89 -25.49
CA GLY E 42 -10.12 12.53 -24.26
C GLY E 42 -11.04 11.77 -23.31
N TRP E 43 -12.31 11.68 -23.70
CA TRP E 43 -13.36 11.04 -22.91
C TRP E 43 -14.17 10.09 -23.77
N SER E 44 -14.97 9.23 -23.13
CA SER E 44 -15.97 8.49 -23.88
C SER E 44 -17.22 9.35 -23.97
N ARG E 45 -18.14 8.96 -24.84
CA ARG E 45 -19.50 9.48 -24.76
C ARG E 45 -20.21 8.76 -23.60
N GLY E 46 -21.40 9.24 -23.25
CA GLY E 46 -22.12 8.73 -22.08
C GLY E 46 -22.38 7.24 -22.17
N ILE E 47 -21.93 6.51 -21.16
CA ILE E 47 -22.09 5.06 -21.12
C ILE E 47 -23.57 4.68 -21.12
N ASN E 48 -23.97 3.86 -22.11
CA ASN E 48 -25.34 3.39 -22.24
C ASN E 48 -25.46 1.96 -21.72
N LEU E 49 -26.52 1.69 -20.97
CA LEU E 49 -26.67 0.39 -20.30
C LEU E 49 -27.57 -0.58 -21.03
N ALA E 50 -27.30 -1.86 -20.83
CA ALA E 50 -28.19 -2.93 -21.30
C ALA E 50 -29.65 -2.66 -20.89
N THR E 51 -30.59 -3.07 -21.72
CA THR E 51 -32.02 -2.92 -21.43
C THR E 51 -32.64 -4.19 -20.83
N SER E 52 -31.91 -5.29 -20.89
CA SER E 52 -32.33 -6.55 -20.27
C SER E 52 -31.12 -7.47 -20.17
N ASP E 53 -31.31 -8.63 -19.56
CA ASP E 53 -30.26 -9.64 -19.44
C ASP E 53 -29.78 -10.15 -20.81
N THR E 54 -30.61 -9.97 -21.84
CA THR E 54 -30.28 -10.48 -23.19
C THR E 54 -30.10 -9.37 -24.24
N GLU E 55 -30.10 -8.11 -23.79
CA GLU E 55 -29.98 -6.97 -24.72
C GLU E 55 -28.95 -5.96 -24.24
N ASP E 56 -27.69 -6.25 -24.53
CA ASP E 56 -26.58 -5.40 -24.12
C ASP E 56 -25.87 -4.92 -25.39
N SER E 57 -26.20 -3.70 -25.81
CA SER E 57 -25.66 -3.14 -27.07
C SER E 57 -24.91 -1.82 -26.82
N PRO E 58 -23.64 -1.91 -26.39
CA PRO E 58 -22.90 -0.69 -26.09
C PRO E 58 -22.56 0.08 -27.36
N GLY E 59 -22.62 1.41 -27.30
CA GLY E 59 -22.20 2.25 -28.44
C GLY E 59 -20.69 2.19 -28.59
N ASN E 60 -20.21 2.21 -29.84
CA ASN E 60 -18.77 2.20 -30.09
C ASN E 60 -18.07 3.33 -29.34
N ASN E 61 -18.69 4.51 -29.35
CA ASN E 61 -18.07 5.69 -28.72
C ASN E 61 -18.16 5.69 -27.18
N THR E 62 -18.63 4.58 -26.60
CA THR E 62 -18.65 4.39 -25.15
C THR E 62 -17.59 3.40 -24.69
N LEU E 63 -16.87 2.81 -25.64
CA LEU E 63 -15.90 1.74 -25.35
C LEU E 63 -14.46 2.20 -25.56
N PRO E 64 -13.69 2.34 -24.48
CA PRO E 64 -12.26 2.66 -24.65
C PRO E 64 -11.55 1.55 -25.42
N THR E 65 -10.66 1.96 -26.32
CA THR E 65 -9.90 1.03 -27.16
C THR E 65 -8.40 1.23 -26.95
N TRP E 66 -7.61 0.25 -27.38
CA TRP E 66 -6.16 0.37 -27.36
C TRP E 66 -5.64 1.51 -28.23
N SER E 67 -4.68 2.27 -27.69
CA SER E 67 -3.88 3.16 -28.52
C SER E 67 -2.70 2.36 -29.07
N MET E 68 -2.35 2.61 -30.33
CA MET E 68 -1.11 2.05 -30.86
C MET E 68 -0.49 2.92 -31.93
N ALA E 69 0.82 2.78 -32.09
CA ALA E 69 1.52 3.43 -33.19
C ALA E 69 2.61 2.51 -33.65
N LYS E 70 2.83 2.48 -34.96
CA LYS E 70 3.99 1.82 -35.55
C LYS E 70 4.96 2.90 -36.00
N LEU E 71 6.16 2.88 -35.44
CA LEU E 71 7.18 3.88 -35.79
C LEU E 71 8.22 3.27 -36.70
N GLN E 72 8.55 3.98 -37.79
CA GLN E 72 9.56 3.49 -38.72
C GLN E 72 10.95 3.92 -38.26
N LEU E 73 11.87 2.96 -38.23
CA LEU E 73 13.21 3.22 -37.75
C LEU E 73 14.16 3.47 -38.91
N PRO E 74 15.37 3.99 -38.63
CA PRO E 74 16.34 4.21 -39.71
C PRO E 74 16.66 2.96 -40.53
N MET E 75 16.84 3.15 -41.83
CA MET E 75 17.15 2.08 -42.77
C MET E 75 18.42 1.33 -42.35
N LEU E 76 18.41 0.01 -42.51
N LEU E 76 18.38 0.01 -42.50
CA LEU E 76 19.54 -0.81 -42.10
CA LEU E 76 19.52 -0.86 -42.23
C LEU E 76 20.20 -1.55 -43.26
C LEU E 76 19.83 -1.73 -43.44
N ASN E 77 19.59 -2.64 -43.67
N ASN E 77 21.05 -2.24 -43.49
CA ASN E 77 20.18 -3.53 -44.67
CA ASN E 77 21.46 -3.14 -44.56
C ASN E 77 19.80 -3.14 -46.10
C ASN E 77 21.19 -2.57 -45.94
N ASP E 83 24.77 -12.82 -45.28
CA ASP E 83 24.54 -13.83 -44.25
C ASP E 83 24.23 -13.16 -42.90
N THR E 84 25.13 -12.28 -42.46
CA THR E 84 24.96 -11.58 -41.19
C THR E 84 24.37 -10.19 -41.43
N LEU E 85 23.15 -10.00 -40.95
CA LEU E 85 22.42 -8.74 -41.12
C LEU E 85 22.38 -7.97 -39.79
N GLN E 86 21.74 -6.80 -39.81
CA GLN E 86 21.52 -6.02 -38.59
C GLN E 86 20.03 -5.81 -38.36
N MET E 87 19.66 -5.72 -37.08
CA MET E 87 18.29 -5.37 -36.68
C MET E 87 18.37 -4.35 -35.56
N TRP E 88 17.35 -3.49 -35.49
CA TRP E 88 17.20 -2.59 -34.35
C TRP E 88 16.67 -3.35 -33.15
N GLU E 89 17.29 -3.10 -32.00
CA GLU E 89 16.94 -3.75 -30.74
C GLU E 89 16.53 -2.69 -29.74
N ALA E 90 15.31 -2.81 -29.20
CA ALA E 90 14.81 -1.87 -28.19
C ALA E 90 15.42 -2.25 -26.85
N VAL E 91 16.19 -1.33 -26.27
CA VAL E 91 16.97 -1.60 -25.06
C VAL E 91 16.20 -1.20 -23.81
N SER E 92 15.56 -0.04 -23.86
CA SER E 92 14.88 0.52 -22.70
C SER E 92 13.88 1.57 -23.14
N VAL E 93 12.98 1.91 -22.22
CA VAL E 93 11.99 2.93 -22.48
C VAL E 93 11.75 3.77 -21.23
N LYS E 94 11.69 5.08 -21.42
CA LYS E 94 11.17 5.96 -20.38
C LYS E 94 9.77 6.32 -20.81
N THR E 95 8.80 5.98 -19.97
CA THR E 95 7.40 6.22 -20.29
C THR E 95 6.71 6.93 -19.14
N GLU E 96 5.74 7.77 -19.49
CA GLU E 96 5.06 8.61 -18.51
CA GLU E 96 5.07 8.62 -18.51
C GLU E 96 3.65 8.92 -18.96
N VAL E 97 2.71 8.89 -18.03
CA VAL E 97 1.33 9.28 -18.29
C VAL E 97 1.22 10.75 -17.90
N VAL E 98 0.80 11.59 -18.84
CA VAL E 98 0.83 13.05 -18.66
C VAL E 98 -0.57 13.61 -18.38
N GLY E 99 -0.66 14.52 -17.42
CA GLY E 99 -1.88 15.30 -17.23
C GLY E 99 -2.73 15.00 -16.01
N SER E 100 -2.22 14.19 -15.08
CA SER E 100 -3.01 13.90 -13.87
C SER E 100 -3.42 15.16 -13.12
N GLY E 101 -2.57 16.19 -13.16
CA GLY E 101 -2.89 17.48 -12.56
C GLY E 101 -4.21 18.05 -13.03
N SER E 102 -4.61 17.73 -14.26
CA SER E 102 -5.87 18.25 -14.82
C SER E 102 -7.09 17.72 -14.06
N LEU E 103 -6.92 16.60 -13.36
CA LEU E 103 -8.00 16.05 -12.53
C LEU E 103 -8.29 16.90 -11.29
N LEU E 104 -7.41 17.87 -11.01
CA LEU E 104 -7.61 18.82 -9.92
C LEU E 104 -8.64 19.90 -10.26
N ASP E 105 -9.16 19.87 -11.49
CA ASP E 105 -10.31 20.72 -11.85
C ASP E 105 -11.57 20.17 -11.18
N VAL E 106 -11.98 20.79 -10.08
CA VAL E 106 -13.22 20.44 -9.39
C VAL E 106 -14.18 21.64 -9.39
N HIS E 107 -14.04 22.47 -10.43
CA HIS E 107 -14.85 23.68 -10.55
C HIS E 107 -15.87 23.62 -11.70
N GLY E 108 -15.96 22.46 -12.36
CA GLY E 108 -16.86 22.26 -13.48
C GLY E 108 -18.30 21.97 -13.11
N PHE E 109 -19.02 21.34 -14.05
CA PHE E 109 -20.46 21.14 -13.94
C PHE E 109 -20.80 19.66 -13.74
N ASN E 110 -19.86 18.89 -13.19
CA ASN E 110 -20.15 17.49 -12.86
C ASN E 110 -21.16 17.39 -11.72
N LYS E 111 -21.64 16.18 -11.45
CA LYS E 111 -22.43 15.94 -10.24
C LYS E 111 -21.70 16.56 -9.04
N PRO E 112 -22.39 17.44 -8.28
CA PRO E 112 -21.70 18.12 -7.19
C PRO E 112 -21.65 17.27 -5.93
N THR E 113 -20.74 17.62 -5.03
CA THR E 113 -20.60 16.84 -3.80
C THR E 113 -21.76 17.03 -2.82
N ASP E 114 -22.43 18.19 -2.89
CA ASP E 114 -23.67 18.42 -2.16
C ASP E 114 -24.82 18.44 -3.17
N THR E 115 -25.48 17.30 -3.35
CA THR E 115 -26.56 17.19 -4.34
C THR E 115 -27.87 17.76 -3.84
N VAL E 116 -28.04 17.84 -2.52
CA VAL E 116 -29.24 18.46 -1.95
C VAL E 116 -29.34 19.92 -2.40
N ASN E 117 -28.27 20.68 -2.20
CA ASN E 117 -28.27 22.12 -2.45
C ASN E 117 -27.60 22.55 -3.75
N THR E 118 -27.00 21.58 -4.44
CA THR E 118 -26.22 21.82 -5.67
C THR E 118 -25.05 22.74 -5.31
N LYS E 119 -24.21 22.25 -4.41
CA LYS E 119 -23.11 23.02 -3.83
C LYS E 119 -21.92 22.09 -3.63
N GLY E 120 -20.87 22.62 -3.00
CA GLY E 120 -19.65 21.85 -2.76
C GLY E 120 -18.66 22.00 -3.90
N ILE E 121 -18.17 20.88 -4.40
CA ILE E 121 -17.32 20.89 -5.57
C ILE E 121 -17.86 19.98 -6.68
N SER E 122 -17.37 20.19 -7.89
CA SER E 122 -17.66 19.31 -9.00
C SER E 122 -16.90 18.02 -8.77
N THR E 123 -17.61 16.90 -8.63
CA THR E 123 -16.95 15.64 -8.24
C THR E 123 -15.85 15.31 -9.24
N PRO E 124 -14.60 15.09 -8.75
CA PRO E 124 -13.53 14.77 -9.69
C PRO E 124 -13.65 13.35 -10.25
N VAL E 125 -12.87 13.08 -11.29
CA VAL E 125 -12.82 11.75 -11.90
C VAL E 125 -12.47 10.70 -10.84
N GLU E 126 -13.22 9.59 -10.81
CA GLU E 126 -13.02 8.53 -9.81
C GLU E 126 -13.38 7.19 -10.45
N GLY E 127 -12.97 6.11 -9.79
CA GLY E 127 -13.47 4.79 -10.16
C GLY E 127 -12.41 3.88 -10.74
N SER E 128 -12.82 3.05 -11.69
CA SER E 128 -11.98 2.00 -12.25
C SER E 128 -10.86 2.57 -13.11
N GLN E 129 -9.66 2.03 -12.94
CA GLN E 129 -8.46 2.55 -13.58
C GLN E 129 -7.70 1.40 -14.24
N TYR E 130 -7.11 1.67 -15.39
CA TYR E 130 -6.47 0.62 -16.16
C TYR E 130 -5.30 1.24 -16.89
N HIS E 131 -4.11 0.73 -16.63
CA HIS E 131 -2.88 1.27 -17.22
C HIS E 131 -2.08 0.11 -17.79
N VAL E 132 -1.90 0.13 -19.10
CA VAL E 132 -1.06 -0.87 -19.74
C VAL E 132 -0.19 -0.17 -20.77
N PHE E 133 1.08 -0.54 -20.85
CA PHE E 133 1.88 -0.14 -22.00
C PHE E 133 2.71 -1.31 -22.50
N ALA E 134 3.07 -1.23 -23.78
CA ALA E 134 3.88 -2.26 -24.41
C ALA E 134 4.82 -1.65 -25.44
N VAL E 135 5.99 -2.27 -25.57
CA VAL E 135 6.97 -1.93 -26.60
C VAL E 135 7.43 -3.25 -27.23
N GLY E 136 7.33 -3.34 -28.55
CA GLY E 136 7.75 -4.56 -29.24
C GLY E 136 8.17 -4.37 -30.68
N GLY E 137 8.71 -5.44 -31.27
CA GLY E 137 9.20 -5.42 -32.65
C GLY E 137 8.19 -5.92 -33.66
N GLU E 138 6.96 -6.14 -33.20
CA GLU E 138 5.82 -6.56 -34.01
C GLU E 138 4.55 -6.21 -33.22
N PRO E 139 3.36 -6.32 -33.85
CA PRO E 139 2.15 -5.94 -33.11
C PRO E 139 1.97 -6.72 -31.81
N LEU E 140 1.42 -6.05 -30.80
CA LEU E 140 1.05 -6.72 -29.56
C LEU E 140 0.05 -7.85 -29.87
N ASP E 141 0.39 -9.06 -29.41
CA ASP E 141 -0.53 -10.20 -29.52
C ASP E 141 -1.64 -10.08 -28.48
N LEU E 142 -2.89 -10.26 -28.94
CA LEU E 142 -4.06 -10.08 -28.09
C LEU E 142 -4.82 -11.39 -27.89
N GLN E 143 -5.34 -11.57 -26.67
CA GLN E 143 -6.20 -12.69 -26.32
C GLN E 143 -7.54 -12.10 -25.91
N GLY E 144 -8.62 -12.56 -26.55
CA GLY E 144 -9.97 -12.09 -26.22
C GLY E 144 -10.52 -12.77 -24.96
N LEU E 145 -11.23 -11.98 -24.15
CA LEU E 145 -11.95 -12.50 -22.98
C LEU E 145 -12.93 -11.42 -22.58
N VAL E 146 -14.21 -11.79 -22.47
CA VAL E 146 -15.26 -10.82 -22.20
C VAL E 146 -16.03 -11.12 -20.91
N THR E 147 -16.69 -10.10 -20.39
CA THR E 147 -17.66 -10.29 -19.30
C THR E 147 -18.83 -11.17 -19.76
N ASP E 148 -19.35 -10.90 -20.95
CA ASP E 148 -20.58 -11.54 -21.42
C ASP E 148 -20.47 -11.85 -22.92
N ALA E 149 -20.45 -13.14 -23.26
CA ALA E 149 -20.42 -13.58 -24.66
C ALA E 149 -21.69 -13.21 -25.42
N ARG E 150 -22.72 -12.77 -24.70
CA ARG E 150 -23.97 -12.34 -25.34
C ARG E 150 -23.96 -10.85 -25.72
N THR E 151 -22.94 -10.12 -25.31
CA THR E 151 -22.87 -8.68 -25.59
C THR E 151 -22.91 -8.46 -27.10
N LYS E 152 -23.77 -7.54 -27.53
CA LYS E 152 -23.99 -7.29 -28.95
C LYS E 152 -23.16 -6.09 -29.39
N TYR E 153 -21.88 -6.32 -29.61
CA TYR E 153 -21.00 -5.28 -30.12
C TYR E 153 -21.39 -4.95 -31.55
N LYS E 154 -21.22 -3.70 -31.95
CA LYS E 154 -21.40 -3.31 -33.34
C LYS E 154 -20.44 -4.09 -34.23
N GLU E 155 -20.87 -4.38 -35.45
CA GLU E 155 -20.02 -5.07 -36.41
C GLU E 155 -19.05 -4.10 -37.08
N GLU E 156 -19.53 -2.88 -37.36
CA GLU E 156 -18.69 -1.87 -38.00
C GLU E 156 -18.15 -0.89 -36.95
N GLY E 157 -16.88 -0.51 -37.12
CA GLY E 157 -16.29 0.54 -36.29
C GLY E 157 -15.47 0.08 -35.10
N VAL E 158 -15.56 -1.21 -34.77
CA VAL E 158 -14.74 -1.82 -33.72
C VAL E 158 -14.31 -3.21 -34.17
N VAL E 159 -13.13 -3.64 -33.73
CA VAL E 159 -12.69 -5.00 -33.98
C VAL E 159 -12.95 -5.81 -32.72
N THR E 160 -13.82 -6.81 -32.84
CA THR E 160 -14.20 -7.64 -31.69
C THR E 160 -14.00 -9.11 -32.05
N ILE E 161 -14.33 -10.02 -31.13
CA ILE E 161 -14.07 -11.45 -31.39
C ILE E 161 -14.75 -11.94 -32.68
N LYS E 162 -16.01 -11.56 -32.89
CA LYS E 162 -16.74 -11.94 -34.09
C LYS E 162 -16.07 -11.45 -35.39
N THR E 163 -15.45 -10.27 -35.34
CA THR E 163 -14.67 -9.75 -36.49
C THR E 163 -13.62 -10.76 -36.94
N ILE E 164 -12.97 -11.40 -35.96
CA ILE E 164 -11.88 -12.36 -36.22
C ILE E 164 -12.42 -13.73 -36.63
N THR E 165 -13.33 -14.28 -35.84
CA THR E 165 -13.81 -15.65 -36.04
C THR E 165 -14.88 -15.79 -37.12
N LYS E 166 -15.53 -14.67 -37.44
CA LYS E 166 -16.68 -14.63 -38.35
C LYS E 166 -17.92 -15.36 -37.79
N LYS E 167 -17.89 -15.60 -36.48
CA LYS E 167 -18.98 -16.28 -35.79
C LYS E 167 -19.25 -15.58 -34.46
N ASP E 168 -20.46 -15.73 -33.95
CA ASP E 168 -20.81 -15.19 -32.63
C ASP E 168 -19.89 -15.75 -31.56
N MET E 169 -19.67 -14.95 -30.51
CA MET E 169 -18.93 -15.43 -29.34
C MET E 169 -19.57 -16.67 -28.74
N VAL E 170 -18.74 -17.48 -28.09
CA VAL E 170 -19.19 -18.71 -27.42
C VAL E 170 -18.97 -18.55 -25.92
N ASN E 171 -19.55 -19.45 -25.11
CA ASN E 171 -19.44 -19.26 -23.66
C ASN E 171 -17.99 -19.32 -23.14
N LYS E 172 -17.14 -20.07 -23.85
CA LYS E 172 -15.71 -20.12 -23.52
C LYS E 172 -14.99 -18.75 -23.64
N ASP E 173 -15.58 -17.81 -24.38
CA ASP E 173 -15.01 -16.46 -24.48
C ASP E 173 -15.14 -15.64 -23.18
N GLN E 174 -15.86 -16.16 -22.20
CA GLN E 174 -15.94 -15.54 -20.87
C GLN E 174 -14.80 -16.02 -19.97
N VAL E 175 -14.09 -17.05 -20.45
CA VAL E 175 -12.85 -17.49 -19.83
C VAL E 175 -11.76 -17.45 -20.91
N LEU E 176 -10.77 -18.34 -20.86
CA LEU E 176 -9.75 -18.36 -21.91
C LEU E 176 -10.08 -19.34 -23.04
N ASN E 177 -10.38 -18.78 -24.21
CA ASN E 177 -10.61 -19.54 -25.42
C ASN E 177 -9.48 -19.21 -26.42
N PRO E 178 -8.54 -20.16 -26.63
CA PRO E 178 -7.37 -19.86 -27.48
CA PRO E 178 -7.37 -19.85 -27.47
C PRO E 178 -7.72 -19.55 -28.94
N ILE E 179 -8.95 -19.86 -29.35
CA ILE E 179 -9.40 -19.49 -30.70
C ILE E 179 -9.52 -17.97 -30.87
N SER E 180 -9.87 -17.28 -29.78
CA SER E 180 -10.17 -15.85 -29.85
C SER E 180 -8.92 -14.98 -29.66
N LYS E 181 -8.12 -14.92 -30.73
CA LYS E 181 -6.86 -14.17 -30.71
CA LYS E 181 -6.86 -14.19 -30.72
C LYS E 181 -6.83 -13.16 -31.84
N ALA E 182 -6.09 -12.08 -31.63
CA ALA E 182 -5.91 -11.05 -32.65
C ALA E 182 -4.56 -10.35 -32.44
N LYS E 183 -4.23 -9.41 -33.33
CA LYS E 183 -3.03 -8.60 -33.18
C LYS E 183 -3.44 -7.13 -33.15
N LEU E 184 -2.78 -6.36 -32.30
CA LEU E 184 -3.09 -4.94 -32.17
C LEU E 184 -2.46 -4.16 -33.32
N ASP E 185 -3.17 -4.11 -34.44
CA ASP E 185 -2.59 -3.59 -35.68
C ASP E 185 -3.24 -2.27 -36.12
N LYS E 186 -4.19 -1.77 -35.32
CA LYS E 186 -4.89 -0.52 -35.62
C LYS E 186 -5.14 0.25 -34.33
N ASP E 187 -4.94 1.56 -34.39
CA ASP E 187 -5.21 2.46 -33.26
C ASP E 187 -6.71 2.71 -33.11
N GLY E 188 -7.18 2.80 -31.88
CA GLY E 188 -8.57 3.19 -31.60
C GLY E 188 -9.65 2.24 -32.12
N MET E 189 -9.35 0.95 -32.17
CA MET E 189 -10.26 -0.04 -32.77
C MET E 189 -10.55 -1.28 -31.92
N TYR E 190 -9.60 -1.65 -31.06
CA TYR E 190 -9.69 -2.87 -30.25
C TYR E 190 -10.12 -2.54 -28.81
N PRO E 191 -11.39 -2.85 -28.45
CA PRO E 191 -11.84 -2.49 -27.08
C PRO E 191 -11.06 -3.19 -25.98
N VAL E 192 -10.70 -2.43 -24.94
CA VAL E 192 -9.90 -2.96 -23.84
C VAL E 192 -10.70 -3.89 -22.92
N GLU E 193 -12.03 -3.84 -22.99
CA GLU E 193 -12.86 -4.78 -22.24
C GLU E 193 -12.96 -6.15 -22.93
N ILE E 194 -12.41 -6.24 -24.15
CA ILE E 194 -12.38 -7.49 -24.92
C ILE E 194 -10.98 -8.08 -25.07
N TRP E 195 -10.00 -7.21 -25.36
CA TRP E 195 -8.69 -7.67 -25.84
C TRP E 195 -7.58 -7.41 -24.85
N HIS E 196 -6.88 -8.49 -24.46
CA HIS E 196 -5.88 -8.46 -23.41
C HIS E 196 -4.54 -8.92 -23.96
N PRO E 197 -3.43 -8.46 -23.37
CA PRO E 197 -2.15 -8.98 -23.84
C PRO E 197 -2.12 -10.51 -23.73
N ASP E 198 -1.66 -11.18 -24.78
CA ASP E 198 -1.64 -12.64 -24.81
C ASP E 198 -0.33 -13.15 -24.22
N PRO E 199 -0.37 -13.74 -23.00
CA PRO E 199 0.87 -14.22 -22.38
C PRO E 199 1.47 -15.46 -23.07
N ALA E 200 0.67 -16.14 -23.90
CA ALA E 200 1.16 -17.31 -24.62
C ALA E 200 1.95 -16.94 -25.88
N LYS E 201 1.93 -15.66 -26.24
CA LYS E 201 2.72 -15.20 -27.38
C LYS E 201 3.61 -14.04 -26.93
N ASN E 202 3.67 -12.95 -27.69
CA ASN E 202 4.44 -11.77 -27.29
C ASN E 202 5.89 -12.04 -26.89
N GLU E 203 6.54 -12.96 -27.61
CA GLU E 203 7.95 -13.27 -27.37
C GLU E 203 8.86 -12.08 -27.74
N ASN E 204 8.35 -11.19 -28.58
CA ASN E 204 9.13 -10.07 -29.09
C ASN E 204 8.55 -8.72 -28.66
N THR E 205 7.80 -8.74 -27.56
CA THR E 205 7.18 -7.53 -26.98
C THR E 205 7.25 -7.63 -25.47
N ARG E 206 7.47 -6.51 -24.79
CA ARG E 206 7.33 -6.47 -23.32
C ARG E 206 6.11 -5.63 -23.01
N TYR E 207 5.23 -6.14 -22.15
CA TYR E 207 4.06 -5.38 -21.71
C TYR E 207 3.94 -5.37 -20.20
N PHE E 208 3.30 -4.32 -19.68
CA PHE E 208 3.22 -4.07 -18.24
C PHE E 208 1.85 -3.47 -17.99
N GLY E 209 1.05 -4.10 -17.14
CA GLY E 209 -0.32 -3.62 -16.91
C GLY E 209 -0.75 -3.67 -15.46
N ASN E 210 -1.71 -2.81 -15.11
CA ASN E 210 -2.40 -2.94 -13.83
C ASN E 210 -3.84 -2.46 -13.91
N TYR E 211 -4.65 -2.99 -13.01
CA TYR E 211 -6.07 -2.71 -12.96
C TYR E 211 -6.44 -2.42 -11.51
N THR E 212 -7.23 -1.37 -11.30
CA THR E 212 -7.85 -1.11 -10.00
C THR E 212 -9.33 -0.83 -10.26
N GLY E 213 -10.22 -1.55 -9.60
CA GLY E 213 -11.66 -1.41 -9.90
C GLY E 213 -12.43 -0.45 -9.02
N GLY E 214 -13.72 -0.72 -8.86
CA GLY E 214 -14.60 0.11 -8.04
C GLY E 214 -15.30 1.22 -8.79
N THR E 215 -16.13 1.97 -8.06
CA THR E 215 -16.93 3.04 -8.65
C THR E 215 -16.48 4.43 -8.25
N THR E 216 -16.07 4.61 -7.00
CA THR E 216 -15.67 5.93 -6.50
C THR E 216 -14.20 5.96 -6.06
N THR E 217 -13.46 4.92 -6.46
CA THR E 217 -12.07 4.74 -6.06
C THR E 217 -11.23 5.97 -6.42
N PRO E 218 -10.43 6.50 -5.47
CA PRO E 218 -9.55 7.61 -5.82
CA PRO E 218 -9.56 7.62 -5.82
C PRO E 218 -8.50 7.20 -6.85
N PRO E 219 -8.39 7.96 -7.97
CA PRO E 219 -7.32 7.61 -8.91
C PRO E 219 -5.95 7.95 -8.34
N VAL E 220 -4.96 7.13 -8.68
CA VAL E 220 -3.58 7.29 -8.21
CA VAL E 220 -3.59 7.37 -8.24
CA VAL E 220 -3.58 7.34 -8.23
C VAL E 220 -2.65 7.28 -9.43
N LEU E 221 -1.66 8.17 -9.45
CA LEU E 221 -0.69 8.16 -10.53
C LEU E 221 0.61 8.77 -10.07
N GLN E 222 1.71 8.18 -10.51
CA GLN E 222 3.03 8.77 -10.27
CA GLN E 222 3.02 8.78 -10.28
C GLN E 222 3.63 9.15 -11.63
N PHE E 223 4.51 10.15 -11.62
CA PHE E 223 5.19 10.56 -12.85
C PHE E 223 6.55 11.15 -12.51
N THR E 224 7.56 10.78 -13.30
CA THR E 224 8.90 11.31 -13.12
C THR E 224 9.64 11.10 -14.43
N ASN E 225 10.62 11.95 -14.72
CA ASN E 225 11.46 11.74 -15.89
C ASN E 225 12.76 11.00 -15.57
N THR E 226 12.78 10.34 -14.41
CA THR E 226 14.00 9.69 -13.90
C THR E 226 13.93 8.16 -13.89
N LEU E 227 12.81 7.61 -14.34
CA LEU E 227 12.58 6.16 -14.31
CA LEU E 227 12.58 6.16 -14.31
C LEU E 227 12.71 5.53 -15.69
N THR E 228 13.59 4.54 -15.78
CA THR E 228 13.84 3.83 -17.03
C THR E 228 13.36 2.38 -16.87
N THR E 229 12.58 1.91 -17.84
CA THR E 229 12.14 0.51 -17.89
C THR E 229 13.05 -0.23 -18.85
N VAL E 230 13.82 -1.20 -18.34
CA VAL E 230 14.69 -2.00 -19.18
C VAL E 230 13.83 -3.00 -19.94
N LEU E 231 14.15 -3.22 -21.21
CA LEU E 231 13.35 -4.09 -22.09
C LEU E 231 14.07 -5.37 -22.45
N LEU E 232 15.31 -5.51 -21.99
CA LEU E 232 16.10 -6.71 -22.24
C LEU E 232 15.51 -7.90 -21.51
N ASP E 233 15.57 -9.06 -22.14
CA ASP E 233 15.09 -10.31 -21.51
C ASP E 233 16.18 -10.90 -20.63
N GLU E 234 15.95 -12.11 -20.12
CA GLU E 234 16.91 -12.80 -19.25
C GLU E 234 18.27 -13.02 -19.93
N ASN E 235 18.27 -13.11 -21.25
CA ASN E 235 19.50 -13.32 -22.02
C ASN E 235 20.17 -12.02 -22.50
N GLY E 236 19.62 -10.89 -22.06
CA GLY E 236 20.15 -9.57 -22.41
C GLY E 236 19.72 -9.07 -23.78
N VAL E 237 18.62 -9.62 -24.29
CA VAL E 237 18.15 -9.26 -25.64
C VAL E 237 16.81 -8.55 -25.55
N GLY E 238 16.74 -7.37 -26.16
CA GLY E 238 15.50 -6.60 -26.21
C GLY E 238 14.65 -6.98 -27.41
N PRO E 239 13.42 -6.43 -27.51
CA PRO E 239 12.61 -6.65 -28.71
C PRO E 239 13.37 -6.31 -29.99
N LEU E 240 13.29 -7.17 -30.99
CA LEU E 240 13.99 -6.98 -32.26
C LEU E 240 13.00 -6.54 -33.33
N CYS E 241 13.29 -5.42 -33.98
CA CYS E 241 12.29 -4.75 -34.81
C CYS E 241 12.26 -5.28 -36.22
N LYS E 242 11.25 -6.10 -36.50
CA LYS E 242 11.07 -6.70 -37.81
C LYS E 242 10.69 -5.64 -38.84
N GLY E 243 11.42 -5.64 -39.96
CA GLY E 243 11.24 -4.63 -41.01
C GLY E 243 11.42 -3.20 -40.54
N GLU E 244 12.29 -3.03 -39.54
CA GLU E 244 12.56 -1.72 -38.91
C GLU E 244 11.31 -1.00 -38.41
N GLY E 245 10.33 -1.78 -37.94
CA GLY E 245 9.12 -1.22 -37.36
C GLY E 245 9.12 -1.40 -35.85
N LEU E 246 8.85 -0.31 -35.13
CA LEU E 246 8.72 -0.35 -33.66
C LEU E 246 7.27 -0.11 -33.25
N TYR E 247 6.72 -1.03 -32.46
CA TYR E 247 5.31 -0.95 -32.06
C TYR E 247 5.15 -0.48 -30.62
N LEU E 248 4.36 0.57 -30.45
CA LEU E 248 4.01 1.09 -29.12
C LEU E 248 2.51 0.93 -28.92
N SER E 249 2.13 0.44 -27.74
CA SER E 249 0.73 0.16 -27.42
C SER E 249 0.45 0.62 -26.00
N CYS E 250 -0.73 1.18 -25.77
CA CYS E 250 -1.10 1.55 -24.41
C CYS E 250 -2.58 1.85 -24.22
N VAL E 251 -2.96 1.92 -22.96
CA VAL E 251 -4.28 2.42 -22.56
C VAL E 251 -4.11 2.95 -21.14
N ASP E 252 -4.67 4.12 -20.87
CA ASP E 252 -4.53 4.76 -19.57
C ASP E 252 -5.82 5.41 -19.14
N ILE E 253 -6.67 4.59 -18.52
CA ILE E 253 -7.97 5.00 -18.02
C ILE E 253 -7.85 5.44 -16.56
N MET E 254 -8.33 6.66 -16.28
CA MET E 254 -8.24 7.26 -14.95
C MET E 254 -9.51 7.09 -14.11
N GLY E 255 -10.61 6.71 -14.76
CA GLY E 255 -11.92 6.58 -14.12
C GLY E 255 -13.01 7.22 -14.95
N TRP E 256 -14.06 7.70 -14.28
CA TRP E 256 -15.15 8.40 -14.95
C TRP E 256 -15.44 9.73 -14.30
N ARG E 257 -15.93 10.69 -15.10
CA ARG E 257 -16.69 11.81 -14.55
CA ARG E 257 -16.68 11.81 -14.53
C ARG E 257 -18.17 11.46 -14.61
N VAL E 258 -18.97 12.08 -13.75
CA VAL E 258 -20.39 11.78 -13.64
C VAL E 258 -21.14 13.09 -13.81
N THR E 259 -22.12 13.10 -14.70
CA THR E 259 -22.89 14.33 -14.97
C THR E 259 -24.01 14.54 -13.96
N ARG E 260 -24.67 15.69 -14.07
CA ARG E 260 -25.80 16.03 -13.23
C ARG E 260 -27.13 15.47 -13.73
N ASN E 261 -27.11 14.73 -14.83
CA ASN E 261 -28.31 14.16 -15.44
CA ASN E 261 -28.32 14.15 -15.38
C ASN E 261 -28.24 12.64 -15.41
N TYR E 262 -29.05 12.00 -14.57
CA TYR E 262 -29.11 10.53 -14.50
C TYR E 262 -27.74 9.87 -14.30
N ASP E 263 -26.84 10.54 -13.58
CA ASP E 263 -25.52 10.00 -13.27
C ASP E 263 -24.80 9.45 -14.51
N VAL E 264 -24.93 10.11 -15.66
CA VAL E 264 -24.25 9.63 -16.87
C VAL E 264 -22.73 9.65 -16.65
N HIS E 265 -22.08 8.51 -16.91
CA HIS E 265 -20.63 8.41 -16.75
C HIS E 265 -19.90 8.56 -18.07
N HIS E 266 -18.77 9.26 -18.04
CA HIS E 266 -17.88 9.36 -19.18
C HIS E 266 -16.49 8.89 -18.74
N TRP E 267 -15.92 7.90 -19.43
CA TRP E 267 -14.54 7.50 -19.19
C TRP E 267 -13.59 8.66 -19.43
N ARG E 268 -12.52 8.73 -18.63
CA ARG E 268 -11.43 9.69 -18.85
C ARG E 268 -10.13 8.92 -19.10
N GLY E 269 -9.44 9.26 -20.17
CA GLY E 269 -8.12 8.71 -20.47
C GLY E 269 -7.08 9.82 -20.56
N LEU E 270 -5.82 9.46 -20.36
CA LEU E 270 -4.73 10.44 -20.49
C LEU E 270 -3.67 9.93 -21.47
N PRO E 271 -2.93 10.87 -22.11
CA PRO E 271 -1.90 10.46 -23.07
C PRO E 271 -0.66 9.90 -22.41
N ARG E 272 0.07 9.08 -23.15
CA ARG E 272 1.29 8.47 -22.64
C ARG E 272 2.46 8.81 -23.56
N TYR E 273 3.55 9.24 -22.93
CA TYR E 273 4.82 9.55 -23.60
C TYR E 273 5.71 8.32 -23.57
N PHE E 274 6.44 8.11 -24.66
CA PHE E 274 7.47 7.06 -24.78
C PHE E 274 8.77 7.66 -25.29
N LYS E 275 9.89 7.38 -24.62
CA LYS E 275 11.20 7.62 -25.18
C LYS E 275 11.97 6.30 -25.17
N ILE E 276 12.18 5.76 -26.37
CA ILE E 276 12.77 4.42 -26.52
C ILE E 276 14.22 4.53 -26.98
N THR E 277 15.12 3.84 -26.30
CA THR E 277 16.51 3.75 -26.72
C THR E 277 16.70 2.45 -27.48
N LEU E 278 17.25 2.55 -28.69
CA LEU E 278 17.51 1.38 -29.51
C LEU E 278 18.96 1.31 -29.95
N ARG E 279 19.43 0.09 -30.19
CA ARG E 279 20.78 -0.15 -30.64
C ARG E 279 20.76 -1.17 -31.77
N LYS E 280 21.72 -1.11 -32.67
CA LYS E 280 21.78 -2.08 -33.75
C LYS E 280 22.41 -3.36 -33.23
N ARG E 281 21.85 -4.49 -33.67
CA ARG E 281 22.31 -5.80 -33.26
C ARG E 281 22.61 -6.65 -34.49
N TRP E 282 23.77 -7.30 -34.51
CA TRP E 282 24.12 -8.26 -35.56
C TRP E 282 23.26 -9.51 -35.38
N VAL E 283 22.73 -10.04 -36.48
CA VAL E 283 21.87 -11.24 -36.46
C VAL E 283 22.15 -12.11 -37.67
N LYS E 284 21.81 -13.39 -37.59
CA LYS E 284 21.84 -14.27 -38.76
C LYS E 284 20.75 -15.34 -38.72
C1 GAL F . -19.71 43.38 -4.42
C2 GAL F . -18.34 42.82 -4.02
C3 GAL F . -17.47 42.64 -5.26
C4 GAL F . -18.21 41.77 -6.28
C5 GAL F . -19.50 42.53 -6.65
C6 GAL F . -20.26 41.87 -7.79
O1 GAL F . -20.57 43.32 -3.29
O2 GAL F . -17.70 43.67 -3.10
O3 GAL F . -16.19 42.12 -4.94
O4 GAL F . -18.58 40.51 -5.75
O5 GAL F . -20.31 42.65 -5.48
O6 GAL F . -21.07 40.82 -7.29
C1 NGA F . -17.61 39.49 -6.03
C2 NGA F . -17.81 38.33 -5.04
C3 NGA F . -16.85 37.17 -5.34
C4 NGA F . -16.87 36.81 -6.83
C5 NGA F . -16.65 38.06 -7.68
C6 NGA F . -16.66 37.73 -9.18
C7 NGA F . -18.63 39.00 -2.82
C8 NGA F . -18.23 39.47 -1.45
N2 NGA F . -17.62 38.78 -3.67
O3 NGA F . -17.24 36.05 -4.55
O4 NGA F . -18.12 36.19 -7.19
O5 NGA F . -17.67 39.01 -7.38
O6 NGA F . -15.81 38.67 -9.86
O7 NGA F . -19.81 38.85 -3.11
C1 GAL F . -16.10 35.45 -3.92
C2 GAL F . -16.60 34.65 -2.72
C3 GAL F . -15.48 33.85 -2.05
C4 GAL F . -14.74 33.02 -3.11
C5 GAL F . -14.29 33.91 -4.26
C6 GAL F . -13.60 33.12 -5.35
O2 GAL F . -17.20 35.53 -1.78
O3 GAL F . -16.01 32.99 -1.06
O4 GAL F . -15.62 32.00 -3.57
O5 GAL F . -15.40 34.61 -4.83
O6 GAL F . -13.11 33.99 -6.36
C1 SIA F . -13.92 33.49 0.22
C2 SIA F . -15.38 33.10 0.24
C3 SIA F . -15.55 31.71 0.86
C4 SIA F . -15.24 31.74 2.36
C5 SIA F . -16.06 32.82 3.08
C6 SIA F . -15.88 34.17 2.39
C7 SIA F . -16.77 35.26 3.01
C8 SIA F . -16.34 36.68 2.62
C9 SIA F . -16.97 37.19 1.33
C10 SIA F . -16.48 32.80 5.50
C11 SIA F . -15.85 32.90 6.86
N5 SIA F . -15.64 32.88 4.47
O1A SIA F . -13.06 32.61 0.00
O1B SIA F . -13.63 34.69 0.43
O4 SIA F . -15.47 30.45 2.95
O6 SIA F . -16.16 34.05 0.98
O7 SIA F . -18.14 35.03 2.69
O8 SIA F . -16.72 37.56 3.69
O9 SIA F . -16.13 38.24 0.81
O10 SIA F . -17.69 32.65 5.37
C1 SIA F . -14.73 36.93 4.95
C2 SIA F . -15.62 38.07 4.48
C3 SIA F . -16.27 38.78 5.67
C4 SIA F . -15.31 39.72 6.42
C5 SIA F . -14.56 40.64 5.45
C6 SIA F . -13.87 39.79 4.37
C7 SIA F . -13.10 40.59 3.33
C8 SIA F . -12.57 39.69 2.21
C9 SIA F . -11.48 40.38 1.40
C10 SIA F . -13.82 42.73 6.48
C11 SIA F . -12.72 43.44 7.20
N5 SIA F . -13.58 41.45 6.15
O1A SIA F . -15.08 36.22 5.92
O1B SIA F . -13.65 36.71 4.32
O4 SIA F . -16.05 40.49 7.37
O6 SIA F . -14.86 38.99 3.69
O7 SIA F . -13.95 41.60 2.76
O8 SIA F . -12.05 38.47 2.77
O9 SIA F . -11.21 39.63 0.21
O10 SIA F . -14.89 43.27 6.21
C1 GAL G . -18.08 26.12 36.27
C2 GAL G . -17.31 24.80 36.43
C3 GAL G . -15.84 24.95 36.07
C4 GAL G . -15.68 25.66 34.72
C5 GAL G . -16.42 27.00 34.81
C6 GAL G . -16.22 27.86 33.56
O1 GAL G . -19.46 25.88 36.37
O2 GAL G . -17.43 24.36 37.76
O3 GAL G . -15.21 23.68 36.03
O4 GAL G . -16.24 24.87 33.68
O5 GAL G . -17.80 26.73 35.01
O6 GAL G . -17.04 29.01 33.63
C1 NGA G . -15.25 24.43 32.74
C2 NGA G . -15.79 23.20 32.00
C3 NGA G . -14.85 22.75 30.89
C4 NGA G . -14.35 23.92 30.04
C5 NGA G . -13.81 25.04 30.93
C6 NGA G . -13.33 26.23 30.11
C7 NGA G . -17.31 21.77 33.31
C8 NGA G . -17.38 20.65 34.29
N2 NGA G . -16.07 22.13 32.94
O3 NGA G . -15.53 21.79 30.05
O4 NGA G . -15.43 24.41 29.23
O5 NGA G . -14.85 25.45 31.83
O6 NGA G . -12.94 27.29 30.99
O7 NGA G . -18.31 22.34 32.90
C1 GAL G . -14.66 20.69 29.74
C2 GAL G . -15.51 19.50 29.31
C3 GAL G . -14.64 18.33 28.87
C4 GAL G . -13.58 18.80 27.85
C5 GAL G . -12.81 20.00 28.40
C6 GAL G . -11.79 20.54 27.40
O2 GAL G . -16.36 19.11 30.37
O3 GAL G . -15.42 17.30 28.30
O4 GAL G . -14.23 19.17 26.65
O5 GAL G . -13.72 21.03 28.73
O6 GAL G . -10.97 21.53 27.97
C1 SIA G . -13.90 15.78 29.55
C2 SIA G . -15.28 16.04 28.99
C3 SIA G . -15.62 15.03 27.88
C4 SIA G . -15.79 13.62 28.43
C5 SIA G . -16.83 13.59 29.55
C6 SIA G . -16.49 14.65 30.61
C7 SIA G . -17.57 14.77 31.70
C8 SIA G . -17.07 15.49 32.96
C9 SIA G . -17.24 17.01 32.94
C10 SIA G . -18.01 11.55 30.19
C11 SIA G . -17.91 10.19 30.83
N5 SIA G . -16.88 12.26 30.15
O1A SIA G . -13.74 15.94 30.78
O1B SIA G . -12.98 15.43 28.78
O4 SIA G . -16.16 12.73 27.35
O6 SIA G . -16.29 15.95 30.01
O7 SIA G . -18.73 15.43 31.17
O8 SIA G . -17.78 14.96 34.09
O9 SIA G . -16.23 17.61 33.75
O10 SIA G . -19.07 11.96 29.74
C1 SIA G . -16.26 13.06 34.18
C2 SIA G . -16.97 14.15 34.97
C3 SIA G . -17.97 13.53 35.96
C4 SIA G . -17.31 12.88 37.17
C5 SIA G . -16.32 13.82 37.84
C6 SIA G . -15.33 14.33 36.78
C7 SIA G . -14.24 15.27 37.31
C8 SIA G . -13.33 15.76 36.19
C9 SIA G . -12.13 16.54 36.73
C10 SIA G . -15.92 13.44 40.22
C11 SIA G . -15.18 12.63 41.23
N5 SIA G . -15.67 13.14 38.94
O1A SIA G . -16.90 12.05 33.86
O1B SIA G . -15.06 13.23 33.87
O4 SIA G . -18.31 12.46 38.11
O6 SIA G . -16.03 14.97 35.70
O7 SIA G . -14.83 16.38 37.99
O8 SIA G . -12.85 14.64 35.42
O9 SIA G . -11.35 17.06 35.64
O10 SIA G . -16.70 14.33 40.55
C1 GAL H . -29.72 -17.36 33.57
C2 GAL H . -29.12 -18.16 32.39
C3 GAL H . -27.63 -18.44 32.60
C4 GAL H . -26.88 -17.16 32.97
C5 GAL H . -27.55 -16.59 34.23
C6 GAL H . -26.79 -15.41 34.83
O1 GAL H . -31.00 -16.90 33.21
O2 GAL H . -29.82 -19.37 32.24
O3 GAL H . -27.07 -19.03 31.45
O4 GAL H . -26.98 -16.23 31.91
O5 GAL H . -28.90 -16.24 33.90
O6 GAL H . -27.68 -14.45 35.35
C1 NGA H . -25.69 -15.91 31.34
C2 NGA H . -25.91 -15.48 29.88
C3 NGA H . -24.64 -14.90 29.25
C4 NGA H . -23.92 -13.91 30.17
C5 NGA H . -23.74 -14.54 31.56
C6 NGA H . -23.03 -13.60 32.53
C7 NGA H . -27.70 -16.75 28.78
C8 NGA H . -28.02 -17.97 27.97
N2 NGA H . -26.41 -16.60 29.11
O3 NGA H . -25.00 -14.25 28.01
O4 NGA H . -24.67 -12.69 30.27
O5 NGA H . -25.03 -14.88 32.09
O6 NGA H . -22.91 -14.25 33.80
O7 NGA H . -28.57 -15.95 29.10
C1 GAL H . -24.07 -14.61 26.97
C2 GAL H . -24.70 -14.35 25.59
C3 GAL H . -23.70 -14.67 24.48
C4 GAL H . -22.37 -13.95 24.74
C5 GAL H . -21.86 -14.24 26.16
C6 GAL H . -20.61 -13.43 26.48
O2 GAL H . -25.87 -15.12 25.44
O3 GAL H . -24.19 -14.27 23.21
O4 GAL H . -22.56 -12.56 24.57
O5 GAL H . -22.86 -13.89 27.10
O6 GAL H . -20.02 -13.93 27.65
C1 SIA H . -23.14 -16.36 22.38
C2 SIA H . -24.24 -15.34 22.24
C3 SIA H . -24.16 -14.60 20.89
C4 SIA H . -24.52 -15.53 19.72
C5 SIA H . -25.88 -16.19 19.93
C6 SIA H . -25.93 -16.86 21.32
C7 SIA H . -27.31 -17.46 21.64
C8 SIA H . -27.25 -18.51 22.76
C9 SIA H . -27.42 -17.93 24.16
C10 SIA H . -27.19 -17.15 18.11
C11 SIA H . -27.29 -18.24 17.08
N5 SIA H . -26.11 -17.18 18.88
O1A SIA H . -23.40 -17.45 22.94
O1B SIA H . -22.00 -16.06 21.96
O4 SIA H . -24.49 -14.78 18.50
O6 SIA H . -25.55 -15.94 22.35
O7 SIA H . -28.23 -16.40 21.95
O8 SIA H . -28.28 -19.48 22.53
O9 SIA H . -26.75 -18.78 25.09
O10 SIA H . -28.08 -16.30 18.21
C1 SIA H . -26.85 -20.69 20.97
C2 SIA H . -27.80 -20.80 22.16
C3 SIA H . -29.08 -21.56 21.78
C4 SIA H . -28.87 -23.08 21.69
C5 SIA H . -28.15 -23.61 22.92
C6 SIA H . -26.85 -22.84 23.14
C7 SIA H . -26.04 -23.29 24.34
C8 SIA H . -24.81 -22.40 24.58
C9 SIA H . -23.82 -23.04 25.54
C10 SIA H . -28.69 -25.95 23.41
C11 SIA H . -28.34 -27.39 23.17
N5 SIA H . -27.93 -25.05 22.78
O1A SIA H . -27.34 -20.56 19.83
O1B SIA H . -25.62 -20.73 21.17
O4 SIA H . -30.12 -23.73 21.51
O6 SIA H . -27.15 -21.44 23.28
O7 SIA H . -26.87 -23.29 25.52
O8 SIA H . -24.15 -22.10 23.33
O9 SIA H . -22.83 -22.08 25.95
O10 SIA H . -29.61 -25.64 24.16
C1 GAL I . -38.44 -26.94 -9.71
C2 GAL I . -37.40 -26.40 -10.71
C3 GAL I . -36.05 -27.11 -10.57
C4 GAL I . -35.63 -27.14 -9.11
C5 GAL I . -36.72 -27.90 -8.36
C6 GAL I . -36.34 -28.27 -6.93
O1 GAL I . -39.52 -26.02 -9.62
O2 GAL I . -37.88 -26.56 -12.02
O3 GAL I . -35.07 -26.49 -11.37
O4 GAL I . -35.54 -25.82 -8.59
O5 GAL I . -37.91 -27.13 -8.40
O6 GAL I . -36.92 -27.38 -6.00
C1 NGA I . -34.19 -25.48 -8.20
C2 NGA I . -34.02 -23.96 -8.22
C3 NGA I . -32.61 -23.57 -7.78
C4 NGA I . -32.23 -24.26 -6.46
C5 NGA I . -32.50 -25.76 -6.51
C6 NGA I . -32.23 -26.45 -5.18
C7 NGA I . -35.39 -22.71 -9.82
C8 NGA I . -35.52 -22.23 -11.24
N2 NGA I . -34.30 -23.42 -9.54
O3 NGA I . -32.50 -22.15 -7.63
O4 NGA I . -32.95 -23.65 -5.38
O5 NGA I . -33.87 -25.98 -6.89
O6 NGA I . -32.48 -27.85 -5.32
O7 NGA I . -36.25 -22.46 -8.99
C1 GAL I . -31.28 -21.70 -8.23
C2 GAL I . -31.43 -20.21 -8.55
C3 GAL I . -30.12 -19.64 -9.09
C4 GAL I . -28.97 -19.98 -8.16
C5 GAL I . -28.92 -21.50 -7.90
C6 GAL I . -27.81 -21.86 -6.92
O2 GAL I . -32.46 -20.02 -9.50
O3 GAL I . -30.23 -18.22 -9.22
O4 GAL I . -29.13 -19.27 -6.94
O5 GAL I . -30.16 -21.93 -7.37
O6 GAL I . -27.63 -23.26 -6.83
C1 SIA I . -28.84 -18.53 -11.29
C2 SIA I . -29.87 -17.72 -10.53
C3 SIA I . -29.35 -16.30 -10.29
C4 SIA I . -29.27 -15.51 -11.60
C5 SIA I . -30.60 -15.54 -12.35
C6 SIA I . -31.07 -16.98 -12.52
C7 SIA I . -32.44 -17.07 -13.20
C8 SIA I . -32.74 -18.47 -13.76
C9 SIA I . -33.34 -19.42 -12.74
C10 SIA I . -31.22 -13.85 -13.99
C11 SIA I . -30.98 -13.26 -15.36
N5 SIA I . -30.46 -14.88 -13.65
O1A SIA I . -29.26 -19.31 -12.18
O1B SIA I . -27.63 -18.39 -11.00
O4 SIA I . -28.85 -14.17 -11.32
O6 SIA I . -31.12 -17.65 -11.25
O7 SIA I . -33.48 -16.62 -12.33
O8 SIA I . -33.67 -18.30 -14.84
O9 SIA I . -33.22 -20.77 -13.22
O10 SIA I . -32.07 -13.38 -13.25
C1 SIA I . -31.80 -17.75 -16.33
C2 SIA I . -33.09 -18.56 -16.14
C3 SIA I . -34.14 -18.10 -17.17
C4 SIA I . -33.84 -18.61 -18.58
C5 SIA I . -33.59 -20.12 -18.58
C6 SIA I . -32.44 -20.41 -17.61
C7 SIA I . -32.02 -21.88 -17.52
C8 SIA I . -30.97 -22.09 -16.42
C9 SIA I . -30.28 -23.43 -16.58
C10 SIA I . -34.18 -21.24 -20.68
C11 SIA I . -33.70 -21.64 -22.05
N5 SIA I . -33.29 -20.58 -19.93
O1A SIA I . -30.69 -18.32 -16.17
O1B SIA I . -31.89 -16.53 -16.61
O4 SIA I . -34.94 -18.28 -19.44
O6 SIA I . -32.83 -19.97 -16.29
O7 SIA I . -33.17 -22.70 -17.24
O8 SIA I . -29.99 -21.04 -16.46
O9 SIA I . -29.59 -23.79 -15.38
O10 SIA I . -35.31 -21.51 -20.30
C1 GAL J . -33.19 10.55 -33.38
C2 GAL J . -32.06 11.47 -32.92
C3 GAL J . -30.68 10.97 -33.37
C4 GAL J . -30.50 9.48 -33.07
C5 GAL J . -31.66 8.76 -33.76
C6 GAL J . -31.53 7.25 -33.76
O1 GAL J . -34.39 10.87 -32.70
O2 GAL J . -32.29 12.78 -33.39
O3 GAL J . -29.66 11.73 -32.75
O4 GAL J . -30.53 9.26 -31.67
O5 GAL J . -32.89 9.18 -33.16
O6 GAL J . -32.33 6.67 -32.74
C1 NGA J . -29.29 8.70 -31.18
C2 NGA J . -29.03 9.22 -29.76
C3 NGA J . -27.79 8.56 -29.14
C4 NGA J . -27.79 7.03 -29.34
C5 NGA J . -28.07 6.67 -30.80
C6 NGA J . -28.14 5.16 -30.99
C7 NGA J . -29.84 11.51 -29.39
C8 NGA J . -29.49 12.97 -29.46
N2 NGA J . -28.87 10.67 -29.77
O3 NGA J . -27.75 8.87 -27.74
O4 NGA J . -28.77 6.45 -28.48
O5 NGA J . -29.31 7.27 -31.20
O6 NGA J . -28.25 4.86 -32.38
O7 NGA J . -30.94 11.14 -29.01
C1 GAL J . -26.41 9.18 -27.33
C2 GAL J . -26.47 10.04 -26.07
C3 GAL J . -25.07 10.29 -25.50
C4 GAL J . -24.28 8.98 -25.40
C5 GAL J . -24.30 8.21 -26.72
C6 GAL J . -23.64 6.84 -26.60
O2 GAL J . -27.12 11.27 -26.39
O3 GAL J . -25.14 10.89 -24.21
O4 GAL J . -24.84 8.20 -24.36
O5 GAL J . -25.64 8.00 -27.11
O6 GAL J . -23.40 6.28 -27.89
C1 SIA J . -23.23 12.24 -24.98
C2 SIA J . -24.44 12.16 -24.10
C3 SIA J . -24.07 12.28 -22.63
C4 SIA J . -23.58 13.69 -22.29
C5 SIA J . -24.59 14.76 -22.72
C6 SIA J . -24.97 14.56 -24.19
C7 SIA J . -26.08 15.52 -24.64
C8 SIA J . -26.13 15.65 -26.17
C9 SIA J . -27.05 14.63 -26.84
C10 SIA J . -24.68 17.01 -21.76
C11 SIA J . -23.99 18.33 -21.60
N5 SIA J . -24.04 16.09 -22.47
O1A SIA J . -23.35 12.85 -26.08
O1B SIA J . -22.14 11.73 -24.60
O4 SIA J . -23.29 13.79 -20.89
O6 SIA J . -25.38 13.20 -24.45
O7 SIA J . -27.34 15.13 -24.10
O8 SIA J . -26.60 16.96 -26.49
O9 SIA J . -26.67 14.48 -28.22
O10 SIA J . -25.79 16.80 -21.26
C1 SIA J . -24.33 17.86 -26.25
C2 SIA J . -25.60 17.83 -27.09
C3 SIA J . -26.27 19.21 -27.09
C4 SIA J . -25.55 20.24 -27.98
C5 SIA J . -25.27 19.66 -29.38
C6 SIA J . -24.54 18.32 -29.23
C7 SIA J . -24.22 17.62 -30.56
C8 SIA J . -23.57 16.25 -30.30
C9 SIA J . -22.96 15.67 -31.57
C10 SIA J . -25.05 21.41 -31.09
C11 SIA J . -24.09 22.33 -31.79
N5 SIA J . -24.51 20.63 -30.16
O1A SIA J . -23.34 17.19 -26.62
O1B SIA J . -24.32 18.53 -25.19
O4 SIA J . -26.36 21.41 -28.07
O6 SIA J . -25.33 17.42 -28.43
O7 SIA J . -25.42 17.44 -31.33
O8 SIA J . -22.55 16.33 -29.28
O9 SIA J . -22.52 14.34 -31.31
O10 SIA J . -26.23 21.38 -31.38
S SO4 K . 7.23 34.37 0.56
O1 SO4 K . 6.40 33.18 0.31
O2 SO4 K . 6.37 35.57 0.46
O3 SO4 K . 8.30 34.42 -0.45
O4 SO4 K . 7.82 34.29 1.91
C1 GOL L . -13.23 32.42 -23.21
O1 GOL L . -13.05 33.61 -23.97
C2 GOL L . -13.15 31.20 -24.14
O2 GOL L . -14.45 30.93 -24.67
C1 GOL M . 23.24 17.89 -18.40
O1 GOL M . 22.33 18.93 -18.71
C2 GOL M . 22.55 16.78 -17.62
O2 GOL M . 21.64 17.34 -16.66
C3 GOL M . 21.77 15.89 -18.57
O3 GOL M . 21.09 14.88 -17.79
C1 GOL N . -2.07 45.13 4.98
O1 GOL N . -3.08 44.22 5.46
C2 GOL N . -1.48 44.58 3.69
O2 GOL N . -0.24 43.91 3.96
C3 GOL N . -1.25 45.69 2.68
O3 GOL N . -0.89 45.09 1.43
C1 GOL O . -25.28 24.97 -21.65
O1 GOL O . -25.50 26.19 -22.36
C2 GOL O . -26.51 24.09 -21.78
O2 GOL O . -26.08 22.74 -21.98
S SO4 P . 14.32 25.30 -25.16
O1 SO4 P . 13.71 24.73 -26.38
O2 SO4 P . 13.58 24.82 -23.97
O3 SO4 P . 15.74 24.89 -25.07
O4 SO4 P . 14.24 26.78 -25.22
C1 GOL Q . 18.06 10.61 -15.93
O1 GOL Q . 17.55 10.93 -14.63
C2 GOL Q . 18.17 9.10 -16.13
O2 GOL Q . 16.91 8.51 -15.83
C3 GOL Q . 18.52 8.76 -17.58
O3 GOL Q . 19.67 9.49 -18.02
C1 GOL R . -10.37 36.07 -8.50
O1 GOL R . -8.99 35.95 -8.21
C2 GOL R . -10.47 36.85 -9.79
O2 GOL R . -10.20 35.96 -10.88
C1 GOL S . 22.17 12.36 7.10
O1 GOL S . 21.13 11.64 7.78
C2 GOL S . 22.13 12.09 5.60
O2 GOL S . 20.78 12.25 5.17
C3 GOL S . 23.00 13.08 4.82
O3 GOL S . 24.21 13.39 5.51
S SO4 T . 6.05 9.34 33.23
O1 SO4 T . 6.21 7.88 33.41
O2 SO4 T . 5.25 9.62 32.03
O3 SO4 T . 7.39 9.97 33.08
O4 SO4 T . 5.36 9.92 34.40
C1 GOL U . 27.70 15.96 13.72
O1 GOL U . 26.80 16.81 14.45
C2 GOL U . 26.91 14.98 12.85
O2 GOL U . 25.83 14.42 13.60
C3 GOL U . 26.36 15.70 11.63
O3 GOL U . 25.56 14.79 10.86
S SO4 V . 21.24 27.25 17.30
O1 SO4 V . 20.36 26.07 17.21
O2 SO4 V . 20.66 28.24 18.23
O3 SO4 V . 22.58 26.84 17.79
O4 SO4 V . 21.38 27.86 15.95
S SO4 W . -4.47 32.48 29.59
O1 SO4 W . -3.39 31.52 29.93
O2 SO4 W . -5.77 31.89 29.98
O3 SO4 W . -4.24 33.74 30.31
O4 SO4 W . -4.47 32.76 28.13
C1 GOL X . -7.90 23.31 29.73
O1 GOL X . -6.63 22.66 29.73
C2 GOL X . -7.67 24.79 30.00
O2 GOL X . -7.13 25.41 28.82
C1 GOL Y . 20.16 -7.14 17.00
O1 GOL Y . 20.36 -7.10 18.41
C2 GOL Y . 18.67 -7.21 16.69
O2 GOL Y . 18.25 -5.96 16.13
C3 GOL Y . 18.35 -8.32 15.70
O3 GOL Y . 17.22 -9.07 16.16
S SO4 Z . -5.04 -27.88 20.17
O1 SO4 Z . -4.09 -28.24 19.08
O2 SO4 Z . -6.12 -28.88 20.22
O3 SO4 Z . -4.31 -27.86 21.45
O4 SO4 Z . -5.63 -26.55 19.91
C1 GOL AA . 21.32 -14.84 23.04
O1 GOL AA . 20.23 -14.89 23.97
C2 GOL AA . 20.86 -14.20 21.74
O2 GOL AA . 19.56 -14.69 21.38
C3 GOL AA . 20.79 -12.69 21.91
O3 GOL AA . 20.26 -12.12 20.70
C1 GOL BA . -17.62 -15.46 31.87
O1 GOL BA . -16.65 -14.43 32.13
C2 GOL BA . -17.77 -15.65 30.36
O2 GOL BA . -16.58 -16.30 29.89
S SO4 CA . 13.83 -12.22 33.84
O1 SO4 CA . 12.93 -12.24 32.66
O2 SO4 CA . 13.09 -12.62 35.05
O3 SO4 CA . 14.95 -13.17 33.61
O4 SO4 CA . 14.37 -10.86 34.02
S SO4 DA . -14.53 -13.58 39.35
O1 SO4 DA . -14.47 -13.98 40.77
O2 SO4 DA . -15.92 -13.73 38.85
O3 SO4 DA . -13.64 -14.47 38.56
O4 SO4 DA . -14.11 -12.17 39.20
C1 GOL EA . -16.63 -32.56 24.84
O1 GOL EA . -15.68 -32.45 25.91
C2 GOL EA . -17.96 -33.03 25.41
O2 GOL EA . -18.48 -32.03 26.30
C3 GOL EA . -18.94 -33.28 24.28
O3 GOL EA . -19.54 -32.06 23.85
C1 GOL FA . 13.57 -22.58 1.60
O1 GOL FA . 13.86 -23.98 1.44
C2 GOL FA . 12.19 -22.25 1.02
O2 GOL FA . 11.62 -21.17 1.75
C3 GOL FA . 12.28 -21.88 -0.45
O3 GOL FA . 11.14 -22.41 -1.15
C1 GOL GA . -26.43 -26.95 -7.30
O1 GOL GA . -25.16 -27.04 -7.93
C2 GOL GA . -26.68 -28.27 -6.61
O2 GOL GA . -26.02 -28.29 -5.35
C1 GOL HA . 12.78 -29.77 -2.12
O1 GOL HA . 12.59 -28.37 -1.98
C2 GOL HA . 12.99 -30.09 -3.59
O2 GOL HA . 11.88 -29.56 -4.35
C3 GOL HA . 13.07 -31.60 -3.78
O3 GOL HA . 11.76 -32.17 -3.80
S SO4 IA . -11.17 -25.93 -20.43
O1 SO4 IA . -10.21 -27.00 -20.05
O2 SO4 IA . -12.48 -26.51 -20.79
O3 SO4 IA . -11.35 -25.05 -19.26
O4 SO4 IA . -10.62 -25.16 -21.56
S SO4 JA . 2.38 -38.27 1.11
O1 SO4 JA . 1.42 -39.31 0.71
O2 SO4 JA . 2.63 -38.36 2.57
O3 SO4 JA . 3.65 -38.49 0.39
O4 SO4 JA . 1.85 -36.93 0.79
S SO4 KA . -26.41 -35.13 -1.75
O1 SO4 KA . -27.07 -36.44 -1.58
O2 SO4 KA . -27.38 -34.19 -2.36
O3 SO4 KA . -25.98 -34.62 -0.43
O4 SO4 KA . -25.26 -35.26 -2.66
C1 GOL LA . -23.86 -28.09 -25.60
O1 GOL LA . -23.01 -28.28 -24.46
C2 GOL LA . -25.30 -27.92 -25.11
O2 GOL LA . -25.59 -26.52 -25.01
C1 GOL MA . 12.99 -13.18 -19.27
O1 GOL MA . 13.10 -13.82 -20.55
C2 GOL MA . 11.84 -12.20 -19.30
O2 GOL MA . 11.15 -12.23 -18.04
C3 GOL MA . 12.33 -10.78 -19.49
O3 GOL MA . 11.28 -10.02 -20.13
S SO4 NA . -3.42 12.35 -32.63
O1 SO4 NA . -3.79 11.77 -31.33
O2 SO4 NA . -4.64 12.45 -33.47
O3 SO4 NA . -2.84 13.69 -32.46
O4 SO4 NA . -2.43 11.46 -33.27
C1 GOL OA . 13.51 -12.19 -27.22
O1 GOL OA . 13.33 -11.65 -25.89
C2 GOL OA . 14.08 -11.09 -28.10
O2 GOL OA . 13.21 -9.95 -28.02
C3 GOL OA . 14.18 -11.59 -29.53
O3 GOL OA . 12.95 -11.35 -30.22
C1 GOL PA . -21.95 5.07 -31.49
O1 GOL PA . -20.53 5.10 -31.53
C2 GOL PA . -22.43 4.03 -32.48
O2 GOL PA . -22.13 2.71 -31.97
S SO4 QA . 2.35 -15.11 -35.42
O1 SO4 QA . 1.02 -15.34 -36.03
O2 SO4 QA . 2.88 -16.39 -34.90
O3 SO4 QA . 3.27 -14.56 -36.44
O4 SO4 QA . 2.21 -14.14 -34.31
S SO4 RA . -23.54 -2.58 -37.16
O1 SO4 RA . -23.60 -3.73 -36.22
O2 SO4 RA . -23.93 -3.03 -38.51
O3 SO4 RA . -22.17 -2.04 -37.23
O4 SO4 RA . -24.46 -1.52 -36.71
#